data_7QSW
#
_entry.id   7QSW
#
_cell.length_a   131.873
_cell.length_b   131.873
_cell.length_c   305.463
_cell.angle_alpha   90.000
_cell.angle_beta   90.000
_cell.angle_gamma   90.000
#
_symmetry.space_group_name_H-M   'P 43 21 2'
#
loop_
_entity.id
_entity.type
_entity.pdbx_description
1 polymer 'RubisCO large subunit'
2 polymer 'RubisCO small subunit'
3 non-polymer 2-CARBOXYARABINITOL-1,5-DIPHOSPHATE
4 non-polymer 'MAGNESIUM ION'
5 water water
#
loop_
_entity_poly.entity_id
_entity_poly.type
_entity_poly.pdbx_seq_one_letter_code
_entity_poly.pdbx_strand_id
1 'polypeptide(L)'
;MSTNNMSKAAYEAGVKEYRQTYYDPDYTPKDTDILAAFRITPQPGVPPEEAAAAVAAESSTGTWTTVWSDLLTDLDRYKA
RCYRIEPVPGNDNQYIAYIAYPLDLFEEGSIVNLMSSIVGNVFGFKAVRALRLEDMRIPVAYLKTFQGPPHGIQVERDRL
NKYGRPLLGCTIKPKLGLSAKNYGRVVYECLRGGLDFT(KCX)DDENINSQPFMRWRDRFLFVMEAVHKAEAETGERKGH
YLNVTAPTMEEMYKRAEFAKELGSRIIMVDFLTAGFTAFTSLSKWCRENGMLLHLHRAMHAVIDRQPNHGIHFRVLAKWL
RMVGGDHIHTGTVVGKLEGDRASTLGFVDLLRENYIPADPSRGIYFDQDWASMPGVFPVASGGIHVWHMPELVTIFGDDA
VLQFGGGTLGHPWGNAAGATANRVALEAVVQARNEGRDILAEGREILKEAARWSPELRAAMETWKDIKFEFETVDTLDVA
;
A,C,E,G
2 'polypeptide(L)'
;MHTETFSYLPPLTDEEIKKQVEYILKNGWIPGIEYTDEPGPHNSYWSFWKLPFFNAETAEEVMEELEACREANPDCYIKI
TGYDNIRQGQVLSFVAYRPHHHHHH
;
B,D,F,H
#
# COMPACT_ATOMS: atom_id res chain seq x y z
N ALA A 10 -44.21 39.07 -37.17
CA ALA A 10 -42.99 38.29 -37.37
C ALA A 10 -43.27 36.80 -37.39
N TYR A 11 -44.30 36.36 -36.67
CA TYR A 11 -44.66 34.95 -36.53
C TYR A 11 -46.05 34.91 -35.93
N GLU A 12 -46.56 33.70 -35.66
CA GLU A 12 -47.94 33.53 -35.22
C GLU A 12 -47.98 33.32 -33.70
N ALA A 13 -47.99 34.42 -32.96
CA ALA A 13 -48.01 34.34 -31.51
C ALA A 13 -49.38 33.89 -31.02
N GLY A 14 -49.40 33.32 -29.82
CA GLY A 14 -50.63 32.84 -29.20
C GLY A 14 -50.62 31.32 -29.03
N VAL A 15 -51.69 30.83 -28.41
CA VAL A 15 -51.81 29.44 -28.00
C VAL A 15 -52.42 28.61 -29.14
N LYS A 16 -51.76 27.51 -29.47
CA LYS A 16 -52.28 26.49 -30.36
C LYS A 16 -52.54 25.21 -29.56
N GLU A 17 -53.35 24.33 -30.11
CA GLU A 17 -53.47 22.99 -29.55
C GLU A 17 -52.17 22.23 -29.78
N TYR A 18 -51.76 21.46 -28.77
CA TYR A 18 -50.56 20.64 -28.91
C TYR A 18 -50.70 19.65 -30.07
N ARG A 19 -51.90 19.11 -30.29
CA ARG A 19 -52.05 18.08 -31.30
C ARG A 19 -51.76 18.59 -32.71
N GLN A 20 -51.83 19.90 -32.93
CA GLN A 20 -51.50 20.45 -34.24
C GLN A 20 -50.06 20.11 -34.64
N THR A 21 -49.17 19.97 -33.66
CA THR A 21 -47.74 19.78 -33.93
C THR A 21 -47.21 18.44 -33.46
N TYR A 22 -47.77 17.85 -32.40
CA TYR A 22 -47.14 16.72 -31.73
C TYR A 22 -47.93 15.41 -31.83
N TYR A 23 -49.03 15.39 -32.57
CA TYR A 23 -49.77 14.16 -32.85
C TYR A 23 -49.57 13.82 -34.33
N ASP A 24 -48.96 12.67 -34.59
CA ASP A 24 -48.64 12.25 -35.96
C ASP A 24 -48.92 10.76 -36.10
N PRO A 25 -50.18 10.38 -36.27
CA PRO A 25 -50.52 8.95 -36.34
C PRO A 25 -50.02 8.25 -37.59
N ASP A 26 -49.40 8.96 -38.53
CA ASP A 26 -48.78 8.37 -39.70
C ASP A 26 -47.27 8.19 -39.56
N TYR A 27 -46.70 8.53 -38.41
CA TYR A 27 -45.25 8.45 -38.21
C TYR A 27 -44.82 7.01 -37.99
N THR A 28 -43.73 6.63 -38.67
CA THR A 28 -43.14 5.31 -38.47
C THR A 28 -41.88 5.46 -37.65
N PRO A 29 -41.80 4.91 -36.44
CA PRO A 29 -40.60 5.10 -35.63
C PRO A 29 -39.34 4.60 -36.34
N LYS A 30 -38.24 5.32 -36.13
CA LYS A 30 -36.93 4.85 -36.55
C LYS A 30 -36.34 3.91 -35.50
N ASP A 31 -35.42 3.05 -35.95
CA ASP A 31 -34.77 2.12 -35.03
C ASP A 31 -33.91 2.85 -33.99
N THR A 32 -33.56 4.11 -34.23
CA THR A 32 -32.82 4.90 -33.25
C THR A 32 -33.71 5.69 -32.30
N ASP A 33 -35.02 5.77 -32.57
CA ASP A 33 -35.90 6.52 -31.70
C ASP A 33 -36.02 5.83 -30.33
N ILE A 34 -36.12 6.64 -29.28
CA ILE A 34 -36.58 6.16 -27.99
C ILE A 34 -38.10 6.16 -28.01
N LEU A 35 -38.72 5.04 -27.64
CA LEU A 35 -40.17 4.94 -27.62
C LEU A 35 -40.66 4.82 -26.18
N ALA A 36 -41.85 5.39 -25.94
CA ALA A 36 -42.50 5.32 -24.63
C ALA A 36 -43.96 4.94 -24.82
N ALA A 37 -44.44 4.04 -23.96
CA ALA A 37 -45.86 3.70 -23.88
C ALA A 37 -46.39 4.26 -22.57
N PHE A 38 -47.31 5.22 -22.67
CA PHE A 38 -47.93 5.89 -21.54
C PHE A 38 -49.39 5.48 -21.43
N ARG A 39 -49.83 5.14 -20.23
CA ARG A 39 -51.27 5.02 -19.93
C ARG A 39 -51.77 6.38 -19.49
N ILE A 40 -52.63 7.01 -20.29
CA ILE A 40 -53.06 8.39 -20.08
C ILE A 40 -54.53 8.40 -19.68
N THR A 41 -54.84 9.19 -18.64
CA THR A 41 -56.22 9.44 -18.22
C THR A 41 -56.50 10.93 -18.38
N PRO A 42 -57.08 11.36 -19.50
CA PRO A 42 -57.34 12.79 -19.69
C PRO A 42 -58.44 13.30 -18.78
N GLN A 43 -58.37 14.59 -18.47
CA GLN A 43 -59.52 15.25 -17.89
C GLN A 43 -60.72 15.09 -18.83
N PRO A 44 -61.93 15.06 -18.29
CA PRO A 44 -63.11 15.10 -19.16
C PRO A 44 -63.11 16.35 -20.00
N GLY A 45 -63.43 16.20 -21.28
CA GLY A 45 -63.42 17.32 -22.20
C GLY A 45 -62.12 17.52 -22.94
N VAL A 46 -61.04 16.87 -22.50
CA VAL A 46 -59.75 16.93 -23.20
C VAL A 46 -59.69 15.75 -24.15
N PRO A 47 -59.65 15.97 -25.48
CA PRO A 47 -59.53 14.87 -26.41
C PRO A 47 -58.28 14.03 -26.11
N PRO A 48 -58.38 12.70 -26.23
CA PRO A 48 -57.23 11.82 -26.01
C PRO A 48 -56.01 12.26 -26.84
N GLU A 49 -56.24 12.63 -28.10
CA GLU A 49 -55.15 13.06 -29.00
C GLU A 49 -54.47 14.33 -28.46
N GLU A 50 -55.24 15.21 -27.84
CA GLU A 50 -54.64 16.43 -27.29
C GLU A 50 -53.88 16.12 -26.01
N ALA A 51 -54.44 15.27 -25.15
CA ALA A 51 -53.74 14.87 -23.93
C ALA A 51 -52.40 14.21 -24.27
N ALA A 52 -52.41 13.30 -25.24
CA ALA A 52 -51.19 12.62 -25.64
C ALA A 52 -50.21 13.58 -26.30
N ALA A 53 -50.71 14.51 -27.11
CA ALA A 53 -49.83 15.50 -27.73
C ALA A 53 -49.22 16.43 -26.70
N ALA A 54 -49.95 16.75 -25.63
CA ALA A 54 -49.39 17.55 -24.56
C ALA A 54 -48.21 16.84 -23.92
N VAL A 55 -48.37 15.55 -23.65
CA VAL A 55 -47.28 14.78 -23.04
C VAL A 55 -46.07 14.76 -23.98
N ALA A 56 -46.31 14.51 -25.27
CA ALA A 56 -45.21 14.49 -26.23
C ALA A 56 -44.52 15.85 -26.29
N ALA A 57 -45.30 16.92 -26.36
CA ALA A 57 -44.75 18.26 -26.46
C ALA A 57 -43.93 18.64 -25.23
N GLU A 58 -44.51 18.48 -24.06
CA GLU A 58 -43.86 18.99 -22.85
C GLU A 58 -42.80 18.03 -22.31
N SER A 59 -42.58 16.90 -22.96
CA SER A 59 -41.44 16.04 -22.67
C SER A 59 -40.40 16.11 -23.78
N SER A 60 -40.54 17.04 -24.74
CA SER A 60 -39.56 17.15 -25.81
C SER A 60 -39.20 18.61 -26.09
N THR A 61 -40.00 19.32 -26.89
CA THR A 61 -39.60 20.64 -27.36
C THR A 61 -40.60 21.76 -27.09
N GLY A 62 -41.83 21.47 -26.68
CA GLY A 62 -42.90 22.45 -26.70
C GLY A 62 -43.19 23.08 -25.35
N THR A 63 -43.87 24.23 -25.40
CA THR A 63 -44.51 24.77 -24.20
C THR A 63 -45.93 25.20 -24.58
N TRP A 64 -46.52 26.04 -23.75
CA TRP A 64 -47.97 26.27 -23.75
C TRP A 64 -48.43 27.33 -24.73
N THR A 65 -47.51 28.06 -25.35
CA THR A 65 -47.84 29.11 -26.32
C THR A 65 -46.71 29.12 -27.36
N THR A 66 -47.01 29.70 -28.51
CA THR A 66 -46.05 29.67 -29.61
C THR A 66 -44.89 30.62 -29.35
N VAL A 67 -43.66 30.13 -29.57
CA VAL A 67 -42.46 30.93 -29.39
C VAL A 67 -41.72 31.09 -30.72
N TRP A 68 -41.26 32.31 -30.99
CA TRP A 68 -40.61 32.58 -32.27
C TRP A 68 -39.31 31.81 -32.41
N SER A 69 -38.67 31.50 -31.28
CA SER A 69 -37.37 30.84 -31.30
C SER A 69 -37.44 29.43 -31.85
N ASP A 70 -38.63 28.83 -31.95
CA ASP A 70 -38.77 27.58 -32.70
C ASP A 70 -38.13 27.70 -34.09
N LEU A 71 -38.26 28.87 -34.70
CA LEU A 71 -37.82 29.06 -36.07
C LEU A 71 -36.30 29.17 -36.19
N LEU A 72 -35.59 29.25 -35.06
CA LEU A 72 -34.14 29.19 -35.10
C LEU A 72 -33.65 27.78 -35.34
N THR A 73 -34.48 26.78 -35.10
CA THR A 73 -34.07 25.39 -35.20
C THR A 73 -35.03 24.65 -36.12
N ASP A 74 -34.81 23.35 -36.25
CA ASP A 74 -35.59 22.47 -37.13
C ASP A 74 -36.49 21.63 -36.23
N LEU A 75 -37.63 22.20 -35.86
CA LEU A 75 -38.49 21.55 -34.89
C LEU A 75 -38.94 20.17 -35.37
N ASP A 76 -39.18 20.02 -36.68
CA ASP A 76 -39.61 18.72 -37.21
C ASP A 76 -38.62 17.64 -36.84
N ARG A 77 -37.35 17.99 -36.72
CA ARG A 77 -36.29 17.04 -36.46
C ARG A 77 -36.22 16.64 -34.98
N TYR A 78 -36.60 17.54 -34.08
CA TYR A 78 -36.38 17.33 -32.65
C TYR A 78 -37.64 16.99 -31.87
N LYS A 79 -38.82 17.33 -32.38
CA LYS A 79 -40.03 17.12 -31.59
C LYS A 79 -40.29 15.63 -31.38
N ALA A 80 -40.80 15.29 -30.20
CA ALA A 80 -41.41 13.99 -30.00
C ALA A 80 -42.74 13.95 -30.72
N ARG A 81 -43.16 12.74 -31.09
CA ARG A 81 -44.41 12.54 -31.82
C ARG A 81 -45.19 11.41 -31.16
N CYS A 82 -46.43 11.69 -30.79
CA CYS A 82 -47.35 10.60 -30.48
C CYS A 82 -47.82 10.00 -31.80
N TYR A 83 -47.47 8.74 -32.03
CA TYR A 83 -47.72 8.10 -33.31
C TYR A 83 -48.82 7.05 -33.26
N ARG A 84 -49.36 6.76 -32.06
CA ARG A 84 -50.41 5.76 -31.94
C ARG A 84 -51.11 5.96 -30.61
N ILE A 85 -52.43 5.89 -30.62
CA ILE A 85 -53.24 5.90 -29.41
C ILE A 85 -54.22 4.73 -29.47
N GLU A 86 -54.28 3.94 -28.42
CA GLU A 86 -55.21 2.81 -28.32
C GLU A 86 -56.14 2.99 -27.12
N PRO A 87 -57.41 2.62 -27.24
CA PRO A 87 -58.27 2.62 -26.07
C PRO A 87 -57.91 1.47 -25.16
N VAL A 88 -58.26 1.61 -23.88
CA VAL A 88 -58.08 0.54 -22.90
C VAL A 88 -59.43 -0.18 -22.77
N PRO A 89 -59.52 -1.45 -23.16
CA PRO A 89 -60.79 -2.17 -22.95
C PRO A 89 -61.13 -2.22 -21.47
N GLY A 90 -62.38 -1.95 -21.16
CA GLY A 90 -62.83 -1.98 -19.78
C GLY A 90 -62.59 -0.73 -18.97
N ASN A 91 -61.91 0.27 -19.53
CA ASN A 91 -61.85 1.59 -18.91
C ASN A 91 -61.96 2.63 -20.00
N ASP A 92 -63.10 3.32 -20.06
CA ASP A 92 -63.43 4.26 -21.12
CA ASP A 92 -63.38 4.24 -21.16
C ASP A 92 -62.69 5.58 -21.01
N ASN A 93 -61.95 5.84 -19.92
CA ASN A 93 -61.21 7.09 -19.83
C ASN A 93 -59.71 6.88 -19.74
N GLN A 94 -59.22 5.70 -20.09
CA GLN A 94 -57.78 5.45 -20.22
C GLN A 94 -57.43 5.11 -21.66
N TYR A 95 -56.24 5.55 -22.07
CA TYR A 95 -55.69 5.28 -23.39
C TYR A 95 -54.22 4.92 -23.24
N ILE A 96 -53.72 4.09 -24.14
CA ILE A 96 -52.29 3.85 -24.28
C ILE A 96 -51.79 4.72 -25.42
N ALA A 97 -50.86 5.62 -25.11
CA ALA A 97 -50.28 6.54 -26.08
C ALA A 97 -48.82 6.16 -26.30
N TYR A 98 -48.45 5.96 -27.56
CA TYR A 98 -47.09 5.64 -27.95
C TYR A 98 -46.42 6.91 -28.49
N ILE A 99 -45.26 7.23 -27.96
CA ILE A 99 -44.56 8.46 -28.33
C ILE A 99 -43.12 8.12 -28.70
N ALA A 100 -42.65 8.73 -29.78
CA ALA A 100 -41.30 8.51 -30.30
C ALA A 100 -40.45 9.76 -30.10
N TYR A 101 -39.27 9.58 -29.55
CA TYR A 101 -38.32 10.64 -29.24
C TYR A 101 -37.04 10.45 -30.05
N PRO A 102 -36.59 11.46 -30.81
CA PRO A 102 -35.34 11.29 -31.55
C PRO A 102 -34.16 11.05 -30.62
N LEU A 103 -33.21 10.23 -31.11
CA LEU A 103 -32.02 9.89 -30.34
C LEU A 103 -31.28 11.13 -29.86
N ASP A 104 -31.28 12.18 -30.68
CA ASP A 104 -30.57 13.43 -30.42
C ASP A 104 -31.04 14.17 -29.18
N LEU A 105 -32.21 13.83 -28.65
CA LEU A 105 -32.72 14.58 -27.50
C LEU A 105 -31.99 14.26 -26.20
N PHE A 106 -31.21 13.17 -26.16
CA PHE A 106 -30.77 12.60 -24.89
C PHE A 106 -29.27 12.69 -24.70
N GLU A 107 -28.87 13.06 -23.49
CA GLU A 107 -27.46 13.04 -23.15
C GLU A 107 -26.97 11.59 -23.09
N GLU A 108 -25.85 11.33 -23.77
CA GLU A 108 -25.26 10.01 -23.78
C GLU A 108 -24.96 9.54 -22.36
N GLY A 109 -25.32 8.29 -22.09
CA GLY A 109 -25.01 7.69 -20.80
C GLY A 109 -25.69 8.29 -19.60
N SER A 110 -26.77 9.04 -19.78
CA SER A 110 -27.43 9.74 -18.68
C SER A 110 -28.89 9.34 -18.55
N ILE A 111 -29.17 8.39 -17.66
CA ILE A 111 -30.56 8.14 -17.30
C ILE A 111 -31.15 9.38 -16.63
N VAL A 112 -30.32 10.13 -15.90
CA VAL A 112 -30.79 11.38 -15.30
C VAL A 112 -31.41 12.28 -16.36
N ASN A 113 -30.71 12.46 -17.49
CA ASN A 113 -31.28 13.30 -18.55
C ASN A 113 -32.52 12.65 -19.16
N LEU A 114 -32.49 11.34 -19.39
CA LEU A 114 -33.65 10.67 -19.95
C LEU A 114 -34.88 10.90 -19.07
N MET A 115 -34.73 10.71 -17.75
CA MET A 115 -35.85 10.95 -16.85
C MET A 115 -36.31 12.39 -16.88
N SER A 116 -35.36 13.34 -16.96
CA SER A 116 -35.72 14.75 -16.92
CA SER A 116 -35.75 14.74 -16.90
C SER A 116 -36.65 15.13 -18.06
N SER A 117 -36.55 14.42 -19.19
CA SER A 117 -37.48 14.62 -20.29
C SER A 117 -38.72 13.75 -20.14
N ILE A 118 -38.55 12.43 -20.08
CA ILE A 118 -39.68 11.51 -20.21
C ILE A 118 -40.65 11.63 -19.04
N VAL A 119 -40.13 11.86 -17.83
CA VAL A 119 -41.00 11.90 -16.66
C VAL A 119 -40.83 13.18 -15.87
N GLY A 120 -40.21 14.20 -16.48
CA GLY A 120 -39.89 15.41 -15.74
C GLY A 120 -41.06 16.24 -15.26
N ASN A 121 -41.91 16.69 -16.19
CA ASN A 121 -43.03 17.54 -15.84
C ASN A 121 -44.39 16.97 -16.23
N VAL A 122 -44.44 16.01 -17.15
CA VAL A 122 -45.71 15.66 -17.78
C VAL A 122 -46.69 14.94 -16.86
N PHE A 123 -46.25 14.46 -15.71
CA PHE A 123 -47.18 13.80 -14.78
C PHE A 123 -48.01 14.78 -13.96
N GLY A 124 -47.71 16.07 -14.02
CA GLY A 124 -48.39 17.07 -13.21
C GLY A 124 -49.25 18.07 -13.95
N PHE A 125 -49.56 17.85 -15.23
CA PHE A 125 -50.38 18.79 -15.96
C PHE A 125 -51.84 18.69 -15.53
N LYS A 126 -52.49 19.85 -15.42
CA LYS A 126 -53.91 19.90 -15.08
C LYS A 126 -54.75 19.10 -16.06
N ALA A 127 -54.37 19.12 -17.34
CA ALA A 127 -55.20 18.52 -18.38
C ALA A 127 -55.17 17.01 -18.34
N VAL A 128 -54.25 16.41 -17.60
CA VAL A 128 -54.10 14.95 -17.52
C VAL A 128 -54.28 14.56 -16.05
N ARG A 129 -55.31 13.76 -15.78
CA ARG A 129 -55.63 13.40 -14.40
C ARG A 129 -54.68 12.34 -13.85
N ALA A 130 -54.15 11.48 -14.69
CA ALA A 130 -53.29 10.40 -14.26
C ALA A 130 -52.46 9.95 -15.44
N LEU A 131 -51.26 9.46 -15.14
CA LEU A 131 -50.29 9.08 -16.15
C LEU A 131 -49.41 7.98 -15.59
N ARG A 132 -49.30 6.86 -16.30
CA ARG A 132 -48.33 5.83 -15.98
C ARG A 132 -47.45 5.52 -17.18
N LEU A 133 -46.14 5.60 -16.97
CA LEU A 133 -45.18 5.12 -17.96
C LEU A 133 -45.08 3.60 -17.81
N GLU A 134 -45.57 2.87 -18.81
CA GLU A 134 -45.64 1.42 -18.77
C GLU A 134 -44.39 0.74 -19.31
N ASP A 135 -43.81 1.27 -20.38
CA ASP A 135 -42.67 0.63 -21.02
C ASP A 135 -41.95 1.68 -21.86
N MET A 136 -40.71 1.37 -22.19
CA MET A 136 -39.90 2.18 -23.10
C MET A 136 -39.10 1.25 -23.99
N ARG A 137 -38.95 1.64 -25.26
CA ARG A 137 -38.06 0.92 -26.17
C ARG A 137 -36.77 1.71 -26.22
N ILE A 138 -35.71 1.17 -25.62
CA ILE A 138 -34.40 1.80 -25.62
C ILE A 138 -33.63 1.25 -26.82
N PRO A 139 -33.27 2.07 -27.79
CA PRO A 139 -32.59 1.55 -28.99
C PRO A 139 -31.14 1.19 -28.67
N VAL A 140 -30.61 0.25 -29.45
CA VAL A 140 -29.23 -0.20 -29.25
C VAL A 140 -28.26 0.98 -29.31
N ALA A 141 -28.51 1.94 -30.21
CA ALA A 141 -27.58 3.06 -30.34
C ALA A 141 -27.50 3.90 -29.08
N TYR A 142 -28.58 3.98 -28.29
CA TYR A 142 -28.48 4.66 -27.01
C TYR A 142 -27.89 3.76 -25.94
N LEU A 143 -28.20 2.46 -25.97
CA LEU A 143 -27.66 1.53 -24.98
C LEU A 143 -26.15 1.52 -25.00
N LYS A 144 -25.55 1.65 -26.18
CA LYS A 144 -24.10 1.58 -26.30
C LYS A 144 -23.40 2.77 -25.67
N THR A 145 -24.13 3.80 -25.25
CA THR A 145 -23.52 4.91 -24.52
C THR A 145 -23.45 4.64 -23.02
N PHE A 146 -23.90 3.48 -22.57
CA PHE A 146 -23.94 3.12 -21.15
C PHE A 146 -22.99 1.96 -20.85
N GLN A 147 -22.51 1.94 -19.60
CA GLN A 147 -21.61 0.87 -19.16
C GLN A 147 -22.32 -0.47 -19.07
N GLY A 148 -23.55 -0.49 -18.56
CA GLY A 148 -24.17 -1.72 -18.16
C GLY A 148 -23.60 -2.23 -16.84
N PRO A 149 -24.01 -3.42 -16.45
CA PRO A 149 -23.57 -4.00 -15.17
C PRO A 149 -22.07 -3.95 -15.01
N PRO A 150 -21.59 -3.63 -13.81
CA PRO A 150 -20.14 -3.71 -13.57
C PRO A 150 -19.56 -5.06 -13.94
N HIS A 151 -20.30 -6.16 -13.70
CA HIS A 151 -19.82 -7.50 -14.04
C HIS A 151 -20.87 -8.31 -14.77
N GLY A 152 -22.04 -8.50 -14.18
CA GLY A 152 -23.08 -9.30 -14.79
C GLY A 152 -22.99 -10.76 -14.41
N ILE A 153 -24.06 -11.49 -14.75
CA ILE A 153 -24.29 -12.82 -14.19
C ILE A 153 -23.11 -13.76 -14.46
N GLN A 154 -22.67 -13.86 -15.72
CA GLN A 154 -21.62 -14.83 -16.04
C GLN A 154 -20.33 -14.50 -15.29
N VAL A 155 -19.91 -13.24 -15.34
CA VAL A 155 -18.68 -12.86 -14.68
C VAL A 155 -18.79 -13.07 -13.17
N GLU A 156 -19.96 -12.74 -12.60
CA GLU A 156 -20.12 -12.92 -11.15
C GLU A 156 -20.00 -14.38 -10.76
N ARG A 157 -20.65 -15.28 -11.50
CA ARG A 157 -20.53 -16.69 -11.17
C ARG A 157 -19.08 -17.17 -11.24
N ASP A 158 -18.33 -16.66 -12.22
CA ASP A 158 -16.92 -17.01 -12.33
C ASP A 158 -16.11 -16.42 -11.19
N ARG A 159 -16.41 -15.19 -10.78
CA ARG A 159 -15.71 -14.58 -9.66
C ARG A 159 -16.02 -15.27 -8.34
N LEU A 160 -17.20 -15.89 -8.22
CA LEU A 160 -17.58 -16.57 -7.00
C LEU A 160 -17.33 -18.08 -7.05
N ASN A 161 -17.07 -18.63 -8.24
CA ASN A 161 -16.90 -20.06 -8.45
C ASN A 161 -18.13 -20.84 -7.99
N LYS A 162 -19.30 -20.37 -8.43
CA LYS A 162 -20.58 -20.97 -8.04
C LYS A 162 -21.41 -21.22 -9.29
N TYR A 163 -21.76 -22.49 -9.53
CA TYR A 163 -22.46 -22.89 -10.73
C TYR A 163 -23.52 -23.95 -10.40
N GLY A 164 -24.71 -23.80 -10.99
CA GLY A 164 -25.70 -24.84 -10.96
C GLY A 164 -26.86 -24.66 -10.00
N ARG A 165 -26.93 -23.55 -9.28
CA ARG A 165 -28.04 -23.32 -8.36
C ARG A 165 -28.20 -21.82 -8.16
N PRO A 166 -29.38 -21.37 -7.77
CA PRO A 166 -29.52 -19.99 -7.27
C PRO A 166 -28.55 -19.75 -6.11
N LEU A 167 -28.18 -18.50 -5.93
CA LEU A 167 -27.39 -18.10 -4.77
C LEU A 167 -28.33 -17.74 -3.63
N LEU A 168 -27.81 -17.81 -2.40
CA LEU A 168 -28.62 -17.66 -1.20
C LEU A 168 -28.09 -16.51 -0.35
N GLY A 169 -28.97 -15.58 0.00
CA GLY A 169 -28.62 -14.45 0.84
C GLY A 169 -29.55 -14.29 2.02
N CYS A 170 -29.43 -13.17 2.72
CA CYS A 170 -30.09 -13.00 4.02
C CYS A 170 -29.89 -11.59 4.55
N THR A 171 -30.98 -10.87 4.83
CA THR A 171 -30.89 -9.57 5.47
C THR A 171 -30.78 -9.73 6.99
N ILE A 172 -29.78 -9.11 7.59
CA ILE A 172 -29.66 -9.14 9.05
C ILE A 172 -30.84 -8.42 9.70
N LYS A 173 -31.31 -8.96 10.82
CA LYS A 173 -32.42 -8.42 11.59
C LYS A 173 -32.05 -8.47 13.07
N PRO A 174 -32.67 -7.61 13.91
CA PRO A 174 -33.65 -6.55 13.60
C PRO A 174 -33.10 -5.52 12.63
N LYS A 175 -33.97 -4.82 11.89
CA LYS A 175 -33.51 -3.93 10.84
C LYS A 175 -32.49 -2.94 11.40
N LEU A 176 -32.85 -2.28 12.50
CA LEU A 176 -32.04 -1.29 13.16
C LEU A 176 -31.84 -1.69 14.61
N GLY A 177 -30.79 -1.16 15.23
CA GLY A 177 -30.56 -1.30 16.65
C GLY A 177 -29.44 -2.24 17.06
N LEU A 178 -28.88 -3.01 16.14
CA LEU A 178 -27.77 -3.88 16.48
C LEU A 178 -26.45 -3.12 16.48
N SER A 179 -25.54 -3.54 17.37
CA SER A 179 -24.18 -3.03 17.41
C SER A 179 -23.32 -3.70 16.35
N ALA A 180 -22.16 -3.08 16.08
CA ALA A 180 -21.23 -3.64 15.09
C ALA A 180 -20.79 -5.06 15.43
N LYS A 181 -20.36 -5.30 16.68
CA LYS A 181 -19.89 -6.64 17.01
C LYS A 181 -21.01 -7.66 16.91
N ASN A 182 -22.23 -7.28 17.30
CA ASN A 182 -23.35 -8.19 17.16
C ASN A 182 -23.67 -8.43 15.69
N TYR A 183 -23.56 -7.40 14.85
CA TYR A 183 -23.74 -7.58 13.42
C TYR A 183 -22.75 -8.62 12.90
N GLY A 184 -21.49 -8.51 13.30
CA GLY A 184 -20.50 -9.50 12.89
C GLY A 184 -20.85 -10.91 13.34
N ARG A 185 -21.31 -11.04 14.60
CA ARG A 185 -21.68 -12.37 15.10
C ARG A 185 -22.77 -13.00 14.25
N VAL A 186 -23.85 -12.26 14.00
CA VAL A 186 -24.98 -12.87 13.29
C VAL A 186 -24.60 -13.16 11.84
N VAL A 187 -23.74 -12.32 11.24
CA VAL A 187 -23.24 -12.57 9.89
C VAL A 187 -22.39 -13.85 9.87
N TYR A 188 -21.49 -13.98 10.84
CA TYR A 188 -20.67 -15.19 10.93
C TYR A 188 -21.55 -16.44 11.00
N GLU A 189 -22.55 -16.43 11.88
CA GLU A 189 -23.39 -17.61 12.04
C GLU A 189 -24.16 -17.90 10.76
N CYS A 190 -24.68 -16.86 10.11
CA CYS A 190 -25.41 -17.05 8.86
C CYS A 190 -24.53 -17.67 7.79
N LEU A 191 -23.38 -17.05 7.52
CA LEU A 191 -22.56 -17.49 6.40
C LEU A 191 -21.97 -18.87 6.65
N ARG A 192 -21.56 -19.15 7.89
CA ARG A 192 -20.89 -20.41 8.17
C ARG A 192 -21.86 -21.59 8.07
N GLY A 193 -23.16 -21.32 8.09
CA GLY A 193 -24.16 -22.35 8.00
C GLY A 193 -24.61 -22.71 6.59
N GLY A 194 -24.07 -22.04 5.58
CA GLY A 194 -24.32 -22.41 4.20
C GLY A 194 -24.89 -21.32 3.31
N LEU A 195 -25.20 -20.12 3.81
CA LEU A 195 -25.59 -19.04 2.91
C LEU A 195 -24.36 -18.51 2.16
N ASP A 196 -24.59 -18.08 0.92
CA ASP A 196 -23.54 -17.43 0.14
C ASP A 196 -23.33 -15.98 0.58
N PHE A 197 -24.42 -15.31 0.94
CA PHE A 197 -24.38 -13.89 1.21
C PHE A 197 -25.18 -13.55 2.48
N THR A 198 -24.79 -12.45 3.10
CA THR A 198 -25.64 -11.73 4.04
C THR A 198 -25.67 -10.27 3.57
N ASP A 200 -26.42 -5.83 4.91
CA ASP A 200 -27.00 -4.73 5.66
C ASP A 200 -28.46 -4.55 5.22
N ASP A 201 -29.35 -4.25 6.15
CA ASP A 201 -30.68 -3.79 5.74
C ASP A 201 -30.54 -2.47 4.96
N GLU A 202 -31.54 -2.20 4.11
CA GLU A 202 -31.45 -1.02 3.25
C GLU A 202 -31.31 0.26 4.06
N ASN A 203 -31.82 0.29 5.29
CA ASN A 203 -31.78 1.49 6.12
C ASN A 203 -30.65 1.47 7.13
N ILE A 204 -29.78 0.46 7.08
CA ILE A 204 -28.55 0.43 7.87
C ILE A 204 -27.49 1.17 7.06
N ASN A 205 -27.14 2.37 7.51
CA ASN A 205 -26.11 3.16 6.83
C ASN A 205 -25.04 3.47 7.87
N SER A 206 -25.16 4.60 8.57
CA SER A 206 -24.35 4.84 9.78
C SER A 206 -25.20 5.58 10.79
N GLN A 207 -25.23 5.09 12.04
CA GLN A 207 -26.21 5.56 13.01
C GLN A 207 -25.61 5.51 14.41
N PRO A 208 -26.22 6.19 15.38
CA PRO A 208 -25.67 6.17 16.75
C PRO A 208 -25.50 4.78 17.34
N PHE A 209 -26.41 3.85 17.04
CA PHE A 209 -26.31 2.50 17.62
C PHE A 209 -25.23 1.67 16.94
N MET A 210 -24.76 2.08 15.77
CA MET A 210 -23.73 1.35 15.02
C MET A 210 -23.18 2.24 13.93
N ARG A 211 -21.93 2.67 14.07
CA ARG A 211 -21.27 3.47 13.06
C ARG A 211 -20.68 2.56 11.99
N TRP A 212 -20.61 3.08 10.77
CA TRP A 212 -20.41 2.20 9.62
C TRP A 212 -19.01 1.58 9.61
N ARG A 213 -17.97 2.33 9.99
CA ARG A 213 -16.62 1.73 9.95
CA ARG A 213 -16.63 1.73 9.95
C ARG A 213 -16.51 0.59 10.94
N ASP A 214 -17.09 0.75 12.14
CA ASP A 214 -17.15 -0.35 13.09
C ASP A 214 -17.84 -1.57 12.47
N ARG A 215 -19.02 -1.34 11.86
CA ARG A 215 -19.75 -2.45 11.26
C ARG A 215 -18.91 -3.15 10.20
N PHE A 216 -18.30 -2.38 9.30
CA PHE A 216 -17.54 -2.97 8.22
C PHE A 216 -16.40 -3.84 8.77
N LEU A 217 -15.73 -3.34 9.80
CA LEU A 217 -14.63 -4.08 10.41
C LEU A 217 -15.08 -5.44 10.97
N PHE A 218 -16.11 -5.44 11.81
CA PHE A 218 -16.54 -6.68 12.44
C PHE A 218 -17.19 -7.61 11.42
N VAL A 219 -17.93 -7.07 10.48
CA VAL A 219 -18.58 -7.91 9.47
C VAL A 219 -17.53 -8.61 8.61
N MET A 220 -16.50 -7.87 8.17
CA MET A 220 -15.52 -8.51 7.30
C MET A 220 -14.67 -9.52 8.05
N GLU A 221 -14.44 -9.32 9.35
CA GLU A 221 -13.84 -10.41 10.14
C GLU A 221 -14.69 -11.66 10.05
N ALA A 222 -16.01 -11.49 10.18
CA ALA A 222 -16.92 -12.63 10.12
C ALA A 222 -16.95 -13.28 8.74
N VAL A 223 -16.97 -12.47 7.68
CA VAL A 223 -17.00 -12.99 6.31
C VAL A 223 -15.76 -13.84 6.04
N HIS A 224 -14.57 -13.28 6.28
CA HIS A 224 -13.35 -14.04 6.03
C HIS A 224 -13.29 -15.30 6.89
N LYS A 225 -13.77 -15.22 8.13
CA LYS A 225 -13.76 -16.39 9.01
C LYS A 225 -14.67 -17.48 8.47
N ALA A 226 -15.90 -17.12 8.07
CA ALA A 226 -16.83 -18.11 7.54
C ALA A 226 -16.33 -18.71 6.22
N GLU A 227 -15.68 -17.90 5.40
CA GLU A 227 -15.13 -18.42 4.14
C GLU A 227 -14.04 -19.44 4.39
N ALA A 228 -13.14 -19.16 5.33
CA ALA A 228 -12.08 -20.12 5.65
C ALA A 228 -12.65 -21.38 6.27
N GLU A 229 -13.69 -21.23 7.10
CA GLU A 229 -14.25 -22.37 7.82
C GLU A 229 -15.02 -23.30 6.88
N THR A 230 -15.80 -22.75 5.94
CA THR A 230 -16.62 -23.56 5.06
C THR A 230 -15.89 -23.99 3.79
N GLY A 231 -14.90 -23.23 3.35
CA GLY A 231 -14.24 -23.47 2.09
C GLY A 231 -14.96 -22.89 0.88
N GLU A 232 -16.06 -22.19 1.06
CA GLU A 232 -16.82 -21.56 -0.01
C GLU A 232 -16.68 -20.05 0.04
N ARG A 233 -16.64 -19.42 -1.13
CA ARG A 233 -16.52 -17.97 -1.19
C ARG A 233 -17.78 -17.31 -0.65
N LYS A 234 -17.61 -16.31 0.21
CA LYS A 234 -18.69 -15.63 0.89
C LYS A 234 -18.70 -14.15 0.54
N GLY A 235 -19.82 -13.49 0.80
CA GLY A 235 -19.89 -12.04 0.71
C GLY A 235 -20.98 -11.48 1.60
N HIS A 236 -20.73 -10.29 2.13
CA HIS A 236 -21.75 -9.49 2.82
C HIS A 236 -21.90 -8.17 2.06
N TYR A 237 -23.13 -7.85 1.62
CA TYR A 237 -23.32 -6.59 0.91
C TYR A 237 -23.22 -5.45 1.93
N LEU A 238 -22.04 -4.84 2.04
CA LEU A 238 -21.88 -3.66 2.87
C LEU A 238 -22.57 -2.47 2.21
N ASN A 239 -23.45 -1.81 2.96
CA ASN A 239 -24.26 -0.73 2.41
C ASN A 239 -23.47 0.58 2.39
N VAL A 240 -23.27 1.12 1.19
CA VAL A 240 -22.58 2.39 1.02
C VAL A 240 -23.55 3.54 0.76
N THR A 241 -24.86 3.28 0.78
CA THR A 241 -25.84 4.34 0.78
C THR A 241 -25.47 5.37 1.83
N ALA A 242 -25.35 6.64 1.41
CA ALA A 242 -24.73 7.65 2.24
C ALA A 242 -25.25 9.03 1.85
N PRO A 243 -25.12 10.02 2.73
CA PRO A 243 -25.71 11.34 2.43
C PRO A 243 -25.07 12.04 1.25
N THR A 244 -23.77 11.88 1.06
CA THR A 244 -23.02 12.58 0.03
C THR A 244 -22.25 11.59 -0.82
N MET A 245 -21.89 12.02 -2.03
CA MET A 245 -21.04 11.17 -2.86
C MET A 245 -19.70 10.91 -2.20
N GLU A 246 -19.19 11.90 -1.46
CA GLU A 246 -17.90 11.74 -0.81
C GLU A 246 -17.95 10.64 0.24
N GLU A 247 -19.02 10.64 1.07
CA GLU A 247 -19.20 9.57 2.04
C GLU A 247 -19.42 8.23 1.36
N MET A 248 -20.18 8.21 0.26
CA MET A 248 -20.43 6.96 -0.45
C MET A 248 -19.11 6.35 -0.95
N TYR A 249 -18.24 7.17 -1.53
CA TYR A 249 -16.94 6.67 -1.97
C TYR A 249 -16.10 6.18 -0.80
N LYS A 250 -16.10 6.92 0.32
CA LYS A 250 -15.31 6.49 1.47
C LYS A 250 -15.74 5.11 1.93
N ARG A 251 -17.04 4.84 1.89
CA ARG A 251 -17.54 3.55 2.36
C ARG A 251 -17.23 2.45 1.35
N ALA A 252 -17.37 2.74 0.06
CA ALA A 252 -16.97 1.78 -0.95
C ALA A 252 -15.48 1.45 -0.86
N GLU A 253 -14.64 2.47 -0.68
CA GLU A 253 -13.20 2.24 -0.60
CA GLU A 253 -13.20 2.24 -0.60
C GLU A 253 -12.82 1.38 0.60
N PHE A 254 -13.49 1.59 1.74
CA PHE A 254 -13.15 0.81 2.93
C PHE A 254 -13.61 -0.63 2.77
N ALA A 255 -14.78 -0.85 2.16
CA ALA A 255 -15.19 -2.22 1.84
C ALA A 255 -14.13 -2.92 1.00
N LYS A 256 -13.58 -2.21 0.01
CA LYS A 256 -12.54 -2.80 -0.82
C LYS A 256 -11.28 -3.05 -0.01
N GLU A 257 -10.88 -2.09 0.82
CA GLU A 257 -9.67 -2.21 1.63
C GLU A 257 -9.75 -3.45 2.52
N LEU A 258 -10.93 -3.77 3.03
CA LEU A 258 -11.12 -4.91 3.91
C LEU A 258 -11.31 -6.22 3.15
N GLY A 259 -11.35 -6.19 1.84
CA GLY A 259 -11.41 -7.41 1.06
C GLY A 259 -12.80 -7.88 0.71
N SER A 260 -13.80 -7.02 0.83
CA SER A 260 -15.15 -7.44 0.42
C SER A 260 -15.22 -7.60 -1.09
N ARG A 261 -15.87 -8.68 -1.53
CA ARG A 261 -16.17 -8.85 -2.95
C ARG A 261 -17.38 -8.03 -3.39
N ILE A 262 -18.15 -7.46 -2.47
CA ILE A 262 -19.48 -6.96 -2.82
C ILE A 262 -19.88 -5.83 -1.89
N ILE A 263 -20.63 -4.87 -2.44
CA ILE A 263 -21.29 -3.81 -1.70
C ILE A 263 -22.73 -3.71 -2.21
N MET A 264 -23.57 -2.99 -1.47
CA MET A 264 -24.89 -2.65 -1.93
C MET A 264 -25.11 -1.14 -1.90
N VAL A 265 -26.08 -0.68 -2.69
CA VAL A 265 -26.54 0.70 -2.60
C VAL A 265 -28.04 0.70 -2.83
N ASP A 266 -28.71 1.65 -2.18
CA ASP A 266 -30.13 1.92 -2.40
C ASP A 266 -30.21 2.89 -3.56
N PHE A 267 -30.34 2.37 -4.80
CA PHE A 267 -30.03 3.21 -5.95
C PHE A 267 -31.07 4.31 -6.17
N LEU A 268 -32.32 4.09 -5.75
CA LEU A 268 -33.34 5.10 -5.94
C LEU A 268 -33.29 6.18 -4.86
N THR A 269 -33.07 5.79 -3.59
CA THR A 269 -32.98 6.80 -2.55
C THR A 269 -31.69 7.60 -2.68
N ALA A 270 -30.57 6.93 -3.01
CA ALA A 270 -29.36 7.68 -3.33
C ALA A 270 -29.55 8.48 -4.61
N GLY A 271 -30.15 7.88 -5.63
CA GLY A 271 -30.45 8.57 -6.86
C GLY A 271 -29.51 8.23 -7.98
N PHE A 272 -29.96 8.54 -9.22
CA PHE A 272 -29.28 8.00 -10.39
C PHE A 272 -27.93 8.66 -10.67
N THR A 273 -27.70 9.90 -10.25
CA THR A 273 -26.38 10.50 -10.44
C THR A 273 -25.33 9.76 -9.60
N ALA A 274 -25.59 9.57 -8.31
CA ALA A 274 -24.66 8.85 -7.45
C ALA A 274 -24.56 7.39 -7.86
N PHE A 275 -25.69 6.78 -8.24
CA PHE A 275 -25.70 5.41 -8.70
C PHE A 275 -24.81 5.23 -9.92
N THR A 276 -24.91 6.14 -10.90
CA THR A 276 -24.06 6.02 -12.08
C THR A 276 -22.59 6.14 -11.70
N SER A 277 -22.23 7.10 -10.86
CA SER A 277 -20.86 7.19 -10.37
C SER A 277 -20.43 5.89 -9.68
N LEU A 278 -21.29 5.31 -8.86
CA LEU A 278 -20.90 4.12 -8.10
C LEU A 278 -20.76 2.91 -9.03
N SER A 279 -21.63 2.78 -10.02
CA SER A 279 -21.50 1.65 -10.95
C SER A 279 -20.17 1.71 -11.68
N LYS A 280 -19.75 2.90 -12.09
CA LYS A 280 -18.45 3.06 -12.74
C LYS A 280 -17.32 2.72 -11.78
N TRP A 281 -17.43 3.15 -10.53
CA TRP A 281 -16.43 2.82 -9.51
C TRP A 281 -16.34 1.31 -9.31
N CYS A 282 -17.48 0.62 -9.31
CA CYS A 282 -17.45 -0.83 -9.12
C CYS A 282 -16.80 -1.53 -10.29
N ARG A 283 -17.07 -1.08 -11.50
CA ARG A 283 -16.34 -1.60 -12.67
C ARG A 283 -14.85 -1.37 -12.50
N GLU A 284 -14.47 -0.16 -12.10
CA GLU A 284 -13.05 0.18 -12.03
C GLU A 284 -12.35 -0.50 -10.86
N ASN A 285 -13.09 -1.01 -9.88
CA ASN A 285 -12.48 -1.60 -8.69
C ASN A 285 -12.83 -3.06 -8.49
N GLY A 286 -13.47 -3.69 -9.47
CA GLY A 286 -13.75 -5.11 -9.40
C GLY A 286 -14.67 -5.46 -8.25
N MET A 287 -15.63 -4.59 -7.95
CA MET A 287 -16.55 -4.77 -6.83
C MET A 287 -17.92 -5.15 -7.38
N LEU A 288 -18.48 -6.25 -6.88
CA LEU A 288 -19.85 -6.61 -7.22
C LEU A 288 -20.80 -5.62 -6.58
N LEU A 289 -21.86 -5.25 -7.30
CA LEU A 289 -22.77 -4.19 -6.88
C LEU A 289 -24.19 -4.74 -6.76
N HIS A 290 -24.68 -4.83 -5.54
CA HIS A 290 -26.03 -5.26 -5.25
C HIS A 290 -26.93 -4.03 -5.15
N LEU A 291 -28.01 -4.02 -5.94
CA LEU A 291 -28.92 -2.89 -5.99
C LEU A 291 -30.17 -3.19 -5.18
N HIS A 292 -30.42 -2.37 -4.17
CA HIS A 292 -31.67 -2.39 -3.42
C HIS A 292 -32.59 -1.30 -3.97
N ARG A 293 -33.87 -1.64 -4.18
CA ARG A 293 -34.81 -0.75 -4.85
C ARG A 293 -35.70 0.02 -3.87
N ALA A 294 -35.21 0.25 -2.66
CA ALA A 294 -35.91 1.08 -1.68
C ALA A 294 -36.52 2.32 -2.33
N MET A 295 -37.79 2.57 -2.01
CA MET A 295 -38.64 3.66 -2.48
C MET A 295 -39.39 3.33 -3.77
N HIS A 296 -39.08 2.20 -4.43
CA HIS A 296 -39.66 1.95 -5.76
C HIS A 296 -41.19 1.93 -5.72
N ALA A 297 -41.77 1.39 -4.65
CA ALA A 297 -43.22 1.22 -4.61
C ALA A 297 -43.95 2.54 -4.40
N VAL A 298 -43.25 3.59 -3.95
CA VAL A 298 -43.81 4.93 -3.99
C VAL A 298 -44.21 5.27 -5.43
N ILE A 299 -43.41 4.80 -6.38
CA ILE A 299 -43.50 5.16 -7.79
C ILE A 299 -44.29 4.13 -8.59
N ASP A 300 -44.16 2.84 -8.26
CA ASP A 300 -44.51 1.79 -9.22
C ASP A 300 -45.63 0.86 -8.74
N ARG A 301 -46.32 1.19 -7.65
CA ARG A 301 -47.34 0.29 -7.11
C ARG A 301 -48.67 0.41 -7.86
N GLN A 302 -49.14 1.64 -8.10
CA GLN A 302 -50.52 1.79 -8.53
C GLN A 302 -50.64 1.68 -10.05
N PRO A 303 -51.66 0.99 -10.56
CA PRO A 303 -51.74 0.74 -12.01
C PRO A 303 -52.21 1.94 -12.83
N ASN A 304 -52.67 3.02 -12.20
CA ASN A 304 -53.18 4.18 -12.92
C ASN A 304 -52.17 5.30 -13.04
N HIS A 305 -51.13 5.32 -12.21
CA HIS A 305 -50.25 6.47 -12.17
C HIS A 305 -48.88 6.05 -11.67
N GLY A 306 -47.84 6.55 -12.34
CA GLY A 306 -46.48 6.33 -11.91
C GLY A 306 -45.60 5.78 -13.02
N ILE A 307 -44.63 4.95 -12.64
CA ILE A 307 -43.74 4.26 -13.57
C ILE A 307 -43.72 2.80 -13.18
N HIS A 308 -44.03 1.91 -14.13
CA HIS A 308 -43.97 0.50 -13.81
C HIS A 308 -42.52 0.05 -13.60
N PHE A 309 -42.33 -0.93 -12.71
CA PHE A 309 -40.98 -1.37 -12.39
C PHE A 309 -40.21 -1.83 -13.62
N ARG A 310 -40.91 -2.33 -14.66
CA ARG A 310 -40.19 -2.84 -15.81
C ARG A 310 -39.39 -1.75 -16.49
N VAL A 311 -39.86 -0.50 -16.38
CA VAL A 311 -39.10 0.63 -16.91
C VAL A 311 -37.88 0.92 -16.04
N LEU A 312 -38.09 0.98 -14.71
CA LEU A 312 -36.97 1.14 -13.79
C LEU A 312 -35.94 0.05 -14.01
N ALA A 313 -36.39 -1.18 -14.29
CA ALA A 313 -35.47 -2.29 -14.52
C ALA A 313 -34.57 -2.04 -15.72
N LYS A 314 -35.12 -1.50 -16.82
CA LYS A 314 -34.27 -1.18 -17.96
C LYS A 314 -33.25 -0.11 -17.58
N TRP A 315 -33.70 0.95 -16.90
CA TRP A 315 -32.80 2.05 -16.56
C TRP A 315 -31.65 1.57 -15.67
N LEU A 316 -31.94 0.71 -14.69
CA LEU A 316 -30.88 0.27 -13.78
C LEU A 316 -29.96 -0.75 -14.40
N ARG A 317 -30.44 -1.56 -15.36
CA ARG A 317 -29.51 -2.43 -16.08
C ARG A 317 -28.56 -1.59 -16.93
N MET A 318 -29.09 -0.52 -17.55
CA MET A 318 -28.25 0.36 -18.37
C MET A 318 -27.15 1.00 -17.54
N VAL A 319 -27.51 1.62 -16.41
CA VAL A 319 -26.50 2.21 -15.53
C VAL A 319 -25.59 1.13 -15.00
N GLY A 320 -26.16 0.02 -14.55
CA GLY A 320 -25.43 -1.16 -14.21
C GLY A 320 -25.48 -1.52 -12.74
N GLY A 321 -26.01 -2.71 -12.47
CA GLY A 321 -25.77 -3.39 -11.22
C GLY A 321 -25.57 -4.86 -11.50
N ASP A 322 -25.05 -5.58 -10.51
CA ASP A 322 -24.85 -7.01 -10.66
C ASP A 322 -26.00 -7.82 -10.08
N HIS A 323 -26.70 -7.27 -9.07
CA HIS A 323 -27.95 -7.82 -8.56
C HIS A 323 -29.00 -6.73 -8.56
N ILE A 324 -30.28 -7.13 -8.62
CA ILE A 324 -31.38 -6.19 -8.42
C ILE A 324 -32.55 -6.95 -7.80
N HIS A 325 -33.17 -6.37 -6.77
CA HIS A 325 -34.39 -6.95 -6.22
C HIS A 325 -35.51 -6.85 -7.24
N THR A 326 -36.23 -7.96 -7.42
CA THR A 326 -37.29 -8.08 -8.41
C THR A 326 -38.62 -8.53 -7.82
N GLY A 327 -38.68 -8.76 -6.52
CA GLY A 327 -39.85 -9.35 -5.91
C GLY A 327 -39.76 -10.87 -5.83
N THR A 328 -40.71 -11.43 -5.07
CA THR A 328 -40.81 -12.87 -4.82
C THR A 328 -42.04 -13.49 -5.43
N VAL A 329 -43.06 -12.70 -5.74
CA VAL A 329 -44.40 -13.14 -6.12
C VAL A 329 -45.15 -13.74 -4.92
N VAL A 330 -44.52 -14.66 -4.18
CA VAL A 330 -45.21 -15.41 -3.15
C VAL A 330 -44.96 -14.90 -1.74
N GLY A 331 -44.12 -13.88 -1.56
CA GLY A 331 -43.74 -13.39 -0.26
C GLY A 331 -44.62 -12.25 0.27
N LYS A 332 -44.04 -11.46 1.17
CA LYS A 332 -44.84 -10.45 1.89
C LYS A 332 -45.05 -9.18 1.07
N LEU A 333 -44.24 -8.93 0.04
CA LEU A 333 -44.39 -7.74 -0.79
C LEU A 333 -45.04 -8.12 -2.12
N GLU A 334 -45.84 -7.19 -2.64
CA GLU A 334 -46.60 -7.48 -3.84
C GLU A 334 -45.69 -7.62 -5.06
N GLY A 335 -46.07 -8.53 -5.96
CA GLY A 335 -45.33 -8.78 -7.18
C GLY A 335 -46.16 -9.62 -8.13
N ASP A 336 -46.79 -8.97 -9.11
CA ASP A 336 -47.67 -9.68 -10.03
C ASP A 336 -46.86 -10.67 -10.86
N ARG A 337 -47.29 -11.93 -10.86
CA ARG A 337 -46.50 -12.98 -11.47
C ARG A 337 -46.22 -12.69 -12.95
N ALA A 338 -47.25 -12.34 -13.72
CA ALA A 338 -47.06 -12.20 -15.16
C ALA A 338 -46.06 -11.09 -15.48
N SER A 339 -46.21 -9.93 -14.85
CA SER A 339 -45.29 -8.83 -15.11
C SER A 339 -43.89 -9.13 -14.57
N THR A 340 -43.81 -9.86 -13.46
CA THR A 340 -42.51 -10.19 -12.89
C THR A 340 -41.73 -11.10 -13.82
N LEU A 341 -42.37 -12.15 -14.34
CA LEU A 341 -41.70 -13.00 -15.32
C LEU A 341 -41.21 -12.16 -16.49
N GLY A 342 -42.00 -11.15 -16.88
CA GLY A 342 -41.60 -10.29 -17.98
C GLY A 342 -40.34 -9.49 -17.69
N PHE A 343 -40.31 -8.78 -16.56
CA PHE A 343 -39.14 -7.92 -16.36
C PHE A 343 -37.93 -8.70 -15.84
N VAL A 344 -38.13 -9.93 -15.33
CA VAL A 344 -36.96 -10.80 -15.12
C VAL A 344 -36.28 -11.09 -16.46
N ASP A 345 -37.06 -11.39 -17.50
CA ASP A 345 -36.45 -11.57 -18.82
C ASP A 345 -35.76 -10.29 -19.29
N LEU A 346 -36.41 -9.13 -19.04
CA LEU A 346 -35.81 -7.85 -19.45
C LEU A 346 -34.48 -7.62 -18.77
N LEU A 347 -34.28 -8.20 -17.59
CA LEU A 347 -33.07 -8.00 -16.82
C LEU A 347 -31.95 -8.99 -17.16
N ARG A 348 -32.29 -10.17 -17.68
CA ARG A 348 -31.31 -11.22 -17.90
C ARG A 348 -31.01 -11.52 -19.36
N GLU A 349 -31.97 -11.34 -20.25
CA GLU A 349 -31.87 -11.84 -21.60
C GLU A 349 -31.27 -10.79 -22.54
N ASN A 350 -30.81 -11.25 -23.70
CA ASN A 350 -30.27 -10.34 -24.70
C ASN A 350 -31.35 -9.80 -25.63
N TYR A 351 -32.43 -10.55 -25.82
CA TYR A 351 -33.53 -10.10 -26.68
C TYR A 351 -34.83 -10.54 -26.03
N ILE A 352 -35.76 -9.60 -25.89
CA ILE A 352 -37.07 -9.90 -25.30
C ILE A 352 -38.17 -9.44 -26.26
N PRO A 353 -38.93 -10.35 -26.85
CA PRO A 353 -40.00 -9.91 -27.76
C PRO A 353 -41.18 -9.35 -27.00
N ALA A 354 -41.88 -8.43 -27.65
CA ALA A 354 -43.12 -7.89 -27.10
C ALA A 354 -44.07 -9.01 -26.74
N ASP A 355 -44.75 -8.86 -25.62
CA ASP A 355 -45.67 -9.88 -25.13
C ASP A 355 -46.66 -9.21 -24.17
N PRO A 356 -47.83 -8.81 -24.64
CA PRO A 356 -48.77 -8.12 -23.75
C PRO A 356 -49.19 -8.94 -22.54
N SER A 357 -49.16 -10.27 -22.63
CA SER A 357 -49.58 -11.08 -21.49
C SER A 357 -48.60 -10.99 -20.33
N ARG A 358 -47.42 -10.39 -20.54
CA ARG A 358 -46.45 -10.16 -19.49
C ARG A 358 -46.07 -8.68 -19.37
N GLY A 359 -46.88 -7.79 -19.94
CA GLY A 359 -46.65 -6.37 -19.81
C GLY A 359 -45.51 -5.84 -20.65
N ILE A 360 -45.02 -6.61 -21.61
CA ILE A 360 -43.90 -6.21 -22.46
C ILE A 360 -44.48 -5.55 -23.71
N TYR A 361 -44.42 -4.22 -23.76
CA TYR A 361 -45.03 -3.47 -24.85
C TYR A 361 -44.16 -3.42 -26.09
N PHE A 362 -42.83 -3.48 -25.92
CA PHE A 362 -41.90 -3.31 -27.02
C PHE A 362 -40.91 -4.46 -27.07
N ASP A 363 -40.48 -4.82 -28.29
CA ASP A 363 -39.29 -5.65 -28.43
C ASP A 363 -38.10 -4.90 -27.83
N GLN A 364 -37.24 -5.60 -27.11
CA GLN A 364 -36.08 -4.99 -26.49
C GLN A 364 -34.82 -5.80 -26.78
N ASP A 365 -33.85 -5.15 -27.41
CA ASP A 365 -32.53 -5.70 -27.70
CA ASP A 365 -32.53 -5.70 -27.68
C ASP A 365 -31.54 -5.09 -26.72
N TRP A 366 -30.64 -5.92 -26.18
CA TRP A 366 -29.67 -5.43 -25.20
C TRP A 366 -28.25 -5.34 -25.74
N ALA A 367 -28.03 -5.75 -26.99
CA ALA A 367 -26.74 -5.59 -27.66
C ALA A 367 -25.57 -6.05 -26.78
N SER A 368 -25.72 -7.25 -26.22
CA SER A 368 -24.68 -7.96 -25.48
C SER A 368 -24.36 -7.36 -24.13
N MET A 369 -25.14 -6.40 -23.66
CA MET A 369 -25.00 -5.91 -22.29
C MET A 369 -25.30 -7.05 -21.33
N PRO A 370 -24.43 -7.31 -20.34
CA PRO A 370 -24.64 -8.45 -19.44
C PRO A 370 -25.97 -8.39 -18.70
N GLY A 371 -26.43 -9.57 -18.28
CA GLY A 371 -27.61 -9.65 -17.45
C GLY A 371 -27.34 -9.35 -15.98
N VAL A 372 -28.42 -9.03 -15.27
CA VAL A 372 -28.39 -8.71 -13.85
C VAL A 372 -29.08 -9.84 -13.10
N PHE A 373 -28.48 -10.31 -11.99
CA PHE A 373 -29.14 -11.29 -11.13
C PHE A 373 -30.43 -10.72 -10.55
N PRO A 374 -31.58 -11.31 -10.81
CA PRO A 374 -32.78 -10.98 -10.01
C PRO A 374 -32.59 -11.48 -8.59
N VAL A 375 -33.14 -10.73 -7.63
CA VAL A 375 -33.06 -11.06 -6.21
C VAL A 375 -34.49 -11.15 -5.68
N ALA A 376 -34.87 -12.35 -5.23
CA ALA A 376 -36.16 -12.59 -4.62
C ALA A 376 -35.99 -12.53 -3.11
N SER A 377 -36.69 -11.60 -2.48
CA SER A 377 -36.43 -11.28 -1.07
C SER A 377 -37.70 -10.72 -0.44
N GLY A 378 -37.98 -11.17 0.79
CA GLY A 378 -39.06 -10.59 1.58
C GLY A 378 -40.18 -11.53 1.93
N GLY A 379 -40.18 -12.01 3.17
CA GLY A 379 -41.26 -12.87 3.62
C GLY A 379 -41.29 -14.25 3.00
N ILE A 380 -40.14 -14.79 2.59
CA ILE A 380 -40.11 -16.15 2.05
C ILE A 380 -39.41 -17.08 3.02
N HIS A 381 -39.73 -18.37 2.91
CA HIS A 381 -39.19 -19.40 3.78
C HIS A 381 -39.10 -20.71 3.00
N VAL A 382 -38.67 -21.79 3.68
CA VAL A 382 -38.29 -23.02 3.00
C VAL A 382 -39.44 -23.57 2.14
N TRP A 383 -40.68 -23.42 2.59
CA TRP A 383 -41.77 -24.02 1.82
C TRP A 383 -41.93 -23.36 0.47
N HIS A 384 -41.42 -22.13 0.30
CA HIS A 384 -41.47 -21.44 -0.97
C HIS A 384 -40.40 -21.92 -1.95
N MET A 385 -39.45 -22.72 -1.51
CA MET A 385 -38.28 -22.99 -2.35
C MET A 385 -38.65 -23.63 -3.67
N PRO A 386 -39.54 -24.63 -3.72
CA PRO A 386 -39.88 -25.21 -5.03
C PRO A 386 -40.44 -24.19 -6.00
N GLU A 387 -41.34 -23.33 -5.56
CA GLU A 387 -41.91 -22.35 -6.48
C GLU A 387 -40.88 -21.28 -6.86
N LEU A 388 -40.03 -20.88 -5.92
CA LEU A 388 -39.00 -19.88 -6.25
C LEU A 388 -38.07 -20.40 -7.33
N VAL A 389 -37.64 -21.66 -7.22
CA VAL A 389 -36.77 -22.24 -8.24
C VAL A 389 -37.53 -22.34 -9.57
N THR A 390 -38.82 -22.63 -9.51
CA THR A 390 -39.63 -22.70 -10.72
C THR A 390 -39.76 -21.33 -11.39
N ILE A 391 -40.04 -20.29 -10.60
CA ILE A 391 -40.29 -18.96 -11.16
C ILE A 391 -39.01 -18.41 -11.80
N PHE A 392 -37.89 -18.50 -11.07
CA PHE A 392 -36.70 -17.75 -11.44
C PHE A 392 -35.61 -18.60 -12.08
N GLY A 393 -35.62 -19.91 -11.89
CA GLY A 393 -34.52 -20.72 -12.41
C GLY A 393 -33.24 -20.50 -11.61
N ASP A 394 -32.13 -20.93 -12.22
CA ASP A 394 -30.85 -20.93 -11.51
C ASP A 394 -30.29 -19.52 -11.28
N ASP A 395 -30.53 -18.59 -12.21
CA ASP A 395 -29.82 -17.31 -12.17
C ASP A 395 -30.66 -16.32 -11.36
N ALA A 396 -30.62 -16.51 -10.05
CA ALA A 396 -31.36 -15.69 -9.10
C ALA A 396 -30.63 -15.77 -7.76
N VAL A 397 -30.81 -14.73 -6.95
CA VAL A 397 -30.40 -14.73 -5.55
C VAL A 397 -31.68 -14.78 -4.73
N LEU A 398 -31.79 -15.79 -3.87
CA LEU A 398 -32.94 -15.96 -3.00
C LEU A 398 -32.51 -15.60 -1.58
N GLN A 399 -33.19 -14.63 -0.97
CA GLN A 399 -32.75 -14.06 0.30
C GLN A 399 -33.78 -14.32 1.39
N PHE A 400 -33.28 -14.79 2.52
CA PHE A 400 -34.09 -15.23 3.66
C PHE A 400 -33.53 -14.55 4.91
N GLY A 401 -34.15 -13.42 5.29
CA GLY A 401 -33.73 -12.72 6.49
C GLY A 401 -34.42 -13.30 7.70
N GLY A 402 -35.67 -12.92 7.93
CA GLY A 402 -36.47 -13.61 8.93
C GLY A 402 -36.47 -15.12 8.73
N GLY A 403 -36.41 -15.57 7.49
CA GLY A 403 -36.39 -17.00 7.18
C GLY A 403 -35.09 -17.70 7.56
N THR A 404 -34.08 -16.97 8.03
CA THR A 404 -32.86 -17.54 8.57
C THR A 404 -32.74 -17.22 10.05
N LEU A 405 -32.78 -15.94 10.42
CA LEU A 405 -32.64 -15.54 11.82
C LEU A 405 -33.87 -15.88 12.64
N GLY A 406 -34.97 -16.26 12.00
CA GLY A 406 -36.15 -16.75 12.69
C GLY A 406 -36.21 -18.24 12.89
N HIS A 407 -35.16 -18.96 12.53
CA HIS A 407 -35.09 -20.39 12.79
C HIS A 407 -34.98 -20.61 14.31
N PRO A 408 -35.68 -21.60 14.85
CA PRO A 408 -35.69 -21.75 16.32
C PRO A 408 -34.35 -22.12 16.92
N TRP A 409 -33.41 -22.61 16.12
CA TRP A 409 -32.10 -23.00 16.60
C TRP A 409 -31.02 -21.98 16.27
N GLY A 410 -31.40 -20.84 15.71
CA GLY A 410 -30.43 -19.79 15.40
C GLY A 410 -30.00 -19.78 13.96
N ASN A 411 -29.00 -18.91 13.69
CA ASN A 411 -28.70 -18.52 12.33
C ASN A 411 -28.01 -19.61 11.53
N ALA A 412 -27.06 -20.31 12.14
CA ALA A 412 -26.35 -21.35 11.39
C ALA A 412 -27.32 -22.43 10.96
N ALA A 413 -28.21 -22.85 11.88
CA ALA A 413 -29.22 -23.84 11.55
C ALA A 413 -30.18 -23.31 10.48
N GLY A 414 -30.63 -22.06 10.61
CA GLY A 414 -31.47 -21.49 9.59
C GLY A 414 -30.82 -21.44 8.22
N ALA A 415 -29.54 -21.08 8.19
CA ALA A 415 -28.81 -21.07 6.93
C ALA A 415 -28.74 -22.47 6.32
N THR A 416 -28.41 -23.46 7.14
CA THR A 416 -28.33 -24.84 6.65
C THR A 416 -29.69 -25.28 6.10
N ALA A 417 -30.77 -24.93 6.79
CA ALA A 417 -32.09 -25.34 6.33
C ALA A 417 -32.38 -24.80 4.93
N ASN A 418 -32.07 -23.52 4.70
CA ASN A 418 -32.35 -22.94 3.38
C ASN A 418 -31.42 -23.53 2.31
N ARG A 419 -30.16 -23.75 2.64
CA ARG A 419 -29.24 -24.34 1.67
C ARG A 419 -29.63 -25.76 1.31
N VAL A 420 -30.02 -26.55 2.32
CA VAL A 420 -30.48 -27.92 2.05
C VAL A 420 -31.74 -27.89 1.19
N ALA A 421 -32.73 -27.07 1.57
CA ALA A 421 -33.95 -27.00 0.79
C ALA A 421 -33.65 -26.66 -0.66
N LEU A 422 -32.78 -25.67 -0.88
CA LEU A 422 -32.46 -25.27 -2.25
C LEU A 422 -31.81 -26.41 -3.02
N GLU A 423 -30.79 -27.05 -2.43
CA GLU A 423 -30.06 -28.08 -3.16
C GLU A 423 -30.93 -29.31 -3.41
N ALA A 424 -31.82 -29.65 -2.49
CA ALA A 424 -32.71 -30.78 -2.74
C ALA A 424 -33.65 -30.48 -3.89
N VAL A 425 -34.18 -29.25 -3.95
CA VAL A 425 -35.09 -28.87 -5.04
C VAL A 425 -34.34 -28.87 -6.37
N VAL A 426 -33.14 -28.31 -6.41
CA VAL A 426 -32.35 -28.27 -7.64
C VAL A 426 -32.05 -29.69 -8.11
N GLN A 427 -31.55 -30.54 -7.19
CA GLN A 427 -31.26 -31.92 -7.55
C GLN A 427 -32.48 -32.60 -8.16
N ALA A 428 -33.65 -32.46 -7.51
CA ALA A 428 -34.85 -33.12 -7.98
C ALA A 428 -35.28 -32.60 -9.36
N ARG A 429 -35.18 -31.29 -9.57
CA ARG A 429 -35.45 -30.73 -10.89
C ARG A 429 -34.56 -31.35 -11.94
N ASN A 430 -33.26 -31.38 -11.68
CA ASN A 430 -32.31 -31.94 -12.65
C ASN A 430 -32.60 -33.41 -12.93
N GLU A 431 -33.08 -34.15 -11.94
CA GLU A 431 -33.47 -35.54 -12.15
C GLU A 431 -34.74 -35.69 -12.96
N GLY A 432 -35.44 -34.59 -13.23
CA GLY A 432 -36.65 -34.64 -14.03
C GLY A 432 -37.94 -34.66 -13.24
N ARG A 433 -37.89 -34.46 -11.94
CA ARG A 433 -39.12 -34.41 -11.16
C ARG A 433 -39.81 -33.08 -11.35
N ASP A 434 -41.13 -33.09 -11.23
CA ASP A 434 -41.95 -31.88 -11.34
C ASP A 434 -41.92 -31.20 -9.98
N ILE A 435 -41.09 -30.17 -9.84
CA ILE A 435 -40.84 -29.66 -8.49
C ILE A 435 -42.01 -28.84 -7.96
N LEU A 436 -42.89 -28.35 -8.83
CA LEU A 436 -44.11 -27.69 -8.35
C LEU A 436 -45.09 -28.72 -7.80
N ALA A 437 -45.32 -29.81 -8.53
CA ALA A 437 -46.25 -30.82 -8.07
C ALA A 437 -45.67 -31.62 -6.90
N GLU A 438 -44.36 -31.85 -6.92
CA GLU A 438 -43.71 -32.71 -5.92
C GLU A 438 -42.94 -31.93 -4.88
N GLY A 439 -43.07 -30.61 -4.87
CA GLY A 439 -42.23 -29.79 -4.01
C GLY A 439 -42.34 -30.15 -2.54
N ARG A 440 -43.55 -30.38 -2.05
CA ARG A 440 -43.70 -30.76 -0.65
C ARG A 440 -43.05 -32.09 -0.37
N GLU A 441 -43.09 -33.02 -1.33
CA GLU A 441 -42.48 -34.32 -1.14
C GLU A 441 -40.95 -34.22 -1.13
N ILE A 442 -40.39 -33.38 -2.01
CA ILE A 442 -38.95 -33.20 -2.06
C ILE A 442 -38.43 -32.64 -0.75
N LEU A 443 -39.13 -31.62 -0.21
CA LEU A 443 -38.72 -31.06 1.07
C LEU A 443 -38.86 -32.08 2.20
N LYS A 444 -39.95 -32.86 2.18
CA LYS A 444 -40.14 -33.92 3.15
C LYS A 444 -38.97 -34.92 3.10
N GLU A 445 -38.59 -35.32 1.88
CA GLU A 445 -37.48 -36.25 1.75
C GLU A 445 -36.19 -35.67 2.35
N ALA A 446 -35.90 -34.40 2.06
CA ALA A 446 -34.66 -33.81 2.56
C ALA A 446 -34.70 -33.67 4.08
N ALA A 447 -35.87 -33.42 4.65
CA ALA A 447 -35.99 -33.30 6.10
C ALA A 447 -35.74 -34.61 6.83
N ARG A 448 -35.79 -35.75 6.12
CA ARG A 448 -35.52 -37.02 6.77
C ARG A 448 -34.10 -37.08 7.31
N TRP A 449 -33.16 -36.43 6.63
CA TRP A 449 -31.77 -36.43 7.07
C TRP A 449 -31.26 -35.06 7.49
N SER A 450 -32.05 -34.00 7.31
CA SER A 450 -31.67 -32.65 7.72
C SER A 450 -32.56 -32.17 8.85
N PRO A 451 -32.13 -32.29 10.11
CA PRO A 451 -32.97 -31.78 11.21
C PRO A 451 -33.18 -30.27 11.13
N GLU A 452 -32.19 -29.55 10.60
CA GLU A 452 -32.35 -28.11 10.45
C GLU A 452 -33.51 -27.78 9.51
N LEU A 453 -33.60 -28.48 8.37
CA LEU A 453 -34.73 -28.25 7.48
C LEU A 453 -36.03 -28.68 8.12
N ARG A 454 -36.04 -29.83 8.81
CA ARG A 454 -37.23 -30.28 9.50
C ARG A 454 -37.78 -29.19 10.41
N ALA A 455 -36.91 -28.57 11.21
CA ALA A 455 -37.37 -27.57 12.16
C ALA A 455 -37.85 -26.30 11.46
N ALA A 456 -37.18 -25.91 10.37
CA ALA A 456 -37.67 -24.76 9.59
C ALA A 456 -39.06 -25.03 9.03
N MET A 457 -39.27 -26.22 8.47
CA MET A 457 -40.58 -26.55 7.93
C MET A 457 -41.65 -26.53 9.00
N GLU A 458 -41.33 -27.03 10.20
CA GLU A 458 -42.26 -26.96 11.32
C GLU A 458 -42.59 -25.51 11.67
N THR A 459 -41.59 -24.64 11.65
CA THR A 459 -41.78 -23.27 12.12
C THR A 459 -42.74 -22.50 11.24
N TRP A 460 -42.66 -22.68 9.92
CA TRP A 460 -43.44 -21.88 8.98
C TRP A 460 -44.46 -22.69 8.19
N LYS A 461 -44.83 -23.88 8.70
CA LYS A 461 -45.90 -24.66 8.10
C LYS A 461 -47.15 -23.80 7.90
N ASP A 462 -47.69 -23.85 6.69
CA ASP A 462 -48.91 -23.14 6.31
C ASP A 462 -48.82 -21.60 6.46
N ILE A 463 -47.63 -21.03 6.58
CA ILE A 463 -47.50 -19.57 6.53
C ILE A 463 -47.46 -19.16 5.05
N LYS A 464 -48.45 -18.37 4.63
CA LYS A 464 -48.56 -17.94 3.26
C LYS A 464 -48.93 -16.46 3.22
N PHE A 465 -48.69 -15.83 2.07
CA PHE A 465 -49.04 -14.44 1.83
C PHE A 465 -49.86 -14.41 0.55
N GLU A 466 -51.18 -14.38 0.68
CA GLU A 466 -52.10 -14.46 -0.45
C GLU A 466 -53.13 -13.36 -0.30
N PHE A 467 -53.00 -12.32 -1.15
CA PHE A 467 -53.86 -11.16 -1.13
C PHE A 467 -54.24 -10.81 -2.56
N GLU A 468 -55.30 -10.02 -2.71
CA GLU A 468 -55.66 -9.52 -4.02
C GLU A 468 -54.58 -8.54 -4.49
N THR A 469 -54.14 -8.72 -5.72
CA THR A 469 -53.05 -7.90 -6.26
C THR A 469 -53.58 -6.55 -6.73
N VAL A 470 -52.93 -5.47 -6.30
CA VAL A 470 -53.34 -4.13 -6.72
C VAL A 470 -52.92 -3.86 -8.16
N ASP A 471 -51.67 -4.19 -8.50
CA ASP A 471 -51.10 -3.87 -9.80
C ASP A 471 -51.17 -5.10 -10.70
N THR A 472 -52.28 -5.22 -11.44
CA THR A 472 -52.47 -6.32 -12.37
C THR A 472 -52.59 -5.80 -13.79
N LEU A 473 -52.35 -6.69 -14.75
CA LEU A 473 -52.50 -6.35 -16.15
C LEU A 473 -53.97 -6.26 -16.56
N ASP A 474 -54.24 -5.45 -17.58
CA ASP A 474 -55.60 -5.36 -18.12
C ASP A 474 -56.08 -6.73 -18.57
N VAL A 475 -57.37 -6.98 -18.38
CA VAL A 475 -57.97 -8.27 -18.70
C VAL A 475 -58.30 -8.36 -20.20
N MET B 1 -14.91 -28.81 4.91
CA MET B 1 -14.69 -28.34 3.52
C MET B 1 -15.92 -28.65 2.67
N HIS B 2 -16.73 -27.62 2.43
CA HIS B 2 -17.84 -27.72 1.49
C HIS B 2 -17.35 -27.36 0.10
N THR B 3 -18.04 -27.89 -0.91
CA THR B 3 -17.57 -27.87 -2.28
C THR B 3 -18.65 -27.35 -3.22
N GLU B 4 -19.44 -26.39 -2.74
CA GLU B 4 -20.48 -25.72 -3.53
C GLU B 4 -21.60 -26.68 -3.88
N THR B 5 -22.11 -26.64 -5.12
CA THR B 5 -23.43 -27.20 -5.39
C THR B 5 -23.51 -28.67 -5.01
N PHE B 6 -24.55 -29.00 -4.23
CA PHE B 6 -24.90 -30.31 -3.68
C PHE B 6 -24.01 -30.72 -2.50
N SER B 7 -23.11 -29.84 -2.04
CA SER B 7 -22.25 -30.18 -0.92
C SER B 7 -23.02 -30.36 0.38
N TYR B 8 -24.23 -29.81 0.47
CA TYR B 8 -25.03 -29.93 1.68
C TYR B 8 -26.00 -31.10 1.62
N LEU B 9 -25.99 -31.86 0.54
CA LEU B 9 -26.74 -33.11 0.43
C LEU B 9 -25.84 -34.28 0.77
N PRO B 10 -26.40 -35.42 1.17
CA PRO B 10 -25.58 -36.61 1.32
C PRO B 10 -24.84 -36.92 0.04
N PRO B 11 -23.68 -37.54 0.12
CA PRO B 11 -22.94 -37.91 -1.10
C PRO B 11 -23.84 -38.62 -2.09
N LEU B 12 -23.73 -38.24 -3.35
CA LEU B 12 -24.54 -38.84 -4.40
C LEU B 12 -24.06 -40.24 -4.73
N THR B 13 -25.02 -41.14 -4.94
CA THR B 13 -24.73 -42.45 -5.51
C THR B 13 -24.33 -42.32 -6.97
N ASP B 14 -23.77 -43.41 -7.52
CA ASP B 14 -23.43 -43.40 -8.93
C ASP B 14 -24.66 -43.16 -9.79
N GLU B 15 -25.80 -43.72 -9.40
CA GLU B 15 -27.01 -43.51 -10.19
C GLU B 15 -27.48 -42.07 -10.09
N GLU B 16 -27.34 -41.44 -8.91
CA GLU B 16 -27.69 -40.04 -8.78
C GLU B 16 -26.74 -39.15 -9.58
N ILE B 17 -25.44 -39.48 -9.57
CA ILE B 17 -24.49 -38.76 -10.40
C ILE B 17 -24.88 -38.87 -11.88
N LYS B 18 -25.20 -40.09 -12.31
CA LYS B 18 -25.53 -40.29 -13.72
C LYS B 18 -26.75 -39.48 -14.12
N LYS B 19 -27.73 -39.33 -13.23
CA LYS B 19 -28.90 -38.52 -13.53
C LYS B 19 -28.52 -37.05 -13.75
N GLN B 20 -27.54 -36.55 -13.00
CA GLN B 20 -27.06 -35.19 -13.24
C GLN B 20 -26.36 -35.09 -14.59
N VAL B 21 -25.61 -36.12 -14.97
CA VAL B 21 -24.98 -36.10 -16.28
C VAL B 21 -26.04 -36.14 -17.37
N GLU B 22 -27.09 -36.95 -17.18
CA GLU B 22 -28.18 -36.98 -18.16
C GLU B 22 -28.85 -35.63 -18.29
N TYR B 23 -28.96 -34.89 -17.18
CA TYR B 23 -29.54 -33.55 -17.23
C TYR B 23 -28.67 -32.63 -18.08
N ILE B 24 -27.35 -32.72 -17.92
CA ILE B 24 -26.44 -31.92 -18.74
C ILE B 24 -26.64 -32.23 -20.22
N LEU B 25 -26.61 -33.52 -20.57
CA LEU B 25 -26.70 -33.90 -21.98
C LEU B 25 -28.07 -33.59 -22.57
N LYS B 26 -29.13 -33.85 -21.80
CA LYS B 26 -30.49 -33.58 -22.26
C LYS B 26 -30.67 -32.12 -22.70
N ASN B 27 -29.99 -31.20 -22.03
CA ASN B 27 -30.11 -29.78 -22.32
C ASN B 27 -29.09 -29.30 -23.34
N GLY B 28 -28.36 -30.21 -23.97
CA GLY B 28 -27.40 -29.81 -24.99
C GLY B 28 -26.12 -29.23 -24.46
N TRP B 29 -25.83 -29.42 -23.18
CA TRP B 29 -24.62 -28.89 -22.57
C TRP B 29 -23.52 -29.94 -22.59
N ILE B 30 -22.31 -29.49 -22.32
CA ILE B 30 -21.10 -30.29 -22.48
C ILE B 30 -20.68 -30.80 -21.11
N PRO B 31 -20.63 -32.10 -20.89
CA PRO B 31 -20.15 -32.61 -19.59
C PRO B 31 -18.64 -32.62 -19.53
N GLY B 32 -18.12 -32.45 -18.32
CA GLY B 32 -16.69 -32.47 -18.08
C GLY B 32 -16.39 -33.01 -16.71
N ILE B 33 -15.11 -33.26 -16.48
CA ILE B 33 -14.61 -33.80 -15.21
C ILE B 33 -13.39 -32.99 -14.80
N GLU B 34 -13.37 -32.56 -13.54
CA GLU B 34 -12.25 -31.85 -12.95
C GLU B 34 -11.89 -32.50 -11.62
N TYR B 35 -10.66 -32.29 -11.17
CA TYR B 35 -10.21 -32.92 -9.93
C TYR B 35 -9.08 -32.12 -9.32
N THR B 36 -8.91 -32.28 -8.01
CA THR B 36 -7.87 -31.55 -7.30
C THR B 36 -7.65 -32.16 -5.93
N ASP B 37 -6.48 -31.87 -5.36
CA ASP B 37 -6.23 -32.08 -3.94
C ASP B 37 -6.15 -30.76 -3.17
N GLU B 38 -6.45 -29.63 -3.83
CA GLU B 38 -6.46 -28.30 -3.21
C GLU B 38 -7.80 -27.63 -3.45
N PRO B 39 -8.85 -28.07 -2.74
CA PRO B 39 -10.23 -27.67 -3.08
C PRO B 39 -10.72 -26.34 -2.53
N GLY B 40 -9.92 -25.58 -1.78
CA GLY B 40 -10.44 -24.42 -1.08
C GLY B 40 -10.89 -23.23 -1.90
N PRO B 41 -11.25 -22.14 -1.21
CA PRO B 41 -11.84 -20.98 -1.90
C PRO B 41 -10.83 -20.16 -2.69
N HIS B 42 -9.55 -20.49 -2.63
CA HIS B 42 -8.53 -19.80 -3.41
C HIS B 42 -8.41 -20.34 -4.83
N ASN B 43 -8.98 -21.50 -5.13
CA ASN B 43 -8.66 -22.24 -6.33
C ASN B 43 -9.80 -22.21 -7.34
N SER B 44 -9.65 -21.37 -8.38
CA SER B 44 -10.64 -21.30 -9.44
C SER B 44 -10.47 -22.40 -10.49
N TYR B 45 -9.32 -23.08 -10.52
CA TYR B 45 -8.94 -23.92 -11.67
C TYR B 45 -8.51 -25.30 -11.18
N TRP B 46 -9.49 -26.16 -10.91
CA TRP B 46 -9.19 -27.57 -10.70
C TRP B 46 -8.60 -28.17 -11.98
N SER B 47 -7.85 -29.26 -11.81
CA SER B 47 -7.27 -29.94 -12.96
C SER B 47 -8.34 -30.49 -13.88
N PHE B 48 -8.19 -30.23 -15.18
CA PHE B 48 -8.98 -30.93 -16.19
C PHE B 48 -8.59 -32.41 -16.25
N TRP B 49 -9.59 -33.29 -16.23
CA TRP B 49 -9.42 -34.67 -16.66
C TRP B 49 -9.74 -34.68 -18.15
N LYS B 50 -8.69 -34.77 -18.98
CA LYS B 50 -8.82 -34.68 -20.45
C LYS B 50 -9.35 -33.28 -20.78
N LEU B 51 -10.21 -33.15 -21.78
CA LEU B 51 -10.90 -31.92 -22.08
C LEU B 51 -12.38 -32.10 -21.81
N PRO B 52 -13.15 -31.01 -21.73
CA PRO B 52 -14.61 -31.14 -21.72
C PRO B 52 -15.04 -32.04 -22.87
N PHE B 53 -16.04 -32.88 -22.61
CA PHE B 53 -16.37 -33.98 -23.53
C PHE B 53 -17.35 -33.48 -24.59
N PHE B 54 -16.79 -32.67 -25.50
CA PHE B 54 -17.60 -32.06 -26.55
C PHE B 54 -18.36 -33.10 -27.36
N ASN B 55 -17.78 -34.28 -27.53
CA ASN B 55 -18.34 -35.32 -28.39
C ASN B 55 -19.15 -36.36 -27.64
N ALA B 56 -19.27 -36.25 -26.32
CA ALA B 56 -19.98 -37.27 -25.56
C ALA B 56 -21.43 -37.32 -26.00
N GLU B 57 -21.93 -38.53 -26.21
CA GLU B 57 -23.32 -38.74 -26.61
C GLU B 57 -24.18 -39.37 -25.54
N THR B 58 -23.60 -40.11 -24.58
CA THR B 58 -24.37 -40.82 -23.57
C THR B 58 -23.80 -40.53 -22.18
N ALA B 59 -24.67 -40.62 -21.18
CA ALA B 59 -24.22 -40.46 -19.80
C ALA B 59 -23.23 -41.53 -19.41
N GLU B 60 -23.35 -42.74 -19.98
CA GLU B 60 -22.46 -43.83 -19.57
C GLU B 60 -21.01 -43.54 -19.97
N GLU B 61 -20.79 -42.95 -21.15
CA GLU B 61 -19.43 -42.54 -21.51
C GLU B 61 -18.80 -41.70 -20.42
N VAL B 62 -19.56 -40.75 -19.87
CA VAL B 62 -19.02 -39.84 -18.87
C VAL B 62 -18.76 -40.57 -17.57
N MET B 63 -19.66 -41.49 -17.19
CA MET B 63 -19.47 -42.25 -15.97
C MET B 63 -18.23 -43.13 -16.06
N GLU B 64 -17.92 -43.63 -17.25
CA GLU B 64 -16.71 -44.43 -17.43
C GLU B 64 -15.46 -43.58 -17.25
N GLU B 65 -15.48 -42.35 -17.76
CA GLU B 65 -14.34 -41.46 -17.55
C GLU B 65 -14.22 -41.05 -16.08
N LEU B 66 -15.35 -40.89 -15.39
CA LEU B 66 -15.31 -40.58 -13.97
C LEU B 66 -14.64 -41.69 -13.18
N GLU B 67 -14.98 -42.95 -13.49
CA GLU B 67 -14.34 -44.07 -12.80
C GLU B 67 -12.84 -44.10 -13.10
N ALA B 68 -12.46 -43.82 -14.35
CA ALA B 68 -11.05 -43.77 -14.69
C ALA B 68 -10.33 -42.66 -13.92
N CYS B 69 -10.93 -41.47 -13.86
CA CYS B 69 -10.32 -40.38 -13.09
C CYS B 69 -10.15 -40.78 -11.64
N ARG B 70 -11.18 -41.39 -11.05
CA ARG B 70 -11.09 -41.82 -9.66
C ARG B 70 -9.98 -42.86 -9.47
N GLU B 71 -9.94 -43.86 -10.34
CA GLU B 71 -8.89 -44.88 -10.26
C GLU B 71 -7.51 -44.25 -10.30
N ALA B 72 -7.34 -43.22 -11.14
CA ALA B 72 -6.04 -42.60 -11.31
C ALA B 72 -5.73 -41.58 -10.21
N ASN B 73 -6.75 -41.04 -9.55
CA ASN B 73 -6.57 -39.96 -8.57
C ASN B 73 -7.44 -40.22 -7.35
N PRO B 74 -7.23 -41.35 -6.68
CA PRO B 74 -8.10 -41.71 -5.54
C PRO B 74 -7.96 -40.79 -4.34
N ASP B 75 -6.91 -39.97 -4.28
CA ASP B 75 -6.66 -39.02 -3.22
CA ASP B 75 -6.75 -39.04 -3.17
C ASP B 75 -7.24 -37.64 -3.51
N CYS B 76 -7.99 -37.48 -4.60
CA CYS B 76 -8.47 -36.18 -5.03
C CYS B 76 -9.98 -36.07 -4.93
N TYR B 77 -10.45 -34.84 -4.78
CA TYR B 77 -11.83 -34.49 -5.04
C TYR B 77 -12.08 -34.50 -6.54
N ILE B 78 -13.22 -35.03 -6.97
CA ILE B 78 -13.56 -35.10 -8.38
C ILE B 78 -14.95 -34.51 -8.57
N LYS B 79 -15.06 -33.58 -9.50
CA LYS B 79 -16.35 -32.96 -9.79
C LYS B 79 -16.76 -33.23 -11.23
N ILE B 80 -18.07 -33.28 -11.42
CA ILE B 80 -18.71 -33.28 -12.73
C ILE B 80 -19.10 -31.84 -13.05
N THR B 81 -18.85 -31.43 -14.29
CA THR B 81 -19.21 -30.10 -14.75
C THR B 81 -20.12 -30.20 -15.97
N GLY B 82 -20.95 -29.18 -16.13
CA GLY B 82 -21.73 -29.01 -17.35
C GLY B 82 -21.52 -27.61 -17.88
N TYR B 83 -21.34 -27.51 -19.21
CA TYR B 83 -20.85 -26.27 -19.80
C TYR B 83 -21.71 -25.87 -20.99
N ASP B 84 -22.02 -24.57 -21.06
CA ASP B 84 -22.81 -23.99 -22.14
C ASP B 84 -21.98 -22.93 -22.85
N ASN B 85 -21.65 -23.18 -24.12
CA ASN B 85 -20.86 -22.22 -24.87
C ASN B 85 -21.66 -21.01 -25.33
N ILE B 86 -23.00 -21.09 -25.29
CA ILE B 86 -23.81 -19.95 -25.72
C ILE B 86 -23.79 -18.84 -24.67
N ARG B 87 -24.10 -19.17 -23.42
CA ARG B 87 -23.90 -18.19 -22.35
C ARG B 87 -22.42 -18.04 -22.03
N GLN B 88 -21.61 -19.00 -22.45
CA GLN B 88 -20.19 -19.11 -22.14
C GLN B 88 -19.95 -19.10 -20.62
N GLY B 89 -20.34 -20.20 -20.01
CA GLY B 89 -20.05 -20.44 -18.61
C GLY B 89 -20.57 -21.81 -18.22
N GLN B 90 -20.08 -22.28 -17.08
CA GLN B 90 -20.56 -23.56 -16.56
C GLN B 90 -21.98 -23.40 -16.02
N VAL B 91 -22.83 -24.38 -16.32
CA VAL B 91 -24.21 -24.39 -15.87
C VAL B 91 -24.42 -25.26 -14.65
N LEU B 92 -23.42 -26.05 -14.26
CA LEU B 92 -23.50 -26.96 -13.13
C LEU B 92 -22.09 -27.44 -12.83
N SER B 93 -21.75 -27.47 -11.55
CA SER B 93 -20.49 -28.03 -11.09
C SER B 93 -20.73 -28.60 -9.69
N PHE B 94 -20.48 -29.90 -9.52
CA PHE B 94 -20.69 -30.54 -8.23
C PHE B 94 -19.68 -31.66 -8.03
N VAL B 95 -19.34 -31.91 -6.76
CA VAL B 95 -18.37 -32.95 -6.43
C VAL B 95 -19.07 -34.31 -6.46
N ALA B 96 -18.50 -35.24 -7.24
CA ALA B 96 -19.03 -36.58 -7.35
C ALA B 96 -18.28 -37.58 -6.46
N TYR B 97 -17.03 -37.30 -6.16
CA TYR B 97 -16.19 -38.20 -5.36
C TYR B 97 -15.32 -37.37 -4.43
N ARG B 98 -15.34 -37.72 -3.17
CA ARG B 98 -14.44 -37.17 -2.16
C ARG B 98 -13.43 -38.24 -1.75
N PRO B 99 -12.20 -37.85 -1.46
CA PRO B 99 -11.20 -38.83 -1.02
C PRO B 99 -11.49 -39.30 0.40
N HIS B 100 -10.85 -40.42 0.77
CA HIS B 100 -11.12 -41.02 2.07
C HIS B 100 -10.84 -40.06 3.21
N HIS B 101 -9.79 -39.23 3.08
CA HIS B 101 -9.42 -38.31 4.15
C HIS B 101 -10.38 -37.11 4.29
N HIS B 102 -11.51 -37.09 3.59
CA HIS B 102 -12.50 -36.03 3.75
C HIS B 102 -13.13 -36.11 5.15
N ALA C 9 13.49 45.09 -56.07
CA ALA C 9 12.86 43.95 -55.41
C ALA C 9 13.63 43.56 -54.14
N ALA C 10 12.90 43.46 -53.03
CA ALA C 10 13.51 43.11 -51.75
C ALA C 10 14.26 41.79 -51.81
N TYR C 11 13.74 40.84 -52.57
CA TYR C 11 14.31 39.51 -52.71
C TYR C 11 13.70 38.94 -53.98
N GLU C 12 14.09 37.70 -54.35
CA GLU C 12 13.67 37.16 -55.65
C GLU C 12 12.46 36.25 -55.46
N ALA C 13 11.27 36.84 -55.48
CA ALA C 13 10.04 36.08 -55.32
C ALA C 13 9.80 35.18 -56.53
N GLY C 14 9.01 34.14 -56.31
CA GLY C 14 8.61 33.22 -57.37
C GLY C 14 9.18 31.83 -57.16
N VAL C 15 8.81 30.94 -58.08
CA VAL C 15 9.10 29.52 -57.97
C VAL C 15 10.46 29.20 -58.57
N LYS C 16 11.29 28.49 -57.80
CA LYS C 16 12.55 27.92 -58.28
C LYS C 16 12.43 26.39 -58.30
N GLU C 17 13.33 25.75 -59.01
CA GLU C 17 13.46 24.31 -58.91
C GLU C 17 14.10 23.94 -57.57
N TYR C 18 13.57 22.90 -56.93
CA TYR C 18 14.11 22.47 -55.65
C TYR C 18 15.60 22.11 -55.76
N ARG C 19 16.03 21.59 -56.92
CA ARG C 19 17.40 21.08 -57.00
C ARG C 19 18.42 22.19 -56.94
N GLN C 20 18.01 23.43 -57.21
CA GLN C 20 18.93 24.56 -57.13
C GLN C 20 19.49 24.73 -55.72
N THR C 21 18.70 24.40 -54.71
CA THR C 21 19.06 24.58 -53.31
C THR C 21 19.28 23.29 -52.54
N TYR C 22 18.61 22.19 -52.92
CA TYR C 22 18.54 21.02 -52.08
C TYR C 22 19.19 19.78 -52.68
N TYR C 23 19.81 19.89 -53.85
CA TYR C 23 20.62 18.82 -54.42
C TYR C 23 22.08 19.24 -54.34
N ASP C 24 22.88 18.49 -53.59
CA ASP C 24 24.31 18.79 -53.41
C ASP C 24 25.11 17.49 -53.50
N PRO C 25 25.42 17.04 -54.72
CA PRO C 25 26.09 15.74 -54.87
C PRO C 25 27.53 15.73 -54.38
N ASP C 26 28.08 16.87 -53.96
CA ASP C 26 29.41 16.93 -53.38
C ASP C 26 29.39 17.14 -51.87
N TYR C 27 28.23 17.04 -51.24
CA TYR C 27 28.16 17.17 -49.78
C TYR C 27 28.69 15.91 -49.11
N THR C 28 29.53 16.09 -48.10
CA THR C 28 30.00 14.98 -47.28
C THR C 28 29.21 14.97 -45.98
N PRO C 29 28.43 13.93 -45.68
CA PRO C 29 27.67 13.94 -44.43
C PRO C 29 28.58 14.02 -43.20
N LYS C 30 28.09 14.72 -42.19
CA LYS C 30 28.74 14.74 -40.89
C LYS C 30 28.31 13.53 -40.08
N ASP C 31 29.15 13.16 -39.09
CA ASP C 31 28.80 12.03 -38.24
C ASP C 31 27.59 12.31 -37.36
N THR C 32 27.18 13.57 -37.22
CA THR C 32 25.97 13.89 -36.49
C THR C 32 24.73 14.01 -37.37
N ASP C 33 24.87 13.96 -38.69
CA ASP C 33 23.70 14.05 -39.56
C ASP C 33 22.85 12.79 -39.43
N ILE C 34 21.53 12.98 -39.46
CA ILE C 34 20.61 11.89 -39.74
C ILE C 34 20.59 11.66 -41.24
N LEU C 35 20.78 10.41 -41.66
CA LEU C 35 20.75 10.07 -43.08
C LEU C 35 19.52 9.22 -43.40
N ALA C 36 18.94 9.45 -44.57
CA ALA C 36 17.83 8.65 -45.06
C ALA C 36 18.14 8.15 -46.47
N ALA C 37 17.74 6.92 -46.75
CA ALA C 37 17.81 6.34 -48.09
C ALA C 37 16.37 6.12 -48.54
N PHE C 38 15.96 6.86 -49.56
CA PHE C 38 14.61 6.79 -50.13
C PHE C 38 14.66 6.12 -51.50
N ARG C 39 13.80 5.11 -51.71
CA ARG C 39 13.55 4.59 -53.04
C ARG C 39 12.48 5.46 -53.68
N ILE C 40 12.84 6.21 -54.71
CA ILE C 40 11.98 7.25 -55.27
C ILE C 40 11.66 6.91 -56.72
N THR C 41 10.38 7.06 -57.07
CA THR C 41 9.89 6.86 -58.44
C THR C 41 9.36 8.19 -58.95
N PRO C 42 10.16 8.95 -59.71
CA PRO C 42 9.68 10.24 -60.21
C PRO C 42 8.58 10.07 -61.25
N GLN C 43 7.72 11.09 -61.35
CA GLN C 43 6.84 11.17 -62.50
C GLN C 43 7.68 11.28 -63.78
N PRO C 44 7.18 10.79 -64.91
CA PRO C 44 7.88 11.05 -66.17
C PRO C 44 7.95 12.55 -66.42
N GLY C 45 9.10 12.99 -66.90
CA GLY C 45 9.33 14.40 -67.12
C GLY C 45 9.94 15.14 -65.95
N VAL C 46 9.95 14.55 -64.77
CA VAL C 46 10.57 15.14 -63.58
C VAL C 46 11.97 14.57 -63.46
N PRO C 47 13.03 15.38 -63.54
CA PRO C 47 14.38 14.85 -63.37
C PRO C 47 14.51 14.16 -62.03
N PRO C 48 15.20 13.01 -61.98
CA PRO C 48 15.34 12.32 -60.68
C PRO C 48 15.90 13.20 -59.58
N GLU C 49 16.86 14.07 -59.91
CA GLU C 49 17.43 14.89 -58.86
C GLU C 49 16.47 16.01 -58.42
N GLU C 50 15.55 16.41 -59.28
CA GLU C 50 14.51 17.35 -58.86
C GLU C 50 13.52 16.68 -57.91
N ALA C 51 13.12 15.44 -58.23
CA ALA C 51 12.23 14.72 -57.32
C ALA C 51 12.90 14.47 -55.98
N ALA C 52 14.18 14.08 -55.99
CA ALA C 52 14.92 13.87 -54.75
C ALA C 52 15.08 15.18 -54.00
N ALA C 53 15.34 16.28 -54.71
CA ALA C 53 15.47 17.57 -54.05
C ALA C 53 14.16 18.03 -53.46
N ALA C 54 13.03 17.72 -54.12
CA ALA C 54 11.73 18.03 -53.53
C ALA C 54 11.54 17.30 -52.20
N VAL C 55 11.92 16.02 -52.14
CA VAL C 55 11.82 15.29 -50.89
C VAL C 55 12.70 15.92 -49.82
N ALA C 56 13.95 16.23 -50.17
CA ALA C 56 14.85 16.86 -49.22
C ALA C 56 14.28 18.20 -48.72
N ALA C 57 13.80 19.02 -49.65
CA ALA C 57 13.30 20.34 -49.27
C ALA C 57 12.09 20.25 -48.37
N GLU C 58 11.10 19.44 -48.76
CA GLU C 58 9.81 19.45 -48.08
C GLU C 58 9.79 18.56 -46.86
N SER C 59 10.92 17.93 -46.52
CA SER C 59 11.10 17.25 -45.24
C SER C 59 12.09 18.01 -44.35
N SER C 60 12.48 19.23 -44.73
CA SER C 60 13.41 19.98 -43.90
C SER C 60 13.00 21.45 -43.78
N THR C 61 13.34 22.28 -44.76
CA THR C 61 13.16 23.73 -44.64
C THR C 61 12.37 24.40 -45.76
N GLY C 62 12.09 23.72 -46.86
CA GLY C 62 11.61 24.37 -48.06
C GLY C 62 10.12 24.23 -48.30
N THR C 63 9.58 25.12 -49.14
CA THR C 63 8.26 24.93 -49.72
C THR C 63 8.35 25.23 -51.22
N TRP C 64 7.21 25.50 -51.85
CA TRP C 64 7.07 25.43 -53.30
C TRP C 64 7.43 26.73 -54.02
N THR C 65 7.69 27.81 -53.28
CA THR C 65 8.03 29.11 -53.84
C THR C 65 8.96 29.79 -52.86
N THR C 66 9.72 30.76 -53.36
CA THR C 66 10.74 31.41 -52.53
C THR C 66 10.07 32.33 -51.50
N VAL C 67 10.54 32.25 -50.26
CA VAL C 67 10.02 33.08 -49.18
C VAL C 67 11.14 33.94 -48.62
N TRP C 68 10.83 35.22 -48.36
CA TRP C 68 11.85 36.15 -47.88
C TRP C 68 12.35 35.75 -46.50
N SER C 69 11.51 35.06 -45.73
CA SER C 69 11.86 34.71 -44.36
C SER C 69 13.01 33.70 -44.28
N ASP C 70 13.37 33.04 -45.38
CA ASP C 70 14.62 32.27 -45.40
C ASP C 70 15.79 33.12 -44.94
N LEU C 71 15.78 34.39 -45.31
CA LEU C 71 16.92 35.27 -45.07
C LEU C 71 17.03 35.69 -43.61
N LEU C 72 16.03 35.39 -42.79
CA LEU C 72 16.13 35.59 -41.35
C LEU C 72 17.01 34.55 -40.67
N THR C 73 17.26 33.41 -41.32
CA THR C 73 18.03 32.34 -40.71
C THR C 73 19.14 31.91 -41.66
N ASP C 74 19.89 30.90 -41.23
CA ASP C 74 21.04 30.40 -41.96
C ASP C 74 20.61 29.10 -42.64
N LEU C 75 19.98 29.24 -43.80
CA LEU C 75 19.40 28.10 -44.48
C LEU C 75 20.47 27.06 -44.79
N ASP C 76 21.68 27.50 -45.14
CA ASP C 76 22.76 26.56 -45.43
C ASP C 76 22.99 25.59 -44.27
N ARG C 77 22.81 26.03 -43.03
CA ARG C 77 23.08 25.15 -41.91
C ARG C 77 21.89 24.25 -41.56
N TYR C 78 20.68 24.59 -41.98
CA TYR C 78 19.50 23.85 -41.57
C TYR C 78 18.93 22.96 -42.67
N LYS C 79 19.16 23.27 -43.94
CA LYS C 79 18.51 22.52 -45.01
C LYS C 79 19.01 21.07 -45.02
N ALA C 80 18.11 20.15 -45.35
CA ALA C 80 18.52 18.83 -45.77
C ALA C 80 19.09 18.90 -47.18
N ARG C 81 20.01 17.97 -47.48
CA ARG C 81 20.66 17.91 -48.78
C ARG C 81 20.58 16.50 -49.33
N CYS C 82 20.07 16.35 -50.54
CA CYS C 82 20.23 15.09 -51.25
C CYS C 82 21.67 15.08 -51.76
N TYR C 83 22.49 14.18 -51.22
CA TYR C 83 23.92 14.18 -51.52
C TYR C 83 24.31 13.05 -52.47
N ARG C 84 23.37 12.18 -52.84
CA ARG C 84 23.67 11.07 -53.73
C ARG C 84 22.36 10.52 -54.29
N ILE C 85 22.34 10.27 -55.60
CA ILE C 85 21.22 9.58 -56.24
C ILE C 85 21.78 8.47 -57.12
N GLU C 86 21.22 7.27 -56.98
CA GLU C 86 21.73 6.11 -57.68
C GLU C 86 20.59 5.35 -58.34
N PRO C 87 20.81 4.78 -59.51
CA PRO C 87 19.78 3.94 -60.12
C PRO C 87 19.57 2.67 -59.33
N VAL C 88 18.42 2.06 -59.55
CA VAL C 88 18.03 0.82 -58.88
C VAL C 88 18.30 -0.35 -59.83
N PRO C 89 18.97 -1.41 -59.39
CA PRO C 89 19.13 -2.59 -60.26
C PRO C 89 17.78 -3.12 -60.73
N GLY C 90 17.62 -3.21 -62.07
CA GLY C 90 16.45 -3.83 -62.63
C GLY C 90 15.21 -2.96 -62.76
N ASN C 91 15.31 -1.67 -62.46
CA ASN C 91 14.17 -0.76 -62.64
C ASN C 91 14.70 0.59 -63.07
N ASP C 92 14.44 0.96 -64.33
CA ASP C 92 14.97 2.21 -64.85
C ASP C 92 14.10 3.42 -64.49
N ASN C 93 13.10 3.23 -63.63
CA ASN C 93 12.24 4.31 -63.18
C ASN C 93 12.34 4.57 -61.69
N GLN C 94 13.16 3.80 -60.96
CA GLN C 94 13.37 3.99 -59.53
C GLN C 94 14.82 4.38 -59.26
N TYR C 95 15.01 5.17 -58.21
CA TYR C 95 16.32 5.62 -57.79
C TYR C 95 16.39 5.54 -56.28
N ILE C 96 17.60 5.38 -55.75
CA ILE C 96 17.84 5.53 -54.33
C ILE C 96 18.43 6.92 -54.13
N ALA C 97 17.72 7.74 -53.36
CA ALA C 97 18.16 9.09 -53.02
C ALA C 97 18.62 9.09 -51.57
N TYR C 98 19.85 9.54 -51.35
CA TYR C 98 20.41 9.66 -50.02
C TYR C 98 20.33 11.12 -49.58
N ILE C 99 19.74 11.35 -48.42
CA ILE C 99 19.48 12.70 -47.92
C ILE C 99 20.03 12.83 -46.52
N ALA C 100 20.72 13.95 -46.26
CA ALA C 100 21.36 14.21 -44.97
C ALA C 100 20.64 15.35 -44.27
N TYR C 101 20.29 15.14 -43.00
CA TYR C 101 19.56 16.09 -42.19
C TYR C 101 20.38 16.53 -40.99
N PRO C 102 20.60 17.83 -40.79
CA PRO C 102 21.35 18.26 -39.61
C PRO C 102 20.71 17.81 -38.31
N LEU C 103 21.57 17.50 -37.34
CA LEU C 103 21.12 17.00 -36.04
C LEU C 103 20.11 17.94 -35.38
N ASP C 104 20.29 19.25 -35.49
CA ASP C 104 19.41 20.13 -34.71
C ASP C 104 18.08 20.43 -35.41
N LEU C 105 17.75 19.69 -36.47
CA LEU C 105 16.39 19.70 -36.98
C LEU C 105 15.41 18.90 -36.12
N PHE C 106 15.89 18.10 -35.19
CA PHE C 106 15.07 17.08 -34.55
C PHE C 106 14.90 17.33 -33.06
N GLU C 107 13.67 17.17 -32.58
CA GLU C 107 13.43 17.23 -31.16
C GLU C 107 14.08 16.03 -30.48
N GLU C 108 14.82 16.30 -29.41
CA GLU C 108 15.48 15.26 -28.66
C GLU C 108 14.48 14.23 -28.13
N GLY C 109 14.82 12.96 -28.28
CA GLY C 109 14.00 11.89 -27.75
C GLY C 109 12.64 11.74 -28.37
N SER C 110 12.41 12.26 -29.57
CA SER C 110 11.09 12.27 -30.18
C SER C 110 11.07 11.63 -31.56
N ILE C 111 10.73 10.34 -31.61
CA ILE C 111 10.48 9.72 -32.90
C ILE C 111 9.30 10.39 -33.58
N VAL C 112 8.32 10.86 -32.79
CA VAL C 112 7.19 11.57 -33.36
C VAL C 112 7.67 12.74 -34.20
N ASN C 113 8.60 13.53 -33.67
CA ASN C 113 9.11 14.65 -34.44
C ASN C 113 9.89 14.18 -35.65
N LEU C 114 10.76 13.18 -35.46
CA LEU C 114 11.54 12.66 -36.58
C LEU C 114 10.62 12.24 -37.71
N MET C 115 9.55 11.50 -37.39
CA MET C 115 8.63 11.07 -38.43
C MET C 115 7.94 12.26 -39.09
N SER C 116 7.58 13.28 -38.30
CA SER C 116 6.86 14.43 -38.84
CA SER C 116 6.84 14.40 -38.86
C SER C 116 7.66 15.11 -39.93
N SER C 117 9.00 15.04 -39.85
CA SER C 117 9.85 15.56 -40.92
C SER C 117 10.07 14.50 -42.01
N ILE C 118 10.65 13.36 -41.65
CA ILE C 118 11.17 12.44 -42.65
C ILE C 118 10.04 11.85 -43.50
N VAL C 119 8.88 11.58 -42.89
CA VAL C 119 7.80 10.93 -43.62
C VAL C 119 6.50 11.72 -43.51
N GLY C 120 6.61 13.00 -43.16
CA GLY C 120 5.42 13.80 -42.91
C GLY C 120 4.56 14.08 -44.12
N ASN C 121 5.11 14.78 -45.13
CA ASN C 121 4.35 15.13 -46.33
C ASN C 121 4.92 14.56 -47.62
N VAL C 122 6.19 14.14 -47.64
CA VAL C 122 6.87 13.94 -48.92
C VAL C 122 6.34 12.73 -49.70
N PHE C 123 5.61 11.82 -49.07
CA PHE C 123 5.08 10.66 -49.80
C PHE C 123 3.86 11.00 -50.65
N GLY C 124 3.31 12.21 -50.53
CA GLY C 124 2.12 12.59 -51.25
C GLY C 124 2.31 13.59 -52.37
N PHE C 125 3.54 13.93 -52.72
CA PHE C 125 3.74 14.93 -53.75
C PHE C 125 3.37 14.41 -55.12
N LYS C 126 2.70 15.27 -55.90
CA LYS C 126 2.31 14.88 -57.26
C LYS C 126 3.53 14.49 -58.09
N ALA C 127 4.67 15.17 -57.89
CA ALA C 127 5.85 14.96 -58.72
C ALA C 127 6.51 13.61 -58.46
N VAL C 128 6.11 12.91 -57.40
CA VAL C 128 6.70 11.65 -56.99
C VAL C 128 5.59 10.59 -57.04
N ARG C 129 5.75 9.60 -57.92
CA ARG C 129 4.72 8.58 -58.07
C ARG C 129 4.73 7.58 -56.93
N ALA C 130 5.89 7.35 -56.33
CA ALA C 130 6.01 6.38 -55.25
C ALA C 130 7.29 6.68 -54.49
N LEU C 131 7.28 6.33 -53.21
CA LEU C 131 8.40 6.66 -52.31
C LEU C 131 8.44 5.62 -51.21
N ARG C 132 9.61 5.05 -50.96
CA ARG C 132 9.79 4.12 -49.86
C ARG C 132 11.04 4.49 -49.07
N LEU C 133 10.87 4.70 -47.78
CA LEU C 133 12.00 4.90 -46.87
C LEU C 133 12.59 3.53 -46.55
N GLU C 134 13.81 3.28 -47.04
CA GLU C 134 14.44 1.97 -46.94
C GLU C 134 15.30 1.83 -45.70
N ASP C 135 16.01 2.90 -45.33
CA ASP C 135 16.92 2.84 -44.19
C ASP C 135 17.19 4.25 -43.72
N MET C 136 17.70 4.36 -42.50
CA MET C 136 18.13 5.62 -41.93
C MET C 136 19.40 5.37 -41.14
N ARG C 137 20.32 6.32 -41.16
CA ARG C 137 21.49 6.27 -40.29
C ARG C 137 21.20 7.20 -39.12
N ILE C 138 20.96 6.62 -37.95
CA ILE C 138 20.70 7.39 -36.73
C ILE C 138 22.04 7.61 -36.04
N PRO C 139 22.51 8.85 -35.90
CA PRO C 139 23.83 9.06 -35.30
C PRO C 139 23.78 8.83 -33.79
N VAL C 140 24.94 8.46 -33.24
CA VAL C 140 25.03 8.21 -31.80
C VAL C 140 24.56 9.43 -31.01
N ALA C 141 24.87 10.65 -31.49
CA ALA C 141 24.50 11.84 -30.72
C ALA C 141 22.99 11.99 -30.60
N TYR C 142 22.23 11.50 -31.58
CA TYR C 142 20.77 11.55 -31.44
C TYR C 142 20.26 10.35 -30.62
N LEU C 143 20.88 9.18 -30.79
CA LEU C 143 20.49 8.02 -30.00
C LEU C 143 20.58 8.29 -28.51
N LYS C 144 21.59 9.06 -28.09
CA LYS C 144 21.77 9.29 -26.67
C LYS C 144 20.65 10.14 -26.06
N THR C 145 19.76 10.71 -26.87
CA THR C 145 18.62 11.44 -26.34
C THR C 145 17.42 10.54 -26.06
N PHE C 146 17.57 9.23 -26.29
CA PHE C 146 16.49 8.27 -26.12
C PHE C 146 16.79 7.28 -24.99
N GLN C 147 15.73 6.79 -24.37
CA GLN C 147 15.89 5.82 -23.27
C GLN C 147 16.40 4.47 -23.79
N GLY C 148 15.87 4.01 -24.91
CA GLY C 148 16.11 2.67 -25.35
C GLY C 148 15.24 1.69 -24.60
N PRO C 149 15.47 0.40 -24.81
CA PRO C 149 14.63 -0.63 -24.14
C PRO C 149 14.51 -0.40 -22.65
N PRO C 150 13.31 -0.59 -22.08
CA PRO C 150 13.20 -0.53 -20.62
C PRO C 150 14.20 -1.41 -19.90
N HIS C 151 14.47 -2.60 -20.45
CA HIS C 151 15.40 -3.54 -19.83
C HIS C 151 16.39 -4.10 -20.85
N GLY C 152 15.91 -4.74 -21.91
CA GLY C 152 16.77 -5.33 -22.90
C GLY C 152 17.15 -6.75 -22.55
N ILE C 153 17.79 -7.42 -23.52
CA ILE C 153 17.90 -8.87 -23.51
C ILE C 153 18.60 -9.37 -22.24
N GLN C 154 19.77 -8.79 -21.93
CA GLN C 154 20.55 -9.35 -20.82
C GLN C 154 19.83 -9.17 -19.50
N VAL C 155 19.29 -7.97 -19.26
CA VAL C 155 18.54 -7.71 -18.03
C VAL C 155 17.32 -8.61 -17.97
N GLU C 156 16.61 -8.77 -19.10
CA GLU C 156 15.41 -9.61 -19.08
C GLU C 156 15.76 -11.05 -18.71
N ARG C 157 16.80 -11.62 -19.32
CA ARG C 157 17.18 -12.98 -18.97
C ARG C 157 17.53 -13.07 -17.48
N ASP C 158 18.20 -12.04 -16.95
CA ASP C 158 18.52 -12.05 -15.53
C ASP C 158 17.26 -11.93 -14.68
N ARG C 159 16.29 -11.14 -15.13
CA ARG C 159 15.05 -11.00 -14.38
C ARG C 159 14.19 -12.25 -14.45
N LEU C 160 14.33 -13.05 -15.50
CA LEU C 160 13.56 -14.29 -15.65
C LEU C 160 14.32 -15.52 -15.19
N ASN C 161 15.64 -15.41 -15.00
CA ASN C 161 16.48 -16.55 -14.62
C ASN C 161 16.40 -17.65 -15.67
N LYS C 162 16.50 -17.25 -16.95
CA LYS C 162 16.42 -18.17 -18.07
C LYS C 162 17.63 -17.97 -18.96
N TYR C 163 18.40 -19.02 -19.18
CA TYR C 163 19.62 -18.95 -19.96
C TYR C 163 19.82 -20.19 -20.81
N GLY C 164 20.23 -19.99 -22.07
CA GLY C 164 20.69 -21.08 -22.92
C GLY C 164 19.70 -21.58 -23.95
N ARG C 165 18.56 -20.93 -24.12
CA ARG C 165 17.61 -21.37 -25.14
C ARG C 165 16.71 -20.20 -25.50
N PRO C 166 16.11 -20.23 -26.69
CA PRO C 166 15.01 -19.31 -26.96
C PRO C 166 13.91 -19.47 -25.92
N LEU C 167 13.19 -18.38 -25.70
CA LEU C 167 12.00 -18.39 -24.86
C LEU C 167 10.80 -18.81 -25.73
N LEU C 168 9.76 -19.30 -25.07
CA LEU C 168 8.59 -19.83 -25.78
C LEU C 168 7.33 -19.14 -25.31
N GLY C 169 6.55 -18.64 -26.28
CA GLY C 169 5.28 -18.00 -26.00
C GLY C 169 4.14 -18.57 -26.82
N CYS C 170 3.00 -17.89 -26.79
CA CYS C 170 1.76 -18.46 -27.32
C CYS C 170 0.63 -17.44 -27.26
N THR C 171 0.02 -17.11 -28.41
CA THR C 171 -1.16 -16.26 -28.41
C THR C 171 -2.40 -17.11 -28.14
N ILE C 172 -3.20 -16.68 -27.17
CA ILE C 172 -4.46 -17.37 -26.88
C ILE C 172 -5.40 -17.24 -28.08
N LYS C 173 -6.15 -18.31 -28.36
CA LYS C 173 -7.12 -18.37 -29.44
C LYS C 173 -8.39 -19.02 -28.91
N PRO C 174 -9.55 -18.76 -29.54
CA PRO C 174 -9.79 -17.87 -30.69
C PRO C 174 -9.42 -16.42 -30.39
N LYS C 175 -9.12 -15.63 -31.43
CA LYS C 175 -8.62 -14.29 -31.20
C LYS C 175 -9.56 -13.52 -30.27
N LEU C 176 -10.84 -13.49 -30.61
CA LEU C 176 -11.85 -12.78 -29.87
C LEU C 176 -12.95 -13.76 -29.48
N GLY C 177 -13.71 -13.40 -28.45
CA GLY C 177 -14.90 -14.14 -28.08
C GLY C 177 -14.80 -14.95 -26.80
N LEU C 178 -13.61 -15.14 -26.24
CA LEU C 178 -13.48 -15.86 -24.98
C LEU C 178 -13.80 -14.95 -23.79
N SER C 179 -14.39 -15.56 -22.76
CA SER C 179 -14.63 -14.90 -21.48
C SER C 179 -13.35 -14.86 -20.65
N ALA C 180 -13.37 -14.02 -19.62
CA ALA C 180 -12.21 -13.86 -18.74
C ALA C 180 -11.81 -15.17 -18.07
N LYS C 181 -12.79 -15.89 -17.50
CA LYS C 181 -12.41 -17.12 -16.81
C LYS C 181 -11.88 -18.16 -17.79
N ASN C 182 -12.46 -18.24 -18.98
CA ASN C 182 -11.91 -19.15 -19.99
C ASN C 182 -10.52 -18.74 -20.41
N TYR C 183 -10.25 -17.42 -20.51
CA TYR C 183 -8.91 -16.96 -20.83
C TYR C 183 -7.92 -17.44 -19.78
N GLY C 184 -8.28 -17.31 -18.50
CA GLY C 184 -7.41 -17.82 -17.44
C GLY C 184 -7.18 -19.32 -17.53
N ARG C 185 -8.23 -20.08 -17.86
CA ARG C 185 -8.07 -21.52 -17.98
C ARG C 185 -7.06 -21.88 -19.08
N VAL C 186 -7.20 -21.30 -20.27
CA VAL C 186 -6.32 -21.68 -21.36
C VAL C 186 -4.90 -21.20 -21.07
N VAL C 187 -4.75 -20.05 -20.42
CA VAL C 187 -3.42 -19.58 -20.01
C VAL C 187 -2.79 -20.55 -19.02
N TYR C 188 -3.54 -20.95 -17.99
CA TYR C 188 -3.01 -21.89 -17.02
C TYR C 188 -2.52 -23.18 -17.70
N GLU C 189 -3.34 -23.75 -18.58
CA GLU C 189 -2.96 -24.99 -19.22
C GLU C 189 -1.70 -24.82 -20.08
N CYS C 190 -1.61 -23.69 -20.81
CA CYS C 190 -0.44 -23.43 -21.64
C CYS C 190 0.83 -23.30 -20.80
N LEU C 191 0.80 -22.44 -19.79
CA LEU C 191 2.01 -22.17 -19.01
C LEU C 191 2.43 -23.40 -18.21
N ARG C 192 1.47 -24.12 -17.65
CA ARG C 192 1.84 -25.26 -16.81
C ARG C 192 2.43 -26.40 -17.61
N GLY C 193 2.25 -26.42 -18.93
CA GLY C 193 2.79 -27.43 -19.82
C GLY C 193 4.18 -27.16 -20.33
N GLY C 194 4.78 -26.00 -20.00
CA GLY C 194 6.17 -25.75 -20.34
C GLY C 194 6.45 -24.48 -21.13
N LEU C 195 5.43 -23.72 -21.54
CA LEU C 195 5.69 -22.43 -22.16
C LEU C 195 6.14 -21.41 -21.12
N ASP C 196 7.05 -20.52 -21.53
CA ASP C 196 7.44 -19.42 -20.64
C ASP C 196 6.39 -18.33 -20.58
N PHE C 197 5.71 -18.08 -21.71
CA PHE C 197 4.82 -16.94 -21.84
C PHE C 197 3.52 -17.37 -22.54
N THR C 198 2.45 -16.65 -22.23
CA THR C 198 1.26 -16.60 -23.08
C THR C 198 0.97 -15.12 -23.36
N ASP C 200 -2.27 -11.97 -24.60
CA ASP C 200 -3.48 -11.48 -25.23
C ASP C 200 -3.23 -11.38 -26.73
N ASP C 201 -4.25 -11.66 -27.55
CA ASP C 201 -4.13 -11.31 -28.96
C ASP C 201 -4.06 -9.79 -29.09
N GLU C 202 -3.46 -9.32 -30.19
CA GLU C 202 -3.25 -7.88 -30.32
C GLU C 202 -4.56 -7.12 -30.29
N ASN C 203 -5.66 -7.74 -30.69
CA ASN C 203 -6.95 -7.08 -30.72
C ASN C 203 -7.82 -7.39 -29.49
N ILE C 204 -7.25 -8.06 -28.50
CA ILE C 204 -7.90 -8.25 -27.21
C ILE C 204 -7.51 -7.05 -26.37
N ASN C 205 -8.47 -6.14 -26.14
CA ASN C 205 -8.24 -4.97 -25.31
C ASN C 205 -9.28 -5.01 -24.19
N SER C 206 -10.44 -4.40 -24.40
CA SER C 206 -11.58 -4.57 -23.51
C SER C 206 -12.86 -4.54 -24.35
N GLN C 207 -13.70 -5.56 -24.20
CA GLN C 207 -14.83 -5.74 -25.10
C GLN C 207 -16.00 -6.32 -24.34
N PRO C 208 -17.21 -6.27 -24.92
CA PRO C 208 -18.38 -6.85 -24.24
C PRO C 208 -18.22 -8.32 -23.83
N PHE C 209 -17.56 -9.14 -24.63
CA PHE C 209 -17.42 -10.55 -24.29
C PHE C 209 -16.40 -10.79 -23.19
N MET C 210 -15.54 -9.82 -22.91
CA MET C 210 -14.51 -9.94 -21.90
C MET C 210 -13.94 -8.56 -21.59
N ARG C 211 -14.23 -8.04 -20.40
CA ARG C 211 -13.72 -6.75 -19.98
C ARG C 211 -12.33 -6.94 -19.39
N TRP C 212 -11.50 -5.91 -19.53
CA TRP C 212 -10.07 -6.08 -19.30
C TRP C 212 -9.75 -6.40 -17.84
N ARG C 213 -10.42 -5.75 -16.88
CA ARG C 213 -10.08 -6.01 -15.48
CA ARG C 213 -10.08 -6.02 -15.48
C ARG C 213 -10.39 -7.46 -15.09
N ASP C 214 -11.54 -7.97 -15.54
CA ASP C 214 -11.86 -9.37 -15.35
C ASP C 214 -10.77 -10.27 -15.93
N ARG C 215 -10.36 -9.98 -17.17
CA ARG C 215 -9.31 -10.77 -17.80
C ARG C 215 -8.03 -10.75 -16.97
N PHE C 216 -7.57 -9.56 -16.59
CA PHE C 216 -6.29 -9.47 -15.87
C PHE C 216 -6.35 -10.29 -14.59
N LEU C 217 -7.48 -10.24 -13.89
CA LEU C 217 -7.63 -10.96 -12.63
C LEU C 217 -7.49 -12.47 -12.83
N PHE C 218 -8.29 -13.04 -13.74
CA PHE C 218 -8.28 -14.48 -13.93
C PHE C 218 -6.97 -14.94 -14.57
N VAL C 219 -6.42 -14.15 -15.48
CA VAL C 219 -5.15 -14.54 -16.10
C VAL C 219 -4.04 -14.57 -15.06
N MET C 220 -3.97 -13.57 -14.19
CA MET C 220 -2.85 -13.57 -13.24
C MET C 220 -3.01 -14.66 -12.19
N GLU C 221 -4.25 -15.05 -11.83
CA GLU C 221 -4.40 -16.24 -11.01
C GLU C 221 -3.75 -17.44 -11.70
N ALA C 222 -3.97 -17.57 -13.02
CA ALA C 222 -3.41 -18.68 -13.77
C ALA C 222 -1.89 -18.61 -13.83
N VAL C 223 -1.34 -17.42 -14.08
CA VAL C 223 0.11 -17.26 -14.18
C VAL C 223 0.78 -17.68 -12.88
N HIS C 224 0.32 -17.13 -11.75
CA HIS C 224 0.95 -17.46 -10.47
C HIS C 224 0.78 -18.95 -10.15
N LYS C 225 -0.36 -19.53 -10.50
CA LYS C 225 -0.58 -20.95 -10.25
C LYS C 225 0.39 -21.80 -11.06
N ALA C 226 0.56 -21.48 -12.35
CA ALA C 226 1.48 -22.24 -13.20
C ALA C 226 2.92 -22.07 -12.76
N GLU C 227 3.27 -20.86 -12.29
CA GLU C 227 4.63 -20.64 -11.82
C GLU C 227 4.94 -21.48 -10.59
N ALA C 228 3.99 -21.54 -9.65
CA ALA C 228 4.21 -22.33 -8.44
C ALA C 228 4.23 -23.82 -8.76
N GLU C 229 3.37 -24.26 -9.68
CA GLU C 229 3.26 -25.68 -10.00
C GLU C 229 4.49 -26.19 -10.74
N THR C 230 5.05 -25.38 -11.65
CA THR C 230 6.19 -25.82 -12.46
C THR C 230 7.52 -25.49 -11.81
N GLY C 231 7.58 -24.43 -11.02
CA GLY C 231 8.84 -23.95 -10.48
C GLY C 231 9.63 -23.04 -11.40
N GLU C 232 9.09 -22.70 -12.58
CA GLU C 232 9.75 -21.81 -13.52
C GLU C 232 9.00 -20.48 -13.59
N ARG C 233 9.74 -19.39 -13.74
CA ARG C 233 9.10 -18.07 -13.82
C ARG C 233 8.28 -17.96 -15.11
N LYS C 234 7.06 -17.44 -14.98
CA LYS C 234 6.09 -17.36 -16.05
C LYS C 234 5.69 -15.91 -16.27
N GLY C 235 5.09 -15.66 -17.44
CA GLY C 235 4.48 -14.36 -17.68
C GLY C 235 3.42 -14.47 -18.75
N HIS C 236 2.42 -13.61 -18.64
CA HIS C 236 1.41 -13.39 -19.68
C HIS C 236 1.45 -11.93 -20.09
N TYR C 237 1.65 -11.66 -21.40
CA TYR C 237 1.68 -10.26 -21.82
C TYR C 237 0.25 -9.72 -21.79
N LEU C 238 -0.11 -9.06 -20.70
CA LEU C 238 -1.39 -8.39 -20.60
C LEU C 238 -1.40 -7.16 -21.52
N ASN C 239 -2.39 -7.08 -22.40
CA ASN C 239 -2.43 -6.03 -23.41
C ASN C 239 -3.01 -4.75 -22.81
N VAL C 240 -2.19 -3.68 -22.80
CA VAL C 240 -2.64 -2.39 -22.32
C VAL C 240 -2.99 -1.44 -23.47
N THR C 241 -2.96 -1.90 -24.71
CA THR C 241 -3.48 -1.12 -25.83
C THR C 241 -4.87 -0.63 -25.50
N ALA C 242 -5.09 0.67 -25.62
CA ALA C 242 -6.28 1.28 -25.05
C ALA C 242 -6.60 2.56 -25.81
N PRO C 243 -7.84 3.05 -25.70
CA PRO C 243 -8.23 4.23 -26.49
C PRO C 243 -7.53 5.51 -26.08
N THR C 244 -7.24 5.69 -24.79
CA THR C 244 -6.65 6.92 -24.27
C THR C 244 -5.41 6.58 -23.46
N MET C 245 -4.55 7.57 -23.26
CA MET C 245 -3.38 7.35 -22.40
C MET C 245 -3.82 7.03 -20.99
N GLU C 246 -4.89 7.66 -20.52
CA GLU C 246 -5.37 7.43 -19.17
C GLU C 246 -5.79 5.98 -18.96
N GLU C 247 -6.51 5.40 -19.93
CA GLU C 247 -6.87 4.00 -19.85
C GLU C 247 -5.64 3.11 -19.94
N MET C 248 -4.69 3.46 -20.81
CA MET C 248 -3.48 2.65 -20.95
C MET C 248 -2.72 2.59 -19.63
N TYR C 249 -2.59 3.73 -18.94
CA TYR C 249 -1.91 3.73 -17.65
C TYR C 249 -2.67 2.90 -16.62
N LYS C 250 -4.01 3.03 -16.59
CA LYS C 250 -4.80 2.24 -15.66
C LYS C 250 -4.56 0.75 -15.84
N ARG C 251 -4.47 0.30 -17.09
CA ARG C 251 -4.27 -1.12 -17.34
C ARG C 251 -2.86 -1.54 -17.01
N ALA C 252 -1.87 -0.71 -17.33
CA ALA C 252 -0.50 -1.03 -16.94
C ALA C 252 -0.38 -1.12 -15.42
N GLU C 253 -0.99 -0.18 -14.70
CA GLU C 253 -0.88 -0.17 -13.25
C GLU C 253 -1.53 -1.41 -12.63
N PHE C 254 -2.67 -1.85 -13.18
CA PHE C 254 -3.33 -3.02 -12.61
C PHE C 254 -2.51 -4.29 -12.88
N ALA C 255 -1.89 -4.38 -14.06
CA ALA C 255 -0.97 -5.49 -14.33
C ALA C 255 0.12 -5.54 -13.27
N LYS C 256 0.69 -4.39 -12.95
CA LYS C 256 1.73 -4.33 -11.91
C LYS C 256 1.16 -4.72 -10.56
N GLU C 257 -0.01 -4.18 -10.22
CA GLU C 257 -0.63 -4.48 -8.94
C GLU C 257 -0.83 -5.99 -8.76
N LEU C 258 -1.18 -6.69 -9.82
CA LEU C 258 -1.42 -8.11 -9.74
C LEU C 258 -0.14 -8.93 -9.80
N GLY C 259 1.01 -8.28 -9.95
CA GLY C 259 2.27 -8.97 -9.96
C GLY C 259 2.72 -9.49 -11.31
N SER C 260 2.20 -8.98 -12.41
CA SER C 260 2.72 -9.39 -13.71
C SER C 260 4.11 -8.84 -13.92
N ARG C 261 5.00 -9.68 -14.45
CA ARG C 261 6.32 -9.23 -14.86
C ARG C 261 6.31 -8.51 -16.21
N ILE C 262 5.21 -8.58 -16.96
CA ILE C 262 5.25 -8.19 -18.38
C ILE C 262 3.88 -7.70 -18.85
N ILE C 263 3.91 -6.72 -19.75
CA ILE C 263 2.73 -6.26 -20.48
C ILE C 263 3.09 -6.19 -21.96
N MET C 264 2.07 -6.06 -22.80
CA MET C 264 2.27 -5.77 -24.21
C MET C 264 1.51 -4.51 -24.61
N VAL C 265 1.96 -3.91 -25.71
CA VAL C 265 1.22 -2.82 -26.34
C VAL C 265 1.37 -2.99 -27.85
N ASP C 266 0.33 -2.59 -28.58
CA ASP C 266 0.37 -2.49 -30.03
C ASP C 266 0.94 -1.11 -30.35
N PHE C 267 2.27 -1.03 -30.53
CA PHE C 267 2.91 0.28 -30.48
C PHE C 267 2.53 1.16 -31.67
N LEU C 268 2.22 0.57 -32.83
CA LEU C 268 1.85 1.37 -33.99
C LEU C 268 0.39 1.80 -33.97
N THR C 269 -0.53 0.92 -33.56
CA THR C 269 -1.92 1.34 -33.51
C THR C 269 -2.16 2.31 -32.38
N ALA C 270 -1.52 2.09 -31.21
CA ALA C 270 -1.57 3.08 -30.15
C ALA C 270 -0.82 4.35 -30.56
N GLY C 271 0.35 4.20 -31.17
CA GLY C 271 1.08 5.33 -31.72
C GLY C 271 2.28 5.70 -30.86
N PHE C 272 3.19 6.45 -31.48
CA PHE C 272 4.50 6.67 -30.87
C PHE C 272 4.47 7.61 -29.66
N THR C 273 3.50 8.52 -29.55
CA THR C 273 3.45 9.34 -28.35
C THR C 273 3.10 8.49 -27.14
N ALA C 274 2.02 7.70 -27.23
CA ALA C 274 1.65 6.82 -26.13
C ALA C 274 2.72 5.76 -25.88
N PHE C 275 3.29 5.23 -26.96
CA PHE C 275 4.38 4.24 -26.85
C PHE C 275 5.56 4.80 -26.07
N THR C 276 5.98 6.02 -26.39
CA THR C 276 7.11 6.60 -25.66
C THR C 276 6.77 6.77 -24.18
N SER C 277 5.55 7.25 -23.88
CA SER C 277 5.15 7.35 -22.47
C SER C 277 5.18 5.98 -21.78
N LEU C 278 4.68 4.94 -22.47
CA LEU C 278 4.60 3.64 -21.83
C LEU C 278 5.97 3.03 -21.63
N SER C 279 6.88 3.23 -22.59
CA SER C 279 8.24 2.72 -22.43
C SER C 279 8.91 3.33 -21.21
N LYS C 280 8.73 4.65 -21.03
CA LYS C 280 9.25 5.30 -19.83
C LYS C 280 8.61 4.74 -18.57
N TRP C 281 7.30 4.52 -18.61
CA TRP C 281 6.62 3.94 -17.46
C TRP C 281 7.15 2.56 -17.14
N CYS C 282 7.42 1.73 -18.17
CA CYS C 282 7.93 0.40 -17.93
C CYS C 282 9.33 0.44 -17.31
N ARG C 283 10.18 1.36 -17.76
CA ARG C 283 11.46 1.56 -17.09
C ARG C 283 11.27 1.95 -15.63
N GLU C 284 10.36 2.88 -15.36
CA GLU C 284 10.17 3.39 -14.00
C GLU C 284 9.53 2.37 -13.08
N ASN C 285 8.84 1.38 -13.62
CA ASN C 285 8.09 0.41 -12.81
C ASN C 285 8.61 -1.01 -12.94
N GLY C 286 9.74 -1.20 -13.59
CA GLY C 286 10.34 -2.52 -13.67
C GLY C 286 9.49 -3.54 -14.40
N MET C 287 8.77 -3.10 -15.44
CA MET C 287 7.86 -3.95 -16.18
C MET C 287 8.44 -4.26 -17.56
N LEU C 288 8.52 -5.55 -17.90
CA LEU C 288 8.94 -5.95 -19.23
C LEU C 288 7.88 -5.53 -20.25
N LEU C 289 8.32 -5.06 -21.41
CA LEU C 289 7.43 -4.47 -22.41
C LEU C 289 7.55 -5.25 -23.72
N HIS C 290 6.51 -5.99 -24.05
CA HIS C 290 6.42 -6.73 -25.31
C HIS C 290 5.74 -5.86 -26.35
N LEU C 291 6.40 -5.64 -27.48
CA LEU C 291 5.87 -4.79 -28.53
C LEU C 291 5.25 -5.64 -29.64
N HIS C 292 3.97 -5.43 -29.90
CA HIS C 292 3.29 -6.02 -31.05
C HIS C 292 3.21 -4.98 -32.15
N ARG C 293 3.54 -5.39 -33.38
CA ARG C 293 3.67 -4.47 -34.50
C ARG C 293 2.42 -4.41 -35.38
N ALA C 294 1.25 -4.70 -34.81
CA ALA C 294 -0.02 -4.56 -35.52
C ALA C 294 -0.06 -3.29 -36.35
N MET C 295 -0.51 -3.42 -37.60
CA MET C 295 -0.62 -2.39 -38.63
C MET C 295 0.66 -2.22 -39.45
N HIS C 296 1.78 -2.82 -39.05
CA HIS C 296 3.04 -2.51 -39.74
C HIS C 296 2.96 -2.84 -41.24
N ALA C 297 2.29 -3.92 -41.61
CA ALA C 297 2.28 -4.32 -43.02
C ALA C 297 1.43 -3.41 -43.88
N VAL C 298 0.56 -2.60 -43.29
CA VAL C 298 -0.08 -1.53 -44.04
C VAL C 298 0.98 -0.63 -44.67
N ILE C 299 2.08 -0.46 -43.94
CA ILE C 299 3.13 0.49 -44.25
C ILE C 299 4.31 -0.16 -44.95
N ASP C 300 4.63 -1.40 -44.58
CA ASP C 300 5.94 -1.96 -44.91
C ASP C 300 5.91 -3.18 -45.83
N ARG C 301 4.75 -3.53 -46.42
CA ARG C 301 4.68 -4.74 -47.22
C ARG C 301 5.22 -4.55 -48.64
N GLN C 302 4.95 -3.39 -49.26
CA GLN C 302 5.22 -3.28 -50.70
C GLN C 302 6.61 -2.70 -50.96
N PRO C 303 7.33 -3.25 -51.94
CA PRO C 303 8.71 -2.82 -52.18
C PRO C 303 8.84 -1.46 -52.86
N ASN C 304 7.74 -0.89 -53.38
CA ASN C 304 7.80 0.36 -54.12
C ASN C 304 7.38 1.58 -53.32
N HIS C 305 6.70 1.40 -52.19
CA HIS C 305 6.13 2.52 -51.47
C HIS C 305 5.94 2.16 -50.01
N GLY C 306 6.29 3.11 -49.13
CA GLY C 306 6.05 2.96 -47.71
C GLY C 306 7.30 3.13 -46.87
N ILE C 307 7.42 2.34 -45.81
CA ILE C 307 8.60 2.34 -44.95
C ILE C 307 8.97 0.89 -44.68
N HIS C 308 10.21 0.52 -44.96
CA HIS C 308 10.63 -0.85 -44.68
C HIS C 308 10.68 -1.08 -43.17
N PHE C 309 10.38 -2.31 -42.75
CA PHE C 309 10.35 -2.61 -41.33
C PHE C 309 11.69 -2.31 -40.64
N ARG C 310 12.81 -2.42 -41.36
CA ARG C 310 14.09 -2.18 -40.70
C ARG C 310 14.18 -0.76 -40.15
N VAL C 311 13.48 0.19 -40.77
CA VAL C 311 13.43 1.55 -40.23
C VAL C 311 12.57 1.59 -38.97
N LEU C 312 11.37 1.02 -39.04
CA LEU C 312 10.52 0.93 -37.87
C LEU C 312 11.25 0.26 -36.71
N ALA C 313 12.06 -0.76 -37.02
CA ALA C 313 12.82 -1.47 -35.99
C ALA C 313 13.79 -0.54 -35.27
N LYS C 314 14.48 0.33 -36.02
CA LYS C 314 15.36 1.30 -35.36
C LYS C 314 14.56 2.23 -34.45
N TRP C 315 13.44 2.75 -34.96
CA TRP C 315 12.67 3.69 -34.18
C TRP C 315 12.16 3.06 -32.88
N LEU C 316 11.70 1.81 -32.94
CA LEU C 316 11.13 1.21 -31.75
C LEU C 316 12.20 0.78 -30.76
N ARG C 317 13.39 0.44 -31.24
CA ARG C 317 14.48 0.16 -30.30
C ARG C 317 14.87 1.43 -29.56
N MET C 318 14.87 2.57 -30.28
CA MET C 318 15.20 3.85 -29.68
C MET C 318 14.21 4.22 -28.58
N VAL C 319 12.91 4.18 -28.91
CA VAL C 319 11.89 4.47 -27.90
C VAL C 319 11.96 3.44 -26.78
N GLY C 320 12.06 2.16 -27.18
CA GLY C 320 12.34 1.10 -26.27
C GLY C 320 11.23 0.09 -26.11
N GLY C 321 11.54 -1.15 -26.42
CA GLY C 321 10.77 -2.29 -25.96
C GLY C 321 11.73 -3.40 -25.58
N ASP C 322 11.21 -4.39 -24.86
CA ASP C 322 12.01 -5.55 -24.49
C ASP C 322 11.86 -6.72 -25.44
N HIS C 323 10.70 -6.85 -26.09
CA HIS C 323 10.48 -7.78 -27.19
C HIS C 323 9.91 -7.01 -28.38
N ILE C 324 10.15 -7.50 -29.60
CA ILE C 324 9.46 -7.01 -30.78
C ILE C 324 9.27 -8.16 -31.76
N HIS C 325 8.07 -8.24 -32.34
CA HIS C 325 7.82 -9.21 -33.40
C HIS C 325 8.63 -8.85 -34.63
N THR C 326 9.30 -9.85 -35.21
CA THR C 326 10.20 -9.67 -36.33
C THR C 326 9.87 -10.59 -37.50
N GLY C 327 8.82 -11.40 -37.39
CA GLY C 327 8.51 -12.39 -38.42
C GLY C 327 9.17 -13.74 -38.14
N THR C 328 8.73 -14.72 -38.93
CA THR C 328 9.17 -16.11 -38.83
C THR C 328 9.99 -16.57 -40.03
N VAL C 329 9.85 -15.91 -41.18
CA VAL C 329 10.38 -16.33 -42.47
C VAL C 329 9.58 -17.53 -43.01
N VAL C 330 9.38 -18.55 -42.17
CA VAL C 330 8.79 -19.81 -42.63
C VAL C 330 7.30 -19.95 -42.32
N GLY C 331 6.71 -19.00 -41.60
CA GLY C 331 5.32 -19.10 -41.16
C GLY C 331 4.32 -18.49 -42.13
N LYS C 332 3.14 -18.13 -41.58
CA LYS C 332 2.03 -17.72 -42.42
C LYS C 332 2.14 -16.27 -42.90
N LEU C 333 2.95 -15.44 -42.26
CA LEU C 333 3.12 -14.05 -42.64
C LEU C 333 4.47 -13.88 -43.33
N GLU C 334 4.51 -12.94 -44.27
CA GLU C 334 5.69 -12.78 -45.11
C GLU C 334 6.84 -12.17 -44.32
N GLY C 335 8.05 -12.65 -44.63
CA GLY C 335 9.26 -12.13 -44.04
C GLY C 335 10.46 -12.60 -44.84
N ASP C 336 10.99 -11.70 -45.69
CA ASP C 336 12.11 -12.05 -46.54
C ASP C 336 13.32 -12.43 -45.69
N ARG C 337 13.88 -13.61 -45.97
CA ARG C 337 14.95 -14.14 -45.12
C ARG C 337 16.10 -13.15 -44.98
N ALA C 338 16.64 -12.68 -46.10
CA ALA C 338 17.85 -11.86 -46.04
C ALA C 338 17.59 -10.58 -45.26
N SER C 339 16.49 -9.89 -45.58
CA SER C 339 16.17 -8.65 -44.88
C SER C 339 15.92 -8.90 -43.40
N THR C 340 15.26 -10.02 -43.09
CA THR C 340 14.95 -10.34 -41.70
C THR C 340 16.21 -10.58 -40.89
N LEU C 341 17.14 -11.38 -41.41
CA LEU C 341 18.41 -11.55 -40.72
C LEU C 341 19.08 -10.19 -40.50
N GLY C 342 18.92 -9.28 -41.46
CA GLY C 342 19.48 -7.95 -41.33
C GLY C 342 18.89 -7.16 -40.18
N PHE C 343 17.57 -7.05 -40.13
CA PHE C 343 17.03 -6.19 -39.08
C PHE C 343 16.98 -6.89 -37.72
N VAL C 344 17.12 -8.21 -37.66
CA VAL C 344 17.38 -8.87 -36.38
C VAL C 344 18.71 -8.37 -35.81
N ASP C 345 19.75 -8.32 -36.64
CA ASP C 345 21.01 -7.74 -36.17
C ASP C 345 20.84 -6.28 -35.75
N LEU C 346 20.05 -5.51 -36.51
CA LEU C 346 19.84 -4.11 -36.16
C LEU C 346 19.17 -3.97 -34.80
N LEU C 347 18.40 -4.98 -34.39
CA LEU C 347 17.68 -4.94 -33.13
C LEU C 347 18.48 -5.47 -31.95
N ARG C 348 19.47 -6.33 -32.19
CA ARG C 348 20.18 -7.00 -31.10
C ARG C 348 21.63 -6.53 -30.93
N GLU C 349 22.30 -6.15 -32.00
CA GLU C 349 23.74 -5.92 -31.95
C GLU C 349 24.07 -4.46 -31.62
N ASN C 350 25.33 -4.24 -31.29
CA ASN C 350 25.77 -2.88 -30.98
C ASN C 350 26.34 -2.15 -32.18
N TYR C 351 26.84 -2.89 -33.18
CA TYR C 351 27.34 -2.31 -34.41
C TYR C 351 26.94 -3.22 -35.57
N ILE C 352 26.34 -2.64 -36.59
CA ILE C 352 25.89 -3.40 -37.76
C ILE C 352 26.47 -2.73 -39.01
N PRO C 353 27.40 -3.37 -39.71
CA PRO C 353 27.93 -2.76 -40.93
C PRO C 353 26.94 -2.82 -42.08
N ALA C 354 27.04 -1.84 -42.97
CA ALA C 354 26.25 -1.85 -44.18
C ALA C 354 26.45 -3.17 -44.92
N ASP C 355 25.37 -3.66 -45.53
CA ASP C 355 25.38 -4.95 -46.21
C ASP C 355 24.28 -4.97 -47.26
N PRO C 356 24.60 -4.70 -48.53
CA PRO C 356 23.54 -4.70 -49.56
C PRO C 356 22.79 -6.02 -49.67
N SER C 357 23.43 -7.15 -49.36
CA SER C 357 22.76 -8.43 -49.51
C SER C 357 21.68 -8.65 -48.45
N ARG C 358 21.63 -7.80 -47.43
CA ARG C 358 20.57 -7.88 -46.41
C ARG C 358 19.80 -6.58 -46.30
N GLY C 359 19.93 -5.69 -47.27
CA GLY C 359 19.16 -4.46 -47.29
C GLY C 359 19.60 -3.44 -46.27
N ILE C 360 20.81 -3.56 -45.74
CA ILE C 360 21.34 -2.64 -44.75
C ILE C 360 22.13 -1.58 -45.50
N TYR C 361 21.56 -0.38 -45.61
CA TYR C 361 22.15 0.68 -46.43
C TYR C 361 23.25 1.44 -45.70
N PHE C 362 23.18 1.52 -44.38
CA PHE C 362 24.07 2.33 -43.58
C PHE C 362 24.71 1.50 -42.48
N ASP C 363 25.97 1.82 -42.14
CA ASP C 363 26.50 1.36 -40.87
C ASP C 363 25.67 1.94 -39.74
N GLN C 364 25.37 1.14 -38.72
CA GLN C 364 24.58 1.60 -37.59
C GLN C 364 25.25 1.22 -36.28
N ASP C 365 25.60 2.24 -35.49
CA ASP C 365 26.15 2.11 -34.14
C ASP C 365 25.03 2.36 -33.14
N TRP C 366 24.99 1.57 -32.06
CA TRP C 366 23.94 1.73 -31.06
C TRP C 366 24.45 2.28 -29.73
N ALA C 367 25.75 2.54 -29.61
CA ALA C 367 26.34 3.21 -28.44
C ALA C 367 25.82 2.62 -27.13
N SER C 368 25.84 1.29 -27.07
CA SER C 368 25.56 0.49 -25.87
C SER C 368 24.08 0.45 -25.51
N MET C 369 23.20 0.94 -26.36
CA MET C 369 21.78 0.76 -26.12
C MET C 369 21.46 -0.73 -26.13
N PRO C 370 20.74 -1.24 -25.13
CA PRO C 370 20.48 -2.68 -25.07
C PRO C 370 19.74 -3.18 -26.32
N GLY C 371 19.91 -4.47 -26.57
CA GLY C 371 19.17 -5.12 -27.65
C GLY C 371 17.76 -5.52 -27.23
N VAL C 372 16.94 -5.79 -28.24
CA VAL C 372 15.54 -6.17 -28.08
C VAL C 372 15.39 -7.62 -28.53
N PHE C 373 14.64 -8.40 -27.75
CA PHE C 373 14.34 -9.78 -28.13
C PHE C 373 13.51 -9.79 -29.43
N PRO C 374 13.97 -10.41 -30.49
CA PRO C 374 13.06 -10.68 -31.62
C PRO C 374 12.08 -11.76 -31.26
N VAL C 375 10.86 -11.62 -31.78
CA VAL C 375 9.77 -12.56 -31.53
C VAL C 375 9.34 -13.12 -32.87
N ALA C 376 9.47 -14.44 -33.02
CA ALA C 376 9.03 -15.15 -34.22
C ALA C 376 7.67 -15.76 -33.91
N SER C 377 6.65 -15.35 -34.65
CA SER C 377 5.28 -15.71 -34.32
C SER C 377 4.44 -15.73 -35.60
N GLY C 378 3.56 -16.70 -35.70
CA GLY C 378 2.56 -16.70 -36.75
C GLY C 378 2.66 -17.90 -37.68
N GLY C 379 1.79 -18.88 -37.49
CA GLY C 379 1.74 -20.03 -38.37
C GLY C 379 2.95 -20.95 -38.30
N ILE C 380 3.61 -21.04 -37.14
CA ILE C 380 4.73 -21.95 -36.98
C ILE C 380 4.32 -23.11 -36.08
N HIS C 381 5.00 -24.24 -36.25
CA HIS C 381 4.73 -25.44 -35.47
C HIS C 381 6.02 -26.21 -35.27
N VAL C 382 5.92 -27.37 -34.63
CA VAL C 382 7.10 -28.09 -34.16
C VAL C 382 8.09 -28.38 -35.29
N TRP C 383 7.59 -28.67 -36.49
CA TRP C 383 8.53 -29.01 -37.56
C TRP C 383 9.42 -27.83 -37.95
N HIS C 384 8.99 -26.61 -37.63
CA HIS C 384 9.80 -25.43 -37.89
C HIS C 384 10.89 -25.20 -36.85
N MET C 385 10.90 -25.95 -35.75
CA MET C 385 11.80 -25.60 -34.64
C MET C 385 13.26 -25.65 -35.06
N PRO C 386 13.74 -26.65 -35.79
CA PRO C 386 15.15 -26.65 -36.20
C PRO C 386 15.53 -25.38 -36.95
N GLU C 387 14.72 -24.97 -37.93
CA GLU C 387 15.09 -23.80 -38.70
C GLU C 387 14.96 -22.52 -37.88
N LEU C 388 13.93 -22.43 -37.03
CA LEU C 388 13.77 -21.24 -36.19
C LEU C 388 14.98 -21.04 -35.28
N VAL C 389 15.47 -22.12 -34.67
CA VAL C 389 16.65 -22.01 -33.82
C VAL C 389 17.87 -21.63 -34.66
N THR C 390 17.95 -22.15 -35.88
CA THR C 390 19.05 -21.80 -36.79
C THR C 390 18.98 -20.33 -37.20
N ILE C 391 17.81 -19.84 -37.57
CA ILE C 391 17.69 -18.46 -38.06
C ILE C 391 18.02 -17.48 -36.95
N PHE C 392 17.42 -17.66 -35.78
CA PHE C 392 17.42 -16.61 -34.76
C PHE C 392 18.40 -16.85 -33.63
N GLY C 393 18.85 -18.09 -33.42
CA GLY C 393 19.70 -18.37 -32.28
C GLY C 393 18.94 -18.32 -30.95
N ASP C 394 19.72 -18.26 -29.87
CA ASP C 394 19.14 -18.34 -28.52
C ASP C 394 18.31 -17.10 -28.17
N ASP C 395 18.70 -15.91 -28.63
CA ASP C 395 18.07 -14.69 -28.13
C ASP C 395 16.87 -14.35 -29.01
N ALA C 396 15.81 -15.12 -28.80
CA ALA C 396 14.56 -14.95 -29.52
C ALA C 396 13.44 -15.52 -28.67
N VAL C 397 12.23 -15.04 -28.91
CA VAL C 397 11.02 -15.63 -28.36
C VAL C 397 10.27 -16.27 -29.53
N LEU C 398 9.98 -17.56 -29.42
CA LEU C 398 9.27 -18.31 -30.44
C LEU C 398 7.86 -18.57 -29.91
N GLN C 399 6.85 -18.11 -30.65
CA GLN C 399 5.47 -18.14 -30.15
C GLN C 399 4.60 -19.03 -31.01
N PHE C 400 3.84 -19.90 -30.35
CA PHE C 400 3.01 -20.92 -30.98
C PHE C 400 1.61 -20.79 -30.39
N GLY C 401 0.73 -20.10 -31.10
CA GLY C 401 -0.64 -19.96 -30.65
C GLY C 401 -1.46 -21.14 -31.12
N GLY C 402 -1.85 -21.12 -32.40
CA GLY C 402 -2.45 -22.31 -32.99
C GLY C 402 -1.59 -23.54 -32.81
N GLY C 403 -0.27 -23.37 -32.86
CA GLY C 403 0.65 -24.48 -32.66
C GLY C 403 0.71 -25.02 -31.25
N THR C 404 -0.01 -24.43 -30.30
CA THR C 404 -0.19 -24.97 -28.97
C THR C 404 -1.65 -25.36 -28.72
N LEU C 405 -2.58 -24.43 -28.92
CA LEU C 405 -3.99 -24.69 -28.67
C LEU C 405 -4.63 -25.58 -29.73
N GLY C 406 -3.94 -25.83 -30.85
CA GLY C 406 -4.37 -26.77 -31.84
C GLY C 406 -3.80 -28.17 -31.68
N HIS C 407 -3.08 -28.43 -30.60
CA HIS C 407 -2.66 -29.79 -30.31
C HIS C 407 -3.89 -30.65 -30.08
N PRO C 408 -3.94 -31.87 -30.62
CA PRO C 408 -5.15 -32.70 -30.47
C PRO C 408 -5.48 -33.04 -29.03
N TRP C 409 -4.54 -32.94 -28.11
CA TRP C 409 -4.78 -33.28 -26.70
C TRP C 409 -4.95 -32.04 -25.82
N GLY C 410 -4.97 -30.85 -26.40
CA GLY C 410 -5.16 -29.63 -25.62
C GLY C 410 -3.87 -28.91 -25.31
N ASN C 411 -4.01 -27.87 -24.48
CA ASN C 411 -2.97 -26.86 -24.35
C ASN C 411 -1.73 -27.35 -23.62
N ALA C 412 -1.91 -28.05 -22.50
CA ALA C 412 -0.74 -28.48 -21.74
C ALA C 412 0.11 -29.43 -22.58
N ALA C 413 -0.55 -30.34 -23.31
CA ALA C 413 0.17 -31.22 -24.21
C ALA C 413 0.84 -30.44 -25.33
N GLY C 414 0.14 -29.45 -25.90
CA GLY C 414 0.73 -28.65 -26.96
C GLY C 414 1.95 -27.89 -26.48
N ALA C 415 1.88 -27.36 -25.25
CA ALA C 415 3.00 -26.63 -24.67
C ALA C 415 4.19 -27.55 -24.45
N THR C 416 3.95 -28.75 -23.91
CA THR C 416 5.03 -29.71 -23.70
C THR C 416 5.68 -30.09 -25.03
N ALA C 417 4.88 -30.29 -26.08
CA ALA C 417 5.44 -30.65 -27.37
C ALA C 417 6.41 -29.58 -27.87
N ASN C 418 6.01 -28.31 -27.76
CA ASN C 418 6.88 -27.22 -28.23
C ASN C 418 8.12 -27.09 -27.36
N ARG C 419 7.96 -27.24 -26.05
CA ARG C 419 9.12 -27.14 -25.15
C ARG C 419 10.10 -28.30 -25.38
N VAL C 420 9.58 -29.52 -25.54
CA VAL C 420 10.45 -30.67 -25.84
C VAL C 420 11.16 -30.47 -27.17
N ALA C 421 10.41 -30.07 -28.20
CA ALA C 421 11.03 -29.87 -29.52
C ALA C 421 12.17 -28.86 -29.42
N LEU C 422 11.94 -27.75 -28.74
CA LEU C 422 12.96 -26.72 -28.61
C LEU C 422 14.19 -27.26 -27.90
N GLU C 423 13.99 -27.90 -26.74
CA GLU C 423 15.15 -28.34 -25.96
C GLU C 423 15.93 -29.43 -26.69
N ALA C 424 15.24 -30.33 -27.42
CA ALA C 424 15.97 -31.33 -28.17
C ALA C 424 16.84 -30.70 -29.24
N VAL C 425 16.31 -29.68 -29.92
CA VAL C 425 17.07 -28.98 -30.96
C VAL C 425 18.26 -28.25 -30.35
N VAL C 426 18.03 -27.55 -29.24
CA VAL C 426 19.12 -26.82 -28.59
C VAL C 426 20.20 -27.79 -28.12
N GLN C 427 19.80 -28.86 -27.45
CA GLN C 427 20.77 -29.88 -27.04
C GLN C 427 21.59 -30.36 -28.23
N ALA C 428 20.92 -30.71 -29.33
CA ALA C 428 21.61 -31.25 -30.50
C ALA C 428 22.58 -30.22 -31.09
N ARG C 429 22.16 -28.96 -31.18
CA ARG C 429 23.06 -27.90 -31.64
C ARG C 429 24.31 -27.83 -30.78
N ASN C 430 24.11 -27.77 -29.46
CA ASN C 430 25.25 -27.62 -28.56
C ASN C 430 26.19 -28.81 -28.67
N GLU C 431 25.66 -29.99 -28.99
CA GLU C 431 26.50 -31.16 -29.16
C GLU C 431 27.30 -31.15 -30.45
N GLY C 432 27.06 -30.17 -31.32
CA GLY C 432 27.78 -30.08 -32.58
C GLY C 432 27.05 -30.64 -33.78
N ARG C 433 25.78 -31.03 -33.65
CA ARG C 433 25.03 -31.56 -34.78
C ARG C 433 24.57 -30.41 -35.68
N ASP C 434 24.38 -30.74 -36.96
CA ASP C 434 23.87 -29.80 -37.95
C ASP C 434 22.34 -29.84 -37.85
N ILE C 435 21.76 -28.88 -37.14
CA ILE C 435 20.34 -29.00 -36.82
C ILE C 435 19.46 -28.72 -38.03
N LEU C 436 19.97 -28.02 -39.04
CA LEU C 436 19.21 -27.86 -40.27
C LEU C 436 19.17 -29.16 -41.07
N ALA C 437 20.32 -29.81 -41.22
CA ALA C 437 20.37 -31.06 -41.96
C ALA C 437 19.69 -32.19 -41.20
N GLU C 438 19.79 -32.19 -39.87
CA GLU C 438 19.28 -33.29 -39.06
C GLU C 438 17.98 -32.93 -38.35
N GLY C 439 17.36 -31.81 -38.72
CA GLY C 439 16.23 -31.31 -37.94
C GLY C 439 15.11 -32.32 -37.79
N ARG C 440 14.73 -32.97 -38.90
CA ARG C 440 13.63 -33.92 -38.83
C ARG C 440 14.00 -35.12 -37.96
N GLU C 441 15.26 -35.57 -38.06
CA GLU C 441 15.70 -36.71 -37.26
C GLU C 441 15.74 -36.35 -35.78
N ILE C 442 16.14 -35.12 -35.46
CA ILE C 442 16.17 -34.71 -34.06
C ILE C 442 14.77 -34.72 -33.49
N LEU C 443 13.80 -34.19 -34.24
CA LEU C 443 12.42 -34.19 -33.76
C LEU C 443 11.91 -35.61 -33.57
N LYS C 444 12.24 -36.51 -34.50
CA LYS C 444 11.76 -37.89 -34.39
C LYS C 444 12.41 -38.59 -33.20
N GLU C 445 13.68 -38.30 -32.91
CA GLU C 445 14.32 -38.82 -31.70
C GLU C 445 13.50 -38.46 -30.47
N ALA C 446 13.16 -37.18 -30.32
CA ALA C 446 12.44 -36.75 -29.13
C ALA C 446 11.01 -37.31 -29.11
N ALA C 447 10.39 -37.47 -30.27
CA ALA C 447 9.05 -38.04 -30.32
C ALA C 447 9.02 -39.49 -29.85
N ARG C 448 10.16 -40.18 -29.87
CA ARG C 448 10.17 -41.57 -29.39
C ARG C 448 9.87 -41.64 -27.90
N TRP C 449 10.30 -40.63 -27.11
CA TRP C 449 10.01 -40.64 -25.69
C TRP C 449 9.01 -39.58 -25.26
N SER C 450 8.60 -38.65 -26.15
CA SER C 450 7.60 -37.64 -25.84
C SER C 450 6.35 -37.88 -26.68
N PRO C 451 5.33 -38.56 -26.15
CA PRO C 451 4.09 -38.74 -26.94
C PRO C 451 3.44 -37.42 -27.32
N GLU C 452 3.60 -36.38 -26.49
CA GLU C 452 3.04 -35.07 -26.82
C GLU C 452 3.64 -34.53 -28.11
N LEU C 453 4.97 -34.59 -28.22
CA LEU C 453 5.61 -34.13 -29.46
C LEU C 453 5.22 -35.02 -30.64
N ARG C 454 5.15 -36.34 -30.42
CA ARG C 454 4.77 -37.26 -31.48
C ARG C 454 3.43 -36.88 -32.07
N ALA C 455 2.45 -36.56 -31.22
CA ALA C 455 1.12 -36.20 -31.71
C ALA C 455 1.14 -34.84 -32.41
N ALA C 456 1.93 -33.89 -31.91
CA ALA C 456 2.02 -32.60 -32.59
C ALA C 456 2.62 -32.77 -33.98
N MET C 457 3.67 -33.61 -34.10
CA MET C 457 4.29 -33.82 -35.39
C MET C 457 3.31 -34.48 -36.36
N GLU C 458 2.53 -35.45 -35.89
CA GLU C 458 1.53 -36.08 -36.75
C GLU C 458 0.52 -35.06 -37.23
N THR C 459 0.13 -34.13 -36.37
CA THR C 459 -0.93 -33.18 -36.68
C THR C 459 -0.53 -32.24 -37.82
N TRP C 460 0.72 -31.80 -37.85
CA TRP C 460 1.15 -30.76 -38.76
C TRP C 460 2.23 -31.22 -39.74
N LYS C 461 2.40 -32.53 -39.91
CA LYS C 461 3.33 -33.04 -40.91
C LYS C 461 3.00 -32.47 -42.28
N ASP C 462 4.00 -31.98 -42.97
CA ASP C 462 3.90 -31.41 -44.31
C ASP C 462 3.01 -30.17 -44.40
N ILE C 463 2.65 -29.54 -43.28
CA ILE C 463 2.05 -28.21 -43.33
C ILE C 463 3.17 -27.20 -43.49
N LYS C 464 3.17 -26.48 -44.62
CA LYS C 464 4.20 -25.51 -44.93
C LYS C 464 3.55 -24.26 -45.51
N PHE C 465 4.29 -23.16 -45.46
CA PHE C 465 3.87 -21.88 -46.01
C PHE C 465 4.99 -21.40 -46.94
N GLU C 466 4.83 -21.67 -48.23
CA GLU C 466 5.85 -21.36 -49.23
C GLU C 466 5.18 -20.65 -50.40
N PHE C 467 5.44 -19.35 -50.52
CA PHE C 467 4.82 -18.48 -51.51
C PHE C 467 5.90 -17.58 -52.10
N GLU C 468 5.62 -17.01 -53.27
CA GLU C 468 6.53 -16.02 -53.82
C GLU C 468 6.51 -14.79 -52.93
N THR C 469 7.70 -14.26 -52.64
CA THR C 469 7.82 -13.13 -51.73
C THR C 469 7.58 -11.82 -52.45
N VAL C 470 6.71 -10.98 -51.89
CA VAL C 470 6.42 -9.68 -52.48
C VAL C 470 7.54 -8.70 -52.21
N ASP C 471 7.98 -8.60 -50.95
CA ASP C 471 8.98 -7.61 -50.54
C ASP C 471 10.38 -8.25 -50.60
N THR C 472 10.95 -8.26 -51.81
CA THR C 472 12.28 -8.80 -52.03
C THR C 472 13.28 -7.68 -52.31
N LEU C 473 14.55 -8.01 -52.10
CA LEU C 473 15.64 -7.10 -52.43
C LEU C 473 15.89 -7.07 -53.93
N ASP C 474 16.61 -6.05 -54.37
CA ASP C 474 16.81 -5.80 -55.79
C ASP C 474 17.78 -6.83 -56.38
N VAL C 475 17.53 -7.22 -57.63
CA VAL C 475 18.34 -8.22 -58.32
C VAL C 475 19.17 -7.58 -59.43
N MET D 1 9.12 -30.00 -9.85
CA MET D 1 10.13 -28.90 -9.94
C MET D 1 10.87 -28.99 -11.27
N HIS D 2 10.49 -28.16 -12.23
CA HIS D 2 11.30 -28.01 -13.44
C HIS D 2 12.40 -26.98 -13.19
N THR D 3 13.51 -27.13 -13.91
CA THR D 3 14.75 -26.41 -13.63
C THR D 3 15.28 -25.69 -14.86
N GLU D 4 14.36 -25.14 -15.69
CA GLU D 4 14.70 -24.37 -16.86
C GLU D 4 15.41 -25.23 -17.90
N THR D 5 16.48 -24.74 -18.53
CA THR D 5 16.91 -25.35 -19.80
C THR D 5 17.29 -26.82 -19.63
N PHE D 6 16.70 -27.67 -20.49
CA PHE D 6 16.87 -29.12 -20.61
C PHE D 6 16.04 -29.86 -19.57
N SER D 7 15.23 -29.17 -18.76
CA SER D 7 14.42 -29.84 -17.75
C SER D 7 13.33 -30.72 -18.36
N TYR D 8 12.94 -30.46 -19.60
CA TYR D 8 11.92 -31.26 -20.28
C TYR D 8 12.51 -32.42 -21.07
N LEU D 9 13.84 -32.57 -21.07
CA LEU D 9 14.49 -33.74 -21.62
C LEU D 9 14.73 -34.76 -20.52
N PRO D 10 14.92 -36.02 -20.88
CA PRO D 10 15.38 -37.01 -19.91
C PRO D 10 16.64 -36.52 -19.23
N PRO D 11 16.89 -36.93 -17.98
CA PRO D 11 18.13 -36.49 -17.30
C PRO D 11 19.35 -36.80 -18.16
N LEU D 12 20.27 -35.84 -18.22
CA LEU D 12 21.46 -36.01 -19.04
C LEU D 12 22.42 -37.02 -18.41
N THR D 13 23.01 -37.86 -19.25
CA THR D 13 24.11 -38.71 -18.83
C THR D 13 25.37 -37.87 -18.62
N ASP D 14 26.35 -38.44 -17.91
CA ASP D 14 27.62 -37.74 -17.76
C ASP D 14 28.20 -37.39 -19.12
N GLU D 15 28.07 -38.30 -20.09
CA GLU D 15 28.57 -38.02 -21.44
C GLU D 15 27.86 -36.83 -22.06
N GLU D 16 26.55 -36.73 -21.88
CA GLU D 16 25.80 -35.62 -22.44
C GLU D 16 26.13 -34.32 -21.71
N ILE D 17 26.34 -34.39 -20.39
CA ILE D 17 26.75 -33.20 -19.65
C ILE D 17 28.09 -32.69 -20.18
N LYS D 18 29.03 -33.61 -20.42
CA LYS D 18 30.36 -33.20 -20.85
C LYS D 18 30.31 -32.53 -22.21
N LYS D 19 29.42 -33.00 -23.10
CA LYS D 19 29.27 -32.35 -24.40
C LYS D 19 28.82 -30.91 -24.24
N GLN D 20 27.95 -30.63 -23.26
CA GLN D 20 27.54 -29.25 -23.01
C GLN D 20 28.70 -28.41 -22.48
N VAL D 21 29.54 -29.00 -21.61
CA VAL D 21 30.72 -28.30 -21.13
C VAL D 21 31.66 -28.00 -22.29
N GLU D 22 31.85 -28.97 -23.18
CA GLU D 22 32.68 -28.74 -24.37
C GLU D 22 32.11 -27.62 -25.23
N TYR D 23 30.78 -27.55 -25.34
CA TYR D 23 30.17 -26.45 -26.09
C TYR D 23 30.50 -25.11 -25.46
N ILE D 24 30.49 -25.04 -24.14
CA ILE D 24 30.83 -23.80 -23.45
C ILE D 24 32.28 -23.40 -23.75
N LEU D 25 33.20 -24.35 -23.56
CA LEU D 25 34.63 -24.03 -23.74
C LEU D 25 34.94 -23.74 -25.20
N LYS D 26 34.37 -24.53 -26.11
CA LYS D 26 34.61 -24.35 -27.54
C LYS D 26 34.29 -22.95 -28.00
N ASN D 27 33.30 -22.30 -27.39
CA ASN D 27 32.89 -20.96 -27.76
C ASN D 27 33.59 -19.87 -26.95
N GLY D 28 34.60 -20.24 -26.16
CA GLY D 28 35.34 -19.26 -25.40
C GLY D 28 34.62 -18.75 -24.16
N TRP D 29 33.60 -19.47 -23.69
CA TRP D 29 32.85 -19.07 -22.52
C TRP D 29 33.39 -19.80 -21.29
N ILE D 30 33.01 -19.29 -20.13
CA ILE D 30 33.57 -19.71 -18.84
C ILE D 30 32.60 -20.70 -18.20
N PRO D 31 33.01 -21.93 -17.96
CA PRO D 31 32.13 -22.88 -17.27
C PRO D 31 32.12 -22.64 -15.77
N GLY D 32 30.97 -22.95 -15.16
CA GLY D 32 30.83 -22.84 -13.72
C GLY D 32 29.89 -23.91 -13.18
N ILE D 33 29.87 -24.03 -11.87
CA ILE D 33 29.01 -24.98 -11.17
C ILE D 33 28.29 -24.25 -10.04
N GLU D 34 26.98 -24.44 -9.93
CA GLU D 34 26.16 -23.88 -8.87
C GLU D 34 25.30 -24.99 -8.29
N TYR D 35 24.90 -24.83 -7.03
CA TYR D 35 24.10 -25.84 -6.37
C TYR D 35 23.19 -25.19 -5.33
N THR D 36 22.09 -25.88 -5.00
CA THR D 36 21.17 -25.38 -3.99
C THR D 36 20.25 -26.50 -3.52
N ASP D 37 19.71 -26.32 -2.32
CA ASP D 37 18.58 -27.09 -1.84
C ASP D 37 17.27 -26.32 -1.96
N GLU D 38 17.30 -25.15 -2.58
CA GLU D 38 16.16 -24.22 -2.66
C GLU D 38 16.01 -23.78 -4.13
N PRO D 39 15.54 -24.69 -5.00
CA PRO D 39 15.58 -24.43 -6.44
C PRO D 39 14.40 -23.65 -7.04
N GLY D 40 13.45 -23.18 -6.24
CA GLY D 40 12.23 -22.62 -6.80
C GLY D 40 12.44 -21.29 -7.52
N PRO D 41 11.35 -20.75 -8.06
CA PRO D 41 11.43 -19.54 -8.88
C PRO D 41 11.76 -18.26 -8.12
N HIS D 42 11.85 -18.32 -6.80
CA HIS D 42 12.21 -17.17 -6.00
C HIS D 42 13.72 -16.97 -5.88
N ASN D 43 14.51 -17.96 -6.27
CA ASN D 43 15.95 -17.98 -5.96
C ASN D 43 16.77 -17.68 -7.20
N SER D 44 17.32 -16.47 -7.27
CA SER D 44 18.16 -16.07 -8.38
C SER D 44 19.62 -16.45 -8.18
N TYR D 45 20.01 -16.82 -6.96
CA TYR D 45 21.42 -16.96 -6.60
C TYR D 45 21.65 -18.31 -5.93
N TRP D 46 21.76 -19.36 -6.76
CA TRP D 46 22.23 -20.62 -6.23
C TRP D 46 23.66 -20.45 -5.68
N SER D 47 24.06 -21.37 -4.83
CA SER D 47 25.41 -21.32 -4.27
C SER D 47 26.44 -21.56 -5.37
N PHE D 48 27.52 -20.77 -5.33
CA PHE D 48 28.68 -21.03 -6.17
C PHE D 48 29.45 -22.23 -5.61
N TRP D 49 29.80 -23.17 -6.47
CA TRP D 49 30.84 -24.15 -6.17
C TRP D 49 32.16 -23.52 -6.62
N LYS D 50 32.95 -23.02 -5.66
CA LYS D 50 34.17 -22.31 -5.94
C LYS D 50 33.81 -21.02 -6.69
N LEU D 51 34.59 -20.62 -7.68
CA LEU D 51 34.28 -19.50 -8.55
C LEU D 51 34.12 -20.01 -9.96
N PRO D 52 33.49 -19.24 -10.85
CA PRO D 52 33.50 -19.61 -12.28
C PRO D 52 34.92 -19.93 -12.71
N PHE D 53 35.07 -20.97 -13.52
CA PHE D 53 36.38 -21.57 -13.79
C PHE D 53 37.04 -20.82 -14.95
N PHE D 54 37.46 -19.59 -14.64
CA PHE D 54 38.07 -18.72 -15.65
C PHE D 54 39.27 -19.38 -16.30
N ASN D 55 39.98 -20.23 -15.56
CA ASN D 55 41.21 -20.85 -16.04
C ASN D 55 41.00 -22.24 -16.63
N ALA D 56 39.77 -22.75 -16.63
CA ALA D 56 39.55 -24.11 -17.13
C ALA D 56 39.93 -24.20 -18.60
N GLU D 57 40.66 -25.27 -18.94
CA GLU D 57 41.04 -25.51 -20.32
C GLU D 57 40.40 -26.74 -20.93
N THR D 58 39.95 -27.71 -20.11
CA THR D 58 39.38 -28.95 -20.60
C THR D 58 38.06 -29.22 -19.91
N ALA D 59 37.17 -29.91 -20.64
CA ALA D 59 35.89 -30.28 -20.04
C ALA D 59 36.07 -31.27 -18.90
N GLU D 60 37.11 -32.11 -18.96
CA GLU D 60 37.27 -33.09 -17.88
CA GLU D 60 37.34 -33.09 -17.90
C GLU D 60 37.58 -32.40 -16.56
N GLU D 61 38.32 -31.30 -16.56
CA GLU D 61 38.51 -30.52 -15.34
C GLU D 61 37.16 -30.21 -14.71
N VAL D 62 36.21 -29.76 -15.54
CA VAL D 62 34.93 -29.32 -15.04
C VAL D 62 34.12 -30.51 -14.52
N MET D 63 34.16 -31.64 -15.24
CA MET D 63 33.44 -32.83 -14.78
C MET D 63 33.99 -33.32 -13.45
N GLU D 64 35.31 -33.22 -13.26
CA GLU D 64 35.89 -33.57 -11.96
C GLU D 64 35.34 -32.68 -10.86
N GLU D 65 35.25 -31.37 -11.10
CA GLU D 65 34.65 -30.46 -10.13
C GLU D 65 33.18 -30.79 -9.89
N LEU D 66 32.46 -31.15 -10.96
CA LEU D 66 31.06 -31.54 -10.81
C LEU D 66 30.92 -32.76 -9.89
N GLU D 67 31.74 -33.79 -10.11
CA GLU D 67 31.68 -34.95 -9.23
C GLU D 67 31.99 -34.56 -7.79
N ALA D 68 32.98 -33.69 -7.59
CA ALA D 68 33.33 -33.25 -6.24
C ALA D 68 32.19 -32.49 -5.59
N CYS D 69 31.52 -31.62 -6.35
CA CYS D 69 30.37 -30.91 -5.81
C CYS D 69 29.25 -31.88 -5.41
N ARG D 70 28.96 -32.86 -6.27
CA ARG D 70 27.92 -33.83 -5.95
C ARG D 70 28.27 -34.61 -4.70
N GLU D 71 29.53 -35.08 -4.58
CA GLU D 71 29.89 -35.85 -3.41
C GLU D 71 29.71 -35.03 -2.14
N ALA D 72 30.05 -33.74 -2.21
CA ALA D 72 29.93 -32.87 -1.04
C ALA D 72 28.50 -32.44 -0.76
N ASN D 73 27.63 -32.48 -1.77
CA ASN D 73 26.27 -31.94 -1.65
C ASN D 73 25.28 -32.88 -2.34
N PRO D 74 25.23 -34.14 -1.90
CA PRO D 74 24.37 -35.12 -2.59
C PRO D 74 22.89 -34.83 -2.45
N ASP D 75 22.49 -34.01 -1.48
CA ASP D 75 21.12 -33.59 -1.24
CA ASP D 75 21.08 -33.68 -1.32
C ASP D 75 20.70 -32.39 -2.06
N CYS D 76 21.57 -31.88 -2.91
CA CYS D 76 21.33 -30.63 -3.64
C CYS D 76 21.13 -30.84 -5.13
N TYR D 77 20.43 -29.89 -5.74
CA TYR D 77 20.46 -29.73 -7.19
C TYR D 77 21.77 -29.07 -7.59
N ILE D 78 22.34 -29.52 -8.71
CA ILE D 78 23.62 -29.00 -9.19
C ILE D 78 23.48 -28.65 -10.66
N LYS D 79 23.80 -27.41 -11.01
CA LYS D 79 23.72 -26.97 -12.40
C LYS D 79 25.10 -26.60 -12.93
N ILE D 80 25.27 -26.80 -14.23
CA ILE D 80 26.40 -26.31 -14.99
C ILE D 80 25.99 -24.98 -15.63
N THR D 81 26.90 -24.00 -15.58
CA THR D 81 26.67 -22.70 -16.18
C THR D 81 27.76 -22.41 -17.18
N GLY D 82 27.41 -21.60 -18.19
CA GLY D 82 28.37 -21.08 -19.15
C GLY D 82 28.23 -19.57 -19.18
N TYR D 83 29.33 -18.83 -19.13
CA TYR D 83 29.28 -17.40 -18.86
C TYR D 83 30.13 -16.63 -19.86
N ASP D 84 29.58 -15.53 -20.37
CA ASP D 84 30.26 -14.67 -21.35
C ASP D 84 30.43 -13.28 -20.77
N ASN D 85 31.68 -12.86 -20.53
CA ASN D 85 31.91 -11.54 -19.97
C ASN D 85 31.72 -10.41 -20.98
N ILE D 86 31.66 -10.73 -22.28
CA ILE D 86 31.50 -9.68 -23.29
C ILE D 86 30.06 -9.18 -23.32
N ARG D 87 29.10 -10.10 -23.43
CA ARG D 87 27.71 -9.71 -23.25
C ARG D 87 27.39 -9.45 -21.78
N GLN D 88 28.24 -9.96 -20.88
CA GLN D 88 28.04 -9.94 -19.44
C GLN D 88 26.72 -10.58 -19.05
N GLY D 89 26.69 -11.91 -19.21
CA GLY D 89 25.55 -12.70 -18.80
C GLY D 89 25.81 -14.17 -19.09
N GLN D 90 25.01 -15.01 -18.44
CA GLN D 90 25.14 -16.45 -18.66
C GLN D 90 24.56 -16.82 -20.01
N VAL D 91 25.30 -17.64 -20.75
CA VAL D 91 24.86 -18.11 -22.06
C VAL D 91 24.19 -19.47 -21.98
N LEU D 92 24.28 -20.16 -20.85
CA LEU D 92 23.70 -21.48 -20.68
C LEU D 92 23.67 -21.80 -19.19
N SER D 93 22.58 -22.40 -18.75
CA SER D 93 22.45 -22.87 -17.38
C SER D 93 21.51 -24.06 -17.40
N PHE D 94 21.95 -25.21 -16.89
CA PHE D 94 21.11 -26.40 -16.88
C PHE D 94 21.49 -27.28 -15.71
N VAL D 95 20.51 -28.01 -15.20
CA VAL D 95 20.74 -28.89 -14.06
C VAL D 95 21.37 -30.19 -14.54
N ALA D 96 22.51 -30.53 -13.95
CA ALA D 96 23.23 -31.75 -14.27
C ALA D 96 22.93 -32.89 -13.30
N TYR D 97 22.56 -32.57 -12.07
CA TYR D 97 22.31 -33.56 -11.03
C TYR D 97 21.12 -33.12 -10.20
N ARG D 98 20.18 -34.03 -10.02
CA ARG D 98 19.07 -33.81 -9.11
C ARG D 98 19.18 -34.77 -7.94
N PRO D 99 18.81 -34.34 -6.74
CA PRO D 99 18.93 -35.21 -5.57
C PRO D 99 17.86 -36.30 -5.60
N HIS D 100 18.01 -37.27 -4.69
CA HIS D 100 17.10 -38.43 -4.61
C HIS D 100 15.65 -38.02 -4.36
N HIS D 101 15.44 -36.94 -3.64
CA HIS D 101 14.09 -36.54 -3.27
C HIS D 101 13.37 -35.74 -4.36
N HIS D 102 13.94 -35.68 -5.56
CA HIS D 102 13.34 -34.89 -6.65
C HIS D 102 12.03 -35.52 -7.11
N ALA E 10 -31.20 60.40 17.06
CA ALA E 10 -31.37 59.17 16.28
C ALA E 10 -31.62 57.99 17.21
N TYR E 11 -30.86 57.93 18.30
CA TYR E 11 -30.96 56.86 19.29
C TYR E 11 -30.32 57.37 20.57
N GLU E 12 -30.33 56.54 21.61
CA GLU E 12 -29.90 56.97 22.95
C GLU E 12 -28.45 56.56 23.21
N ALA E 13 -27.52 57.38 22.75
CA ALA E 13 -26.11 57.07 22.94
C ALA E 13 -25.71 57.25 24.39
N GLY E 14 -24.62 56.58 24.78
CA GLY E 14 -24.09 56.66 26.12
C GLY E 14 -24.21 55.34 26.86
N VAL E 15 -23.65 55.35 28.08
CA VAL E 15 -23.51 54.14 28.87
C VAL E 15 -24.80 53.87 29.64
N LYS E 16 -25.27 52.62 29.57
CA LYS E 16 -26.37 52.12 30.40
C LYS E 16 -25.83 51.02 31.31
N GLU E 17 -26.63 50.68 32.33
CA GLU E 17 -26.32 49.51 33.14
C GLU E 17 -26.68 48.24 32.38
N TYR E 18 -25.83 47.22 32.50
CA TYR E 18 -26.09 45.97 31.79
C TYR E 18 -27.42 45.35 32.25
N ARG E 19 -27.80 45.53 33.51
CA ARG E 19 -28.95 44.81 34.02
C ARG E 19 -30.25 45.30 33.41
N GLN E 20 -30.27 46.50 32.83
CA GLN E 20 -31.49 46.97 32.17
C GLN E 20 -31.89 46.07 31.00
N THR E 21 -30.94 45.35 30.41
CA THR E 21 -31.18 44.55 29.22
C THR E 21 -30.93 43.07 29.42
N TYR E 22 -30.02 42.68 30.31
CA TYR E 22 -29.50 41.30 30.34
C TYR E 22 -29.86 40.55 31.61
N TYR E 23 -30.60 41.17 32.53
CA TYR E 23 -31.08 40.49 33.73
C TYR E 23 -32.59 40.32 33.59
N ASP E 24 -33.05 39.07 33.59
CA ASP E 24 -34.46 38.73 33.35
C ASP E 24 -34.85 37.57 34.24
N PRO E 25 -35.12 37.85 35.52
CA PRO E 25 -35.45 36.76 36.45
C PRO E 25 -36.78 36.08 36.18
N ASP E 26 -37.59 36.58 35.26
CA ASP E 26 -38.82 35.92 34.85
C ASP E 26 -38.67 35.07 33.60
N TYR E 27 -37.45 34.97 33.05
CA TYR E 27 -37.25 34.17 31.85
C TYR E 27 -37.29 32.69 32.17
N THR E 28 -37.98 31.92 31.32
CA THR E 28 -38.01 30.46 31.43
C THR E 28 -37.12 29.88 30.35
N PRO E 29 -36.06 29.15 30.69
CA PRO E 29 -35.18 28.60 29.65
C PRO E 29 -35.93 27.66 28.72
N LYS E 30 -35.56 27.72 27.44
CA LYS E 30 -36.02 26.77 26.45
C LYS E 30 -35.14 25.52 26.44
N ASP E 31 -35.72 24.41 25.99
CA ASP E 31 -34.97 23.17 25.90
C ASP E 31 -33.82 23.26 24.90
N THR E 32 -33.82 24.25 24.00
CA THR E 32 -32.70 24.43 23.08
C THR E 32 -31.66 25.43 23.59
N ASP E 33 -31.93 26.13 24.68
CA ASP E 33 -30.96 27.08 25.22
C ASP E 33 -29.73 26.35 25.76
N ILE E 34 -28.57 26.96 25.58
CA ILE E 34 -27.38 26.59 26.35
C ILE E 34 -27.44 27.32 27.68
N LEU E 35 -27.29 26.59 28.79
CA LEU E 35 -27.32 27.19 30.10
C LEU E 35 -25.93 27.13 30.74
N ALA E 36 -25.58 28.16 31.49
CA ALA E 36 -24.34 28.22 32.25
C ALA E 36 -24.64 28.59 33.69
N ALA E 37 -23.95 27.94 34.62
CA ALA E 37 -23.97 28.30 36.04
C ALA E 37 -22.60 28.87 36.39
N PHE E 38 -22.57 30.15 36.75
CA PHE E 38 -21.36 30.87 37.12
C PHE E 38 -21.38 31.17 38.61
N ARG E 39 -20.25 30.92 39.29
CA ARG E 39 -20.01 31.43 40.62
C ARG E 39 -19.30 32.77 40.47
N ILE E 40 -19.97 33.85 40.85
CA ILE E 40 -19.52 35.20 40.55
C ILE E 40 -19.22 35.94 41.84
N THR E 41 -18.05 36.58 41.90
CA THR E 41 -17.64 37.41 43.03
C THR E 41 -17.56 38.86 42.56
N PRO E 42 -18.58 39.68 42.81
CA PRO E 42 -18.55 41.06 42.32
C PRO E 42 -17.59 41.91 43.13
N GLN E 43 -17.13 43.00 42.51
CA GLN E 43 -16.44 44.02 43.27
C GLN E 43 -17.40 44.61 44.30
N PRO E 44 -16.89 45.07 45.44
CA PRO E 44 -17.77 45.80 46.37
C PRO E 44 -18.39 47.00 45.67
N GLY E 45 -19.69 47.19 45.90
CA GLY E 45 -20.39 48.28 45.28
C GLY E 45 -21.06 47.94 43.96
N VAL E 46 -20.72 46.81 43.35
CA VAL E 46 -21.35 46.34 42.14
C VAL E 46 -22.51 45.39 42.58
N PRO E 47 -23.75 45.72 42.33
CA PRO E 47 -24.83 44.80 42.71
C PRO E 47 -24.69 43.48 41.97
N PRO E 48 -25.01 42.36 42.62
CA PRO E 48 -24.87 41.07 41.94
C PRO E 48 -25.65 40.98 40.64
N GLU E 49 -26.84 41.61 40.58
CA GLU E 49 -27.61 41.62 39.34
C GLU E 49 -26.84 42.29 38.22
N GLU E 50 -26.10 43.36 38.53
CA GLU E 50 -25.34 44.05 37.50
C GLU E 50 -24.09 43.26 37.11
N ALA E 51 -23.45 42.61 38.08
CA ALA E 51 -22.29 41.77 37.74
C ALA E 51 -22.72 40.60 36.86
N ALA E 52 -23.81 39.92 37.23
CA ALA E 52 -24.29 38.81 36.42
C ALA E 52 -24.74 39.28 35.03
N ALA E 53 -25.36 40.46 34.96
CA ALA E 53 -25.82 40.97 33.68
C ALA E 53 -24.64 41.32 32.79
N ALA E 54 -23.55 41.83 33.39
CA ALA E 54 -22.35 42.11 32.62
C ALA E 54 -21.79 40.83 32.00
N VAL E 55 -21.73 39.75 32.79
CA VAL E 55 -21.27 38.47 32.26
C VAL E 55 -22.16 38.02 31.11
N ALA E 56 -23.48 38.11 31.30
CA ALA E 56 -24.40 37.71 30.24
C ALA E 56 -24.23 38.58 29.01
N ALA E 57 -24.09 39.89 29.20
CA ALA E 57 -23.97 40.79 28.07
C ALA E 57 -22.69 40.53 27.29
N GLU E 58 -21.56 40.50 27.98
CA GLU E 58 -20.27 40.45 27.31
C GLU E 58 -19.87 39.04 26.87
N SER E 59 -20.73 38.05 27.10
CA SER E 59 -20.58 36.74 26.49
C SER E 59 -21.65 36.45 25.44
N SER E 60 -22.43 37.45 25.05
CA SER E 60 -23.42 37.26 24.01
C SER E 60 -23.44 38.42 23.00
N THR E 61 -24.13 39.52 23.31
CA THR E 61 -24.37 40.56 22.34
C THR E 61 -23.94 41.98 22.74
N GLY E 62 -23.58 42.23 23.99
CA GLY E 62 -23.44 43.58 24.48
C GLY E 62 -22.01 44.08 24.56
N THR E 63 -21.87 45.40 24.65
CA THR E 63 -20.60 46.00 25.07
C THR E 63 -20.93 47.12 26.06
N TRP E 64 -19.97 48.01 26.28
CA TRP E 64 -19.95 48.90 27.44
C TRP E 64 -20.76 50.18 27.24
N THR E 65 -21.23 50.46 26.03
CA THR E 65 -22.00 51.66 25.73
C THR E 65 -22.99 51.30 24.64
N THR E 66 -24.05 52.11 24.53
CA THR E 66 -25.12 51.80 23.58
C THR E 66 -24.64 52.00 22.14
N VAL E 67 -24.95 51.06 21.26
CA VAL E 67 -24.61 51.16 19.84
C VAL E 67 -25.89 51.12 19.02
N TRP E 68 -25.98 52.02 18.03
CA TRP E 68 -27.16 52.10 17.19
C TRP E 68 -27.36 50.81 16.39
N SER E 69 -26.28 50.11 16.09
CA SER E 69 -26.35 48.92 15.25
C SER E 69 -27.16 47.80 15.89
N ASP E 70 -27.40 47.85 17.20
CA ASP E 70 -28.35 46.92 17.82
C ASP E 70 -29.67 46.91 17.06
N LEU E 71 -30.08 48.08 16.57
CA LEU E 71 -31.40 48.24 15.96
C LEU E 71 -31.47 47.64 14.57
N LEU E 72 -30.34 47.24 14.01
CA LEU E 72 -30.35 46.48 12.76
C LEU E 72 -30.82 45.05 12.97
N THR E 73 -30.77 44.54 14.19
CA THR E 73 -31.12 43.16 14.46
C THR E 73 -32.16 43.09 15.57
N ASP E 74 -32.51 41.86 15.94
CA ASP E 74 -33.54 41.57 16.93
C ASP E 74 -32.81 41.14 18.20
N LEU E 75 -32.33 42.15 18.96
CA LEU E 75 -31.50 41.85 20.12
C LEU E 75 -32.23 40.96 21.12
N ASP E 76 -33.55 41.15 21.27
CA ASP E 76 -34.33 40.31 22.17
C ASP E 76 -34.13 38.84 21.87
N ARG E 77 -33.98 38.51 20.60
CA ARG E 77 -33.87 37.12 20.17
C ARG E 77 -32.49 36.54 20.43
N TYR E 78 -31.45 37.38 20.46
CA TYR E 78 -30.08 36.89 20.49
C TYR E 78 -29.37 37.07 21.83
N LYS E 79 -29.82 38.00 22.67
CA LYS E 79 -29.11 38.26 23.92
C LYS E 79 -29.18 37.07 24.85
N ALA E 80 -28.08 36.83 25.57
CA ALA E 80 -28.14 35.96 26.73
C ALA E 80 -28.86 36.68 27.86
N ARG E 81 -29.46 35.90 28.76
CA ARG E 81 -30.21 36.45 29.89
C ARG E 81 -29.79 35.73 31.16
N CYS E 82 -29.37 36.48 32.16
CA CYS E 82 -29.28 35.93 33.51
C CYS E 82 -30.70 35.81 34.06
N TYR E 83 -31.15 34.58 34.32
CA TYR E 83 -32.53 34.34 34.71
C TYR E 83 -32.68 33.90 36.16
N ARG E 84 -31.58 33.75 36.89
CA ARG E 84 -31.65 33.35 38.30
C ARG E 84 -30.32 33.65 38.96
N ILE E 85 -30.36 34.25 40.14
CA ILE E 85 -29.19 34.49 40.96
C ILE E 85 -29.48 33.96 42.37
N GLU E 86 -28.62 33.06 42.85
CA GLU E 86 -28.73 32.49 44.19
C GLU E 86 -27.57 32.95 45.06
N PRO E 87 -27.82 33.40 46.29
CA PRO E 87 -26.70 33.64 47.20
C PRO E 87 -25.99 32.35 47.53
N VAL E 88 -24.71 32.45 47.88
CA VAL E 88 -23.92 31.32 48.32
C VAL E 88 -23.90 31.35 49.86
N PRO E 89 -24.57 30.42 50.54
CA PRO E 89 -24.51 30.43 52.01
C PRO E 89 -23.10 30.13 52.48
N GLY E 90 -22.62 30.93 53.43
CA GLY E 90 -21.27 30.83 53.92
C GLY E 90 -20.30 31.83 53.33
N ASN E 91 -20.61 32.39 52.15
CA ASN E 91 -19.78 33.42 51.54
C ASN E 91 -20.67 34.54 51.02
N ASP E 92 -20.69 35.65 51.76
CA ASP E 92 -21.61 36.75 51.50
C ASP E 92 -21.25 37.55 50.24
N ASN E 93 -20.13 37.28 49.58
CA ASN E 93 -19.80 37.99 48.36
C ASN E 93 -19.67 37.05 47.16
N GLN E 94 -20.22 35.85 47.25
CA GLN E 94 -20.33 34.95 46.11
C GLN E 94 -21.81 34.71 45.80
N TYR E 95 -22.10 34.56 44.52
CA TYR E 95 -23.45 34.27 44.03
C TYR E 95 -23.35 33.26 42.89
N ILE E 96 -24.39 32.45 42.75
CA ILE E 96 -24.53 31.57 41.60
C ILE E 96 -25.49 32.24 40.62
N ALA E 97 -24.97 32.56 39.44
CA ALA E 97 -25.74 33.22 38.39
C ALA E 97 -26.00 32.21 37.27
N TYR E 98 -27.26 32.05 36.91
CA TYR E 98 -27.66 31.17 35.82
C TYR E 98 -27.96 32.02 34.59
N ILE E 99 -27.35 31.67 33.47
CA ILE E 99 -27.45 32.44 32.24
C ILE E 99 -27.87 31.51 31.11
N ALA E 100 -28.83 31.94 30.30
CA ALA E 100 -29.33 31.18 29.17
C ALA E 100 -28.92 31.83 27.86
N TYR E 101 -28.39 31.02 26.94
CA TYR E 101 -27.89 31.47 25.64
C TYR E 101 -28.69 30.82 24.53
N PRO E 102 -29.28 31.59 23.59
CA PRO E 102 -30.01 30.97 22.48
C PRO E 102 -29.11 30.06 21.65
N LEU E 103 -29.72 28.98 21.13
CA LEU E 103 -28.98 28.02 20.32
C LEU E 103 -28.30 28.69 19.13
N ASP E 104 -28.92 29.72 18.57
CA ASP E 104 -28.41 30.41 17.39
C ASP E 104 -27.07 31.10 17.59
N LEU E 105 -26.62 31.27 18.82
CA LEU E 105 -25.38 32.01 19.05
C LEU E 105 -24.13 31.20 18.72
N PHE E 106 -24.27 29.88 18.53
CA PHE E 106 -23.12 28.98 18.55
C PHE E 106 -22.89 28.33 17.20
N GLU E 107 -21.62 28.27 16.81
CA GLU E 107 -21.26 27.53 15.60
C GLU E 107 -21.45 26.04 15.85
N GLU E 108 -22.15 25.38 14.94
CA GLU E 108 -22.35 23.93 15.02
C GLU E 108 -21.03 23.18 15.12
N GLY E 109 -20.97 22.21 16.03
CA GLY E 109 -19.81 21.36 16.17
C GLY E 109 -18.53 22.03 16.61
N SER E 110 -18.61 23.22 17.19
CA SER E 110 -17.43 24.00 17.53
C SER E 110 -17.38 24.36 19.01
N ILE E 111 -16.67 23.53 19.79
CA ILE E 111 -16.38 23.91 21.17
C ILE E 111 -15.55 25.20 21.19
N VAL E 112 -14.65 25.35 20.22
CA VAL E 112 -13.86 26.57 20.14
C VAL E 112 -14.75 27.80 20.13
N ASN E 113 -15.81 27.78 19.31
CA ASN E 113 -16.73 28.91 19.31
C ASN E 113 -17.46 29.04 20.63
N LEU E 114 -17.95 27.92 21.17
CA LEU E 114 -18.65 27.97 22.45
C LEU E 114 -17.77 28.62 23.52
N MET E 115 -16.51 28.23 23.59
CA MET E 115 -15.61 28.81 24.58
C MET E 115 -15.40 30.30 24.33
N SER E 116 -15.27 30.69 23.05
CA SER E 116 -15.01 32.08 22.72
CA SER E 116 -14.99 32.08 22.75
C SER E 116 -16.10 33.00 23.27
N SER E 117 -17.34 32.50 23.33
CA SER E 117 -18.41 33.27 23.95
C SER E 117 -18.41 33.09 25.47
N ILE E 118 -18.55 31.85 25.94
CA ILE E 118 -18.89 31.61 27.35
C ILE E 118 -17.74 32.01 28.26
N VAL E 119 -16.49 31.80 27.83
CA VAL E 119 -15.35 32.07 28.71
C VAL E 119 -14.33 32.99 28.03
N GLY E 120 -14.75 33.68 26.98
CA GLY E 120 -13.81 34.46 26.18
C GLY E 120 -13.22 35.68 26.88
N ASN E 121 -14.09 36.60 27.30
CA ASN E 121 -13.63 37.84 27.93
C ASN E 121 -14.14 38.04 29.36
N VAL E 122 -15.21 37.35 29.77
CA VAL E 122 -15.93 37.75 30.96
C VAL E 122 -15.18 37.46 32.26
N PHE E 123 -14.08 36.70 32.22
CA PHE E 123 -13.32 36.43 33.43
C PHE E 123 -12.35 37.56 33.79
N GLY E 124 -12.17 38.54 32.92
CA GLY E 124 -11.21 39.60 33.13
C GLY E 124 -11.79 40.98 33.36
N PHE E 125 -13.09 41.11 33.60
CA PHE E 125 -13.67 42.42 33.79
C PHE E 125 -13.31 42.99 35.16
N LYS E 126 -13.02 44.30 35.19
CA LYS E 126 -12.70 44.96 36.45
C LYS E 126 -13.83 44.78 37.46
N ALA E 127 -15.08 44.81 37.00
CA ALA E 127 -16.22 44.81 37.92
C ALA E 127 -16.44 43.47 38.60
N VAL E 128 -15.78 42.41 38.14
CA VAL E 128 -15.94 41.06 38.70
C VAL E 128 -14.58 40.60 39.22
N ARG E 129 -14.49 40.37 40.52
CA ARG E 129 -13.21 40.01 41.13
C ARG E 129 -12.82 38.57 40.85
N ALA E 130 -13.80 37.68 40.72
CA ALA E 130 -13.52 36.27 40.46
C ALA E 130 -14.76 35.66 39.81
N LEU E 131 -14.53 34.63 39.01
CA LEU E 131 -15.58 33.99 38.25
C LEU E 131 -15.20 32.54 38.02
N ARG E 132 -16.10 31.61 38.35
CA ARG E 132 -15.89 30.21 38.03
C ARG E 132 -17.10 29.67 37.28
N LEU E 133 -16.85 29.08 36.11
CA LEU E 133 -17.89 28.36 35.37
C LEU E 133 -18.01 26.98 36.01
N GLU E 134 -19.14 26.73 36.67
CA GLU E 134 -19.33 25.49 37.43
C GLU E 134 -19.93 24.38 36.59
N ASP E 135 -20.88 24.69 35.71
CA ASP E 135 -21.58 23.67 34.95
C ASP E 135 -22.24 24.35 33.76
N MET E 136 -22.60 23.53 32.77
CA MET E 136 -23.35 23.99 31.61
C MET E 136 -24.37 22.92 31.24
N ARG E 137 -25.54 23.34 30.80
CA ARG E 137 -26.53 22.43 30.24
C ARG E 137 -26.42 22.52 28.72
N ILE E 138 -25.89 21.48 28.11
CA ILE E 138 -25.76 21.41 26.65
C ILE E 138 -27.03 20.76 26.12
N PRO E 139 -27.85 21.47 25.35
CA PRO E 139 -29.08 20.87 24.83
C PRO E 139 -28.81 19.79 23.80
N VAL E 140 -29.75 18.85 23.68
CA VAL E 140 -29.59 17.77 22.70
C VAL E 140 -29.44 18.33 21.29
N ALA E 141 -30.15 19.42 20.98
CA ALA E 141 -30.07 19.96 19.63
C ALA E 141 -28.68 20.45 19.28
N TYR E 142 -27.90 20.92 20.26
CA TYR E 142 -26.51 21.28 19.97
C TYR E 142 -25.60 20.05 19.96
N LEU E 143 -25.84 19.10 20.87
CA LEU E 143 -25.05 17.89 20.92
C LEU E 143 -25.05 17.17 19.58
N LYS E 144 -26.19 17.15 18.89
CA LYS E 144 -26.27 16.42 17.63
C LYS E 144 -25.40 17.03 16.54
N THR E 145 -24.81 18.21 16.76
CA THR E 145 -23.89 18.77 15.79
C THR E 145 -22.46 18.30 16.00
N PHE E 146 -22.21 17.44 16.99
CA PHE E 146 -20.88 16.96 17.32
C PHE E 146 -20.75 15.46 17.04
N GLN E 147 -19.51 15.05 16.72
CA GLN E 147 -19.25 13.64 16.50
C GLN E 147 -19.40 12.81 17.76
N GLY E 148 -18.91 13.31 18.89
CA GLY E 148 -18.74 12.51 20.08
C GLY E 148 -17.53 11.59 19.96
N PRO E 149 -17.36 10.68 20.92
CA PRO E 149 -16.18 9.80 20.92
C PRO E 149 -15.98 9.11 19.58
N PRO E 150 -14.73 9.00 19.12
CA PRO E 150 -14.47 8.19 17.92
C PRO E 150 -15.07 6.79 18.01
N HIS E 151 -15.07 6.17 19.19
CA HIS E 151 -15.61 4.82 19.36
C HIS E 151 -16.49 4.71 20.59
N GLY E 152 -15.96 5.04 21.77
CA GLY E 152 -16.72 4.92 22.99
C GLY E 152 -16.60 3.55 23.63
N ILE E 153 -17.09 3.46 24.87
CA ILE E 153 -16.77 2.34 25.76
C ILE E 153 -17.17 1.02 25.13
N GLN E 154 -18.42 0.89 24.68
CA GLN E 154 -18.90 -0.40 24.19
CA GLN E 154 -18.89 -0.39 24.18
C GLN E 154 -18.10 -0.84 22.96
N VAL E 155 -17.91 0.08 22.00
CA VAL E 155 -17.16 -0.27 20.79
C VAL E 155 -15.72 -0.60 21.14
N GLU E 156 -15.11 0.14 22.07
CA GLU E 156 -13.73 -0.14 22.43
C GLU E 156 -13.59 -1.53 23.04
N ARG E 157 -14.47 -1.89 23.99
CA ARG E 157 -14.40 -3.23 24.56
C ARG E 157 -14.54 -4.29 23.48
N ASP E 158 -15.41 -4.06 22.50
CA ASP E 158 -15.57 -5.01 21.40
C ASP E 158 -14.32 -5.06 20.53
N ARG E 159 -13.69 -3.91 20.29
CA ARG E 159 -12.47 -3.90 19.49
C ARG E 159 -11.28 -4.52 20.24
N LEU E 160 -11.30 -4.53 21.56
CA LEU E 160 -10.22 -5.11 22.34
C LEU E 160 -10.52 -6.53 22.79
N ASN E 161 -11.78 -6.98 22.69
CA ASN E 161 -12.22 -8.28 23.19
C ASN E 161 -11.92 -8.43 24.67
N LYS E 162 -12.29 -7.41 25.46
CA LYS E 162 -12.04 -7.37 26.89
C LYS E 162 -13.34 -7.04 27.61
N TYR E 163 -13.78 -7.93 28.48
CA TYR E 163 -15.05 -7.78 29.18
C TYR E 163 -14.95 -8.25 30.63
N GLY E 164 -15.51 -7.46 31.54
CA GLY E 164 -15.72 -7.90 32.91
C GLY E 164 -14.77 -7.33 33.95
N ARG E 165 -13.88 -6.43 33.57
CA ARG E 165 -12.96 -5.85 34.54
C ARG E 165 -12.50 -4.50 34.03
N PRO E 166 -12.05 -3.61 34.91
CA PRO E 166 -11.31 -2.43 34.46
C PRO E 166 -10.11 -2.83 33.61
N LEU E 167 -9.71 -1.92 32.74
CA LEU E 167 -8.50 -2.07 31.97
C LEU E 167 -7.32 -1.50 32.77
N LEU E 168 -6.12 -1.98 32.45
CA LEU E 168 -4.92 -1.63 33.20
C LEU E 168 -3.88 -1.01 32.27
N GLY E 169 -3.36 0.15 32.67
CA GLY E 169 -2.34 0.83 31.92
C GLY E 169 -1.16 1.27 32.78
N CYS E 170 -0.25 2.05 32.20
CA CYS E 170 1.01 2.36 32.87
C CYS E 170 1.80 3.41 32.10
N THR E 171 2.15 4.51 32.76
CA THR E 171 3.04 5.51 32.14
C THR E 171 4.50 5.09 32.31
N ILE E 172 5.24 5.08 31.21
CA ILE E 172 6.67 4.77 31.26
C ILE E 172 7.40 5.86 32.03
N LYS E 173 8.38 5.47 32.82
CA LYS E 173 9.21 6.37 33.62
C LYS E 173 10.66 5.92 33.47
N PRO E 174 11.63 6.84 33.70
CA PRO E 174 11.48 8.27 34.05
C PRO E 174 10.70 9.06 32.99
N LYS E 175 10.09 10.18 33.36
CA LYS E 175 9.23 10.89 32.42
C LYS E 175 9.98 11.17 31.13
N LEU E 176 11.16 11.76 31.24
CA LEU E 176 11.99 12.14 30.12
C LEU E 176 13.36 11.53 30.28
N GLY E 177 14.08 11.40 29.17
CA GLY E 177 15.47 10.97 29.20
C GLY E 177 15.74 9.57 28.70
N LEU E 178 14.72 8.74 28.48
CA LEU E 178 14.94 7.40 27.95
C LEU E 178 15.11 7.44 26.43
N SER E 179 15.95 6.53 25.92
CA SER E 179 16.12 6.32 24.49
C SER E 179 14.98 5.49 23.93
N ALA E 180 14.87 5.49 22.59
CA ALA E 180 13.83 4.72 21.92
C ALA E 180 13.93 3.24 22.23
N LYS E 181 15.12 2.66 22.12
CA LYS E 181 15.27 1.23 22.36
C LYS E 181 14.90 0.88 23.80
N ASN E 182 15.32 1.72 24.75
CA ASN E 182 14.98 1.45 26.15
C ASN E 182 13.48 1.61 26.38
N TYR E 183 12.85 2.58 25.71
CA TYR E 183 11.40 2.73 25.81
C TYR E 183 10.70 1.44 25.38
N GLY E 184 11.14 0.87 24.26
CA GLY E 184 10.57 -0.40 23.81
C GLY E 184 10.81 -1.53 24.79
N ARG E 185 12.00 -1.58 25.40
CA ARG E 185 12.27 -2.62 26.38
C ARG E 185 11.29 -2.54 27.55
N VAL E 186 11.13 -1.34 28.13
CA VAL E 186 10.29 -1.24 29.32
C VAL E 186 8.83 -1.47 28.95
N VAL E 187 8.41 -1.04 27.75
CA VAL E 187 7.06 -1.32 27.27
C VAL E 187 6.84 -2.82 27.15
N TYR E 188 7.77 -3.52 26.49
CA TYR E 188 7.66 -4.97 26.35
C TYR E 188 7.50 -5.64 27.71
N GLU E 189 8.36 -5.29 28.67
CA GLU E 189 8.30 -5.94 29.98
C GLU E 189 6.97 -5.66 30.68
N CYS E 190 6.49 -4.42 30.58
CA CYS E 190 5.20 -4.07 31.18
C CYS E 190 4.05 -4.87 30.57
N LEU E 191 3.92 -4.83 29.24
CA LEU E 191 2.77 -5.45 28.59
C LEU E 191 2.78 -6.97 28.75
N ARG E 192 3.97 -7.57 28.66
CA ARG E 192 4.03 -9.03 28.73
C ARG E 192 3.71 -9.57 30.12
N GLY E 193 3.78 -8.72 31.15
CA GLY E 193 3.43 -9.14 32.49
C GLY E 193 1.97 -9.01 32.86
N GLY E 194 1.12 -8.48 31.98
CA GLY E 194 -0.31 -8.51 32.21
C GLY E 194 -1.05 -7.19 32.10
N LEU E 195 -0.35 -6.10 31.83
CA LEU E 195 -1.02 -4.84 31.58
C LEU E 195 -1.63 -4.85 30.18
N ASP E 196 -2.81 -4.22 30.06
CA ASP E 196 -3.43 -4.05 28.75
C ASP E 196 -2.73 -2.97 27.94
N PHE E 197 -2.26 -1.92 28.62
CA PHE E 197 -1.77 -0.72 27.96
C PHE E 197 -0.50 -0.22 28.64
N THR E 198 0.35 0.45 27.86
CA THR E 198 1.37 1.35 28.39
C THR E 198 1.16 2.69 27.67
N ASP E 200 3.22 6.73 26.43
CA ASP E 200 4.16 7.83 26.50
C ASP E 200 3.74 8.72 27.66
N ASP E 201 4.71 9.32 28.37
CA ASP E 201 4.33 10.39 29.29
C ASP E 201 3.79 11.59 28.50
N GLU E 202 2.96 12.40 29.15
CA GLU E 202 2.32 13.49 28.43
C GLU E 202 3.34 14.43 27.80
N ASN E 203 4.54 14.53 28.37
CA ASN E 203 5.55 15.45 27.85
C ASN E 203 6.57 14.74 26.96
N ILE E 204 6.38 13.46 26.68
CA ILE E 204 7.17 12.73 25.70
C ILE E 204 6.52 13.00 24.34
N ASN E 205 7.18 13.82 23.52
CA ASN E 205 6.71 14.10 22.16
C ASN E 205 7.83 13.70 21.21
N SER E 206 8.71 14.64 20.87
CA SER E 206 9.95 14.31 20.17
C SER E 206 11.06 15.22 20.67
N GLN E 207 12.20 14.66 21.05
CA GLN E 207 13.22 15.39 21.78
C GLN E 207 14.60 14.86 21.44
N PRO E 208 15.66 15.61 21.75
CA PRO E 208 17.01 15.12 21.43
C PRO E 208 17.35 13.75 22.01
N PHE E 209 16.85 13.41 23.21
CA PHE E 209 17.18 12.13 23.80
C PHE E 209 16.40 10.98 23.18
N MET E 210 15.33 11.29 22.45
CA MET E 210 14.51 10.27 21.82
C MET E 210 13.60 10.91 20.79
N ARG E 211 13.86 10.66 19.51
CA ARG E 211 13.03 11.19 18.44
C ARG E 211 11.82 10.27 18.23
N TRP E 212 10.70 10.87 17.82
CA TRP E 212 9.44 10.17 17.91
C TRP E 212 9.36 8.96 16.98
N ARG E 213 9.87 9.06 15.76
CA ARG E 213 9.76 7.93 14.85
CA ARG E 213 9.75 7.92 14.85
C ARG E 213 10.54 6.74 15.38
N ASP E 214 11.74 6.98 15.91
CA ASP E 214 12.49 5.91 16.58
C ASP E 214 11.66 5.28 17.69
N ARG E 215 11.06 6.12 18.54
CA ARG E 215 10.25 5.58 19.63
C ARG E 215 9.11 4.71 19.11
N PHE E 216 8.35 5.23 18.14
CA PHE E 216 7.20 4.50 17.63
C PHE E 216 7.65 3.14 17.09
N LEU E 217 8.79 3.11 16.41
CA LEU E 217 9.28 1.85 15.84
C LEU E 217 9.57 0.82 16.92
N PHE E 218 10.40 1.18 17.91
CA PHE E 218 10.78 0.22 18.93
C PHE E 218 9.60 -0.15 19.83
N VAL E 219 8.76 0.83 20.15
CA VAL E 219 7.60 0.55 20.99
C VAL E 219 6.65 -0.44 20.30
N MET E 220 6.39 -0.24 19.01
CA MET E 220 5.42 -1.14 18.36
C MET E 220 6.01 -2.54 18.15
N GLU E 221 7.33 -2.68 17.98
CA GLU E 221 7.91 -4.01 18.04
C GLU E 221 7.59 -4.67 19.37
N ALA E 222 7.73 -3.92 20.47
CA ALA E 222 7.45 -4.44 21.79
C ALA E 222 5.97 -4.78 21.97
N VAL E 223 5.08 -3.93 21.45
CA VAL E 223 3.65 -4.18 21.62
C VAL E 223 3.25 -5.47 20.92
N HIS E 224 3.65 -5.62 19.64
CA HIS E 224 3.28 -6.81 18.89
C HIS E 224 3.90 -8.05 19.52
N LYS E 225 5.12 -7.94 20.04
CA LYS E 225 5.77 -9.07 20.68
C LYS E 225 5.02 -9.50 21.93
N ALA E 226 4.65 -8.53 22.77
CA ALA E 226 3.93 -8.86 24.01
C ALA E 226 2.54 -9.43 23.71
N GLU E 227 1.88 -8.93 22.67
CA GLU E 227 0.56 -9.45 22.30
C GLU E 227 0.66 -10.90 21.84
N ALA E 228 1.65 -11.21 21.00
CA ALA E 228 1.84 -12.59 20.55
C ALA E 228 2.23 -13.51 21.70
N GLU E 229 3.04 -13.01 22.65
CA GLU E 229 3.52 -13.84 23.74
C GLU E 229 2.40 -14.15 24.75
N THR E 230 1.54 -13.18 25.04
CA THR E 230 0.51 -13.36 26.06
C THR E 230 -0.80 -13.90 25.50
N GLY E 231 -1.06 -13.68 24.22
CA GLY E 231 -2.36 -14.00 23.64
C GLY E 231 -3.44 -12.98 23.88
N GLU E 232 -3.14 -11.87 24.55
CA GLU E 232 -4.11 -10.82 24.84
C GLU E 232 -3.80 -9.57 24.01
N ARG E 233 -4.84 -8.90 23.54
CA ARG E 233 -4.65 -7.68 22.75
C ARG E 233 -4.05 -6.58 23.62
N LYS E 234 -3.04 -5.91 23.07
CA LYS E 234 -2.27 -4.90 23.77
C LYS E 234 -2.31 -3.57 23.01
N GLY E 235 -1.96 -2.50 23.72
CA GLY E 235 -1.79 -1.21 23.10
C GLY E 235 -0.84 -0.34 23.89
N HIS E 236 -0.15 0.54 23.18
CA HIS E 236 0.65 1.61 23.77
C HIS E 236 0.13 2.93 23.21
N TYR E 237 -0.29 3.85 24.09
CA TYR E 237 -0.77 5.13 23.61
C TYR E 237 0.44 5.93 23.10
N LEU E 238 0.71 5.86 21.81
CA LEU E 238 1.73 6.70 21.19
C LEU E 238 1.27 8.16 21.18
N ASN E 239 2.11 9.05 21.71
CA ASN E 239 1.71 10.45 21.89
C ASN E 239 1.92 11.22 20.58
N VAL E 240 0.85 11.76 20.03
CA VAL E 240 0.90 12.56 18.81
C VAL E 240 0.84 14.06 19.11
N THR E 241 0.83 14.44 20.39
CA THR E 241 0.97 15.85 20.74
C THR E 241 2.18 16.43 20.02
N ALA E 242 1.99 17.53 19.30
CA ALA E 242 2.97 17.99 18.33
C ALA E 242 2.82 19.48 18.15
N PRO E 243 3.85 20.17 17.63
CA PRO E 243 3.76 21.63 17.50
C PRO E 243 2.74 22.09 16.50
N THR E 244 2.55 21.37 15.40
CA THR E 244 1.66 21.76 14.33
C THR E 244 0.69 20.63 14.03
N MET E 245 -0.43 21.00 13.39
CA MET E 245 -1.38 19.98 12.97
C MET E 245 -0.74 19.02 11.99
N GLU E 246 0.13 19.53 11.12
CA GLU E 246 0.79 18.68 10.14
C GLU E 246 1.67 17.63 10.82
N GLU E 247 2.45 18.04 11.81
CA GLU E 247 3.24 17.08 12.57
C GLU E 247 2.33 16.10 13.32
N MET E 248 1.22 16.60 13.87
CA MET E 248 0.32 15.71 14.60
C MET E 248 -0.22 14.62 13.69
N TYR E 249 -0.67 15.00 12.49
CA TYR E 249 -1.15 14.00 11.53
C TYR E 249 -0.03 13.02 11.15
N LYS E 250 1.18 13.52 10.92
CA LYS E 250 2.28 12.62 10.57
C LYS E 250 2.47 11.55 11.63
N ARG E 251 2.40 11.94 12.90
CA ARG E 251 2.62 10.99 13.98
C ARG E 251 1.45 10.03 14.11
N ALA E 252 0.22 10.54 13.97
CA ALA E 252 -0.94 9.65 13.96
C ALA E 252 -0.87 8.64 12.81
N GLU E 253 -0.49 9.08 11.61
CA GLU E 253 -0.44 8.17 10.49
C GLU E 253 0.61 7.09 10.69
N PHE E 254 1.76 7.43 11.28
CA PHE E 254 2.79 6.41 11.48
C PHE E 254 2.35 5.41 12.54
N ALA E 255 1.67 5.87 13.60
CA ALA E 255 1.11 4.93 14.56
C ALA E 255 0.19 3.94 13.87
N LYS E 256 -0.65 4.42 12.96
CA LYS E 256 -1.55 3.52 12.23
C LYS E 256 -0.77 2.59 11.33
N GLU E 257 0.21 3.13 10.60
CA GLU E 257 1.03 2.31 9.70
C GLU E 257 1.69 1.16 10.44
N LEU E 258 2.15 1.40 11.66
CA LEU E 258 2.82 0.39 12.47
C LEU E 258 1.85 -0.55 13.15
N GLY E 259 0.55 -0.33 13.01
CA GLY E 259 -0.43 -1.26 13.57
C GLY E 259 -0.89 -0.98 14.97
N SER E 260 -0.67 0.23 15.48
CA SER E 260 -1.17 0.54 16.82
C SER E 260 -2.69 0.67 16.79
N ARG E 261 -3.34 0.12 17.80
CA ARG E 261 -4.78 0.31 17.98
C ARG E 261 -5.11 1.65 18.60
N ILE E 262 -4.13 2.39 19.11
CA ILE E 262 -4.43 3.52 19.99
C ILE E 262 -3.33 4.58 19.94
N ILE E 263 -3.74 5.83 20.11
CA ILE E 263 -2.84 6.96 20.29
C ILE E 263 -3.35 7.80 21.45
N MET E 264 -2.51 8.71 21.93
CA MET E 264 -2.93 9.71 22.91
C MET E 264 -2.63 11.11 22.38
N VAL E 265 -3.34 12.09 22.93
CA VAL E 265 -3.04 13.50 22.72
C VAL E 265 -3.31 14.26 24.00
N ASP E 266 -2.50 15.28 24.25
CA ASP E 266 -2.74 16.23 25.34
C ASP E 266 -3.72 17.26 24.79
N PHE E 267 -5.03 17.04 24.99
CA PHE E 267 -6.02 17.79 24.22
C PHE E 267 -6.05 19.26 24.61
N LEU E 268 -5.72 19.60 25.86
CA LEU E 268 -5.74 21.01 26.27
C LEU E 268 -4.51 21.77 25.84
N THR E 269 -3.32 21.16 25.94
CA THR E 269 -2.13 21.88 25.53
C THR E 269 -2.06 21.98 24.02
N ALA E 270 -2.47 20.91 23.31
CA ALA E 270 -2.61 21.03 21.85
C ALA E 270 -3.75 21.97 21.49
N GLY E 271 -4.87 21.88 22.21
CA GLY E 271 -5.96 22.80 22.03
C GLY E 271 -7.12 22.20 21.23
N PHE E 272 -8.27 22.87 21.33
CA PHE E 272 -9.51 22.25 20.87
C PHE E 272 -9.65 22.19 19.36
N THR E 273 -9.01 23.10 18.61
CA THR E 273 -9.08 22.99 17.16
C THR E 273 -8.35 21.75 16.67
N ALA E 274 -7.11 21.55 17.11
CA ALA E 274 -6.35 20.36 16.74
C ALA E 274 -7.02 19.10 17.29
N PHE E 275 -7.51 19.18 18.52
CA PHE E 275 -8.23 18.05 19.14
C PHE E 275 -9.42 17.65 18.29
N THR E 276 -10.23 18.61 17.85
CA THR E 276 -11.40 18.27 17.04
C THR E 276 -10.97 17.58 15.74
N SER E 277 -9.94 18.12 15.07
CA SER E 277 -9.41 17.47 13.88
C SER E 277 -8.95 16.05 14.16
N LEU E 278 -8.23 15.85 15.28
CA LEU E 278 -7.70 14.52 15.56
C LEU E 278 -8.81 13.54 15.90
N SER E 279 -9.83 13.99 16.64
CA SER E 279 -10.95 13.11 16.95
C SER E 279 -11.63 12.64 15.68
N LYS E 280 -11.84 13.55 14.73
CA LYS E 280 -12.41 13.15 13.44
C LYS E 280 -11.50 12.18 12.71
N TRP E 281 -10.20 12.44 12.73
CA TRP E 281 -9.24 11.53 12.10
C TRP E 281 -9.30 10.14 12.72
N CYS E 282 -9.41 10.07 14.06
CA CYS E 282 -9.49 8.78 14.72
C CYS E 282 -10.76 8.02 14.34
N ARG E 283 -11.89 8.73 14.23
CA ARG E 283 -13.11 8.09 13.72
C ARG E 283 -12.89 7.56 12.32
N GLU E 284 -12.27 8.36 11.45
CA GLU E 284 -12.06 7.97 10.06
C GLU E 284 -11.05 6.85 9.90
N ASN E 285 -10.15 6.65 10.85
CA ASN E 285 -9.10 5.66 10.71
C ASN E 285 -9.18 4.53 11.72
N GLY E 286 -10.28 4.44 12.47
CA GLY E 286 -10.45 3.35 13.41
C GLY E 286 -9.40 3.30 14.50
N MET E 287 -8.96 4.46 14.97
CA MET E 287 -7.93 4.57 15.99
C MET E 287 -8.55 4.98 17.32
N LEU E 288 -8.27 4.22 18.37
CA LEU E 288 -8.70 4.62 19.70
C LEU E 288 -7.94 5.86 20.13
N LEU E 289 -8.64 6.78 20.80
CA LEU E 289 -8.06 8.07 21.19
C LEU E 289 -8.07 8.24 22.70
N HIS E 290 -6.88 8.22 23.29
CA HIS E 290 -6.71 8.47 24.71
C HIS E 290 -6.42 9.95 24.94
N LEU E 291 -7.22 10.58 25.81
CA LEU E 291 -7.09 12.01 26.10
C LEU E 291 -6.38 12.22 27.43
N HIS E 292 -5.25 12.89 27.38
CA HIS E 292 -4.55 13.35 28.57
C HIS E 292 -4.89 14.82 28.81
N ARG E 293 -5.20 15.17 30.05
CA ARG E 293 -5.71 16.50 30.38
C ARG E 293 -4.63 17.43 30.92
N ALA E 294 -3.38 17.23 30.49
CA ALA E 294 -2.30 18.14 30.85
C ALA E 294 -2.75 19.59 30.75
N MET E 295 -2.43 20.37 31.77
CA MET E 295 -2.70 21.79 31.96
C MET E 295 -4.07 22.04 32.60
N HIS E 296 -4.91 21.01 32.76
CA HIS E 296 -6.26 21.27 33.25
C HIS E 296 -6.26 21.96 34.63
N ALA E 297 -5.33 21.60 35.52
CA ALA E 297 -5.38 22.13 36.86
C ALA E 297 -4.96 23.60 36.93
N VAL E 298 -4.32 24.12 35.88
CA VAL E 298 -4.13 25.55 35.77
C VAL E 298 -5.48 26.26 35.78
N ILE E 299 -6.48 25.61 35.18
CA ILE E 299 -7.81 26.16 34.97
C ILE E 299 -8.78 25.78 36.09
N ASP E 300 -8.71 24.53 36.55
CA ASP E 300 -9.83 23.93 37.28
C ASP E 300 -9.54 23.57 38.73
N ARG E 301 -8.42 24.03 39.29
CA ARG E 301 -8.09 23.67 40.66
C ARG E 301 -8.83 24.53 41.69
N GLN E 302 -8.86 25.84 41.50
CA GLN E 302 -9.29 26.70 42.59
C GLN E 302 -10.82 26.86 42.60
N PRO E 303 -11.45 26.82 43.77
CA PRO E 303 -12.92 26.86 43.82
C PRO E 303 -13.53 28.24 43.60
N ASN E 304 -12.74 29.30 43.57
CA ASN E 304 -13.27 30.64 43.40
C ASN E 304 -13.18 31.16 41.97
N HIS E 305 -12.35 30.56 41.12
CA HIS E 305 -12.10 31.14 39.80
C HIS E 305 -11.62 30.05 38.84
N GLY E 306 -12.15 30.09 37.63
CA GLY E 306 -11.72 29.19 36.58
C GLY E 306 -12.89 28.45 35.95
N ILE E 307 -12.65 27.21 35.55
CA ILE E 307 -13.65 26.32 34.99
C ILE E 307 -13.53 24.99 35.70
N HIS E 308 -14.63 24.49 36.27
CA HIS E 308 -14.56 23.19 36.90
C HIS E 308 -14.37 22.09 35.86
N PHE E 309 -13.69 21.01 36.25
CA PHE E 309 -13.40 19.97 35.28
C PHE E 309 -14.66 19.36 34.70
N ARG E 310 -15.79 19.40 35.45
CA ARG E 310 -17.01 18.78 34.91
C ARG E 310 -17.47 19.47 33.63
N VAL E 311 -17.15 20.75 33.47
CA VAL E 311 -17.46 21.45 32.22
C VAL E 311 -16.52 21.00 31.12
N LEU E 312 -15.23 20.95 31.41
CA LEU E 312 -14.27 20.41 30.45
C LEU E 312 -14.66 19.01 30.02
N ALA E 313 -15.14 18.20 30.97
CA ALA E 313 -15.53 16.83 30.66
C ALA E 313 -16.64 16.81 29.61
N LYS E 314 -17.64 17.68 29.74
CA LYS E 314 -18.70 17.71 28.72
C LYS E 314 -18.14 18.12 27.37
N TRP E 315 -17.29 19.15 27.34
CA TRP E 315 -16.75 19.61 26.07
C TRP E 315 -15.92 18.53 25.38
N LEU E 316 -15.12 17.78 26.15
CA LEU E 316 -14.26 16.78 25.51
C LEU E 316 -15.03 15.55 25.10
N ARG E 317 -16.12 15.22 25.79
CA ARG E 317 -16.97 14.12 25.33
C ARG E 317 -17.63 14.51 24.02
N MET E 318 -18.07 15.77 23.91
CA MET E 318 -18.70 16.25 22.68
C MET E 318 -17.74 16.17 21.50
N VAL E 319 -16.52 16.70 21.66
CA VAL E 319 -15.55 16.62 20.57
C VAL E 319 -15.19 15.16 20.32
N GLY E 320 -14.98 14.41 21.39
CA GLY E 320 -14.82 12.99 21.31
C GLY E 320 -13.44 12.48 21.69
N GLY E 321 -13.40 11.67 22.73
CA GLY E 321 -12.26 10.81 22.99
C GLY E 321 -12.79 9.47 23.46
N ASP E 322 -11.91 8.47 23.42
CA ASP E 322 -12.29 7.15 23.91
C ASP E 322 -11.88 6.92 25.36
N HIS E 323 -10.81 7.56 25.82
CA HIS E 323 -10.42 7.60 27.23
C HIS E 323 -10.25 9.06 27.66
N ILE E 324 -10.47 9.35 28.94
CA ILE E 324 -10.09 10.63 29.52
C ILE E 324 -9.68 10.44 30.98
N HIS E 325 -8.55 11.06 31.36
CA HIS E 325 -8.14 11.06 32.76
C HIS E 325 -9.16 11.83 33.60
N THR E 326 -9.55 11.23 34.71
CA THR E 326 -10.56 11.79 35.59
C THR E 326 -10.09 11.94 37.04
N GLY E 327 -8.85 11.60 37.34
CA GLY E 327 -8.37 11.59 38.70
C GLY E 327 -8.56 10.22 39.36
N THR E 328 -7.94 10.08 40.53
CA THR E 328 -7.96 8.85 41.30
C THR E 328 -8.73 8.97 42.62
N VAL E 329 -8.92 10.20 43.11
CA VAL E 329 -9.38 10.48 44.46
C VAL E 329 -8.31 10.16 45.49
N VAL E 330 -7.74 8.95 45.45
CA VAL E 330 -6.86 8.49 46.53
C VAL E 330 -5.38 8.63 46.21
N GLY E 331 -5.02 9.06 45.00
CA GLY E 331 -3.64 9.13 44.58
C GLY E 331 -2.99 10.48 44.85
N LYS E 332 -1.91 10.77 44.10
CA LYS E 332 -1.06 11.90 44.41
C LYS E 332 -1.64 13.23 43.95
N LEU E 333 -2.57 13.23 43.01
CA LEU E 333 -3.19 14.44 42.51
C LEU E 333 -4.59 14.60 43.09
N GLU E 334 -5.01 15.84 43.25
CA GLU E 334 -6.26 16.11 43.95
C GLU E 334 -7.44 15.73 43.08
N GLY E 335 -8.48 15.21 43.73
CA GLY E 335 -9.72 14.86 43.06
C GLY E 335 -10.82 14.65 44.10
N ASP E 336 -11.67 15.64 44.27
CA ASP E 336 -12.73 15.56 45.27
C ASP E 336 -13.69 14.43 44.93
N ARG E 337 -13.90 13.54 45.90
CA ARG E 337 -14.65 12.32 45.64
C ARG E 337 -16.04 12.62 45.07
N ALA E 338 -16.79 13.49 45.75
CA ALA E 338 -18.17 13.75 45.35
C ALA E 338 -18.26 14.30 43.93
N SER E 339 -17.46 15.33 43.63
CA SER E 339 -17.48 15.89 42.28
C SER E 339 -16.99 14.88 41.25
N THR E 340 -15.99 14.07 41.62
CA THR E 340 -15.45 13.10 40.67
C THR E 340 -16.50 12.06 40.29
N LEU E 341 -17.20 11.51 41.29
CA LEU E 341 -18.28 10.58 40.97
C LEU E 341 -19.32 11.23 40.07
N GLY E 342 -19.56 12.54 40.26
CA GLY E 342 -20.48 13.25 39.41
C GLY E 342 -20.04 13.31 37.96
N PHE E 343 -18.81 13.78 37.71
CA PHE E 343 -18.44 13.93 36.30
C PHE E 343 -18.01 12.62 35.65
N VAL E 344 -17.76 11.57 36.43
CA VAL E 344 -17.67 10.24 35.82
C VAL E 344 -19.01 9.84 35.23
N ASP E 345 -20.11 10.10 35.95
CA ASP E 345 -21.43 9.86 35.37
C ASP E 345 -21.66 10.72 34.14
N LEU E 346 -21.25 11.99 34.19
CA LEU E 346 -21.40 12.87 33.04
C LEU E 346 -20.65 12.34 31.82
N LEU E 347 -19.59 11.57 32.05
CA LEU E 347 -18.77 11.07 30.95
C LEU E 347 -19.25 9.75 30.39
N ARG E 348 -19.95 8.94 31.19
CA ARG E 348 -20.32 7.59 30.79
C ARG E 348 -21.80 7.39 30.51
N GLU E 349 -22.68 8.14 31.17
CA GLU E 349 -24.10 7.82 31.14
C GLU E 349 -24.80 8.60 30.03
N ASN E 350 -26.02 8.17 29.72
CA ASN E 350 -26.84 8.85 28.74
C ASN E 350 -27.74 9.92 29.36
N TYR E 351 -28.03 9.81 30.64
CA TYR E 351 -28.82 10.80 31.34
C TYR E 351 -28.29 10.95 32.76
N ILE E 352 -28.00 12.18 33.16
CA ILE E 352 -27.49 12.48 34.49
C ILE E 352 -28.40 13.50 35.16
N PRO E 353 -29.15 13.12 36.19
CA PRO E 353 -29.98 14.11 36.89
C PRO E 353 -29.14 15.10 37.69
N ALA E 354 -29.63 16.32 37.79
CA ALA E 354 -29.04 17.30 38.71
C ALA E 354 -28.89 16.71 40.11
N ASP E 355 -27.80 17.07 40.77
CA ASP E 355 -27.45 16.54 42.08
C ASP E 355 -26.45 17.49 42.73
N PRO E 356 -26.90 18.45 43.54
CA PRO E 356 -25.95 19.42 44.11
C PRO E 356 -24.90 18.77 45.01
N SER E 357 -25.18 17.59 45.56
CA SER E 357 -24.21 16.93 46.43
C SER E 357 -23.04 16.37 45.64
N ARG E 358 -23.13 16.34 44.31
CA ARG E 358 -22.03 15.95 43.45
C ARG E 358 -21.65 17.05 42.46
N GLY E 359 -22.11 18.28 42.71
CA GLY E 359 -21.76 19.40 41.86
C GLY E 359 -22.45 19.43 40.53
N ILE E 360 -23.52 18.65 40.35
CA ILE E 360 -24.22 18.57 39.08
C ILE E 360 -25.36 19.58 39.15
N TYR E 361 -25.19 20.71 38.46
CA TYR E 361 -26.16 21.81 38.55
C TYR E 361 -27.37 21.59 37.64
N PHE E 362 -27.20 20.83 36.56
CA PHE E 362 -28.22 20.70 35.53
C PHE E 362 -28.47 19.24 35.19
N ASP E 363 -29.73 18.90 34.87
CA ASP E 363 -30.00 17.65 34.17
C ASP E 363 -29.26 17.66 32.84
N GLN E 364 -28.57 16.56 32.52
CA GLN E 364 -27.83 16.48 31.26
C GLN E 364 -28.22 15.22 30.50
N ASP E 365 -28.74 15.41 29.29
CA ASP E 365 -29.05 14.34 28.35
CA ASP E 365 -29.06 14.34 28.35
C ASP E 365 -27.95 14.26 27.31
N TRP E 366 -27.61 13.04 26.90
CA TRP E 366 -26.53 12.88 25.92
C TRP E 366 -27.01 12.36 24.56
N ALA E 367 -28.31 12.09 24.40
CA ALA E 367 -28.88 11.73 23.11
C ALA E 367 -28.07 10.63 22.41
N SER E 368 -27.70 9.60 23.18
CA SER E 368 -27.05 8.39 22.70
C SER E 368 -25.62 8.59 22.27
N MET E 369 -25.02 9.73 22.55
CA MET E 369 -23.58 9.89 22.33
C MET E 369 -22.84 8.89 23.22
N PRO E 370 -21.90 8.10 22.67
CA PRO E 370 -21.22 7.08 23.48
C PRO E 370 -20.50 7.66 24.69
N GLY E 371 -20.27 6.79 25.68
CA GLY E 371 -19.52 7.17 26.85
C GLY E 371 -18.02 7.06 26.64
N VAL E 372 -17.29 7.74 27.52
CA VAL E 372 -15.82 7.80 27.49
C VAL E 372 -15.30 7.05 28.70
N PHE E 373 -14.26 6.22 28.49
CA PHE E 373 -13.60 5.54 29.60
C PHE E 373 -12.95 6.56 30.53
N PRO E 374 -13.34 6.64 31.80
CA PRO E 374 -12.52 7.37 32.77
C PRO E 374 -11.21 6.63 33.02
N VAL E 375 -10.16 7.41 33.24
CA VAL E 375 -8.82 6.90 33.49
C VAL E 375 -8.37 7.43 34.85
N ALA E 376 -8.12 6.51 35.77
CA ALA E 376 -7.61 6.83 37.10
C ALA E 376 -6.10 6.60 37.10
N SER E 377 -5.34 7.68 37.31
CA SER E 377 -3.89 7.62 37.12
C SER E 377 -3.20 8.61 38.04
N GLY E 378 -2.08 8.18 38.61
CA GLY E 378 -1.24 9.08 39.38
C GLY E 378 -1.07 8.72 40.84
N GLY E 379 0.07 8.13 41.18
CA GLY E 379 0.36 7.85 42.57
C GLY E 379 -0.49 6.77 43.20
N ILE E 380 -0.97 5.81 42.41
CA ILE E 380 -1.77 4.72 42.95
C ILE E 380 -0.96 3.43 42.88
N HIS E 381 -1.31 2.48 43.74
CA HIS E 381 -0.62 1.21 43.82
C HIS E 381 -1.60 0.15 44.29
N VAL E 382 -1.09 -1.08 44.47
CA VAL E 382 -1.97 -2.25 44.63
C VAL E 382 -2.94 -2.06 45.80
N TRP E 383 -2.51 -1.42 46.88
CA TRP E 383 -3.42 -1.30 48.03
C TRP E 383 -4.64 -0.45 47.70
N HIS E 384 -4.56 0.40 46.68
CA HIS E 384 -5.69 1.21 46.26
C HIS E 384 -6.70 0.42 45.43
N MET E 385 -6.39 -0.81 45.05
CA MET E 385 -7.22 -1.49 44.06
C MET E 385 -8.64 -1.72 44.58
N PRO E 386 -8.87 -2.11 45.83
CA PRO E 386 -10.26 -2.26 46.31
C PRO E 386 -11.08 -1.00 46.13
N GLU E 387 -10.55 0.16 46.54
CA GLU E 387 -11.36 1.37 46.45
C GLU E 387 -11.49 1.86 45.01
N LEU E 388 -10.44 1.72 44.19
CA LEU E 388 -10.55 2.11 42.79
C LEU E 388 -11.66 1.35 42.08
N VAL E 389 -11.72 0.04 42.28
CA VAL E 389 -12.80 -0.75 41.71
C VAL E 389 -14.15 -0.29 42.27
N THR E 390 -14.17 0.07 43.55
CA THR E 390 -15.41 0.55 44.18
C THR E 390 -15.84 1.89 43.61
N ILE E 391 -14.90 2.83 43.49
CA ILE E 391 -15.23 4.17 42.98
C ILE E 391 -15.74 4.10 41.55
N PHE E 392 -14.99 3.44 40.67
CA PHE E 392 -15.19 3.57 39.23
C PHE E 392 -15.93 2.40 38.60
N GLY E 393 -15.94 1.23 39.24
CA GLY E 393 -16.56 0.09 38.60
C GLY E 393 -15.72 -0.46 37.46
N ASP E 394 -16.38 -1.27 36.62
CA ASP E 394 -15.67 -1.98 35.56
C ASP E 394 -15.21 -1.07 34.42
N ASP E 395 -15.97 -0.03 34.10
CA ASP E 395 -15.70 0.77 32.91
C ASP E 395 -14.76 1.92 33.29
N ALA E 396 -13.50 1.55 33.47
CA ALA E 396 -12.45 2.50 33.81
C ALA E 396 -11.13 1.90 33.36
N VAL E 397 -10.14 2.77 33.13
CA VAL E 397 -8.75 2.36 32.95
C VAL E 397 -7.99 2.81 34.19
N LEU E 398 -7.30 1.88 34.82
CA LEU E 398 -6.50 2.13 36.02
C LEU E 398 -5.04 2.04 35.61
N GLN E 399 -4.30 3.13 35.82
CA GLN E 399 -2.93 3.23 35.30
C GLN E 399 -1.93 3.32 36.42
N PHE E 400 -0.88 2.50 36.33
CA PHE E 400 0.13 2.37 37.37
C PHE E 400 1.49 2.55 36.70
N GLY E 401 2.04 3.76 36.77
CA GLY E 401 3.36 4.02 36.23
C GLY E 401 4.43 3.67 37.24
N GLY E 402 4.66 4.57 38.20
CA GLY E 402 5.51 4.22 39.32
C GLY E 402 5.09 2.92 39.97
N GLY E 403 3.79 2.66 40.02
CA GLY E 403 3.26 1.45 40.64
C GLY E 403 3.52 0.18 39.86
N THR E 404 4.12 0.27 38.68
CA THR E 404 4.57 -0.89 37.92
C THR E 404 6.10 -0.90 37.84
N LEU E 405 6.69 0.15 37.28
CA LEU E 405 8.14 0.22 37.14
C LEU E 405 8.88 0.40 38.47
N GLY E 406 8.17 0.73 39.54
CA GLY E 406 8.75 0.79 40.86
C GLY E 406 8.67 -0.51 41.63
N HIS E 407 8.19 -1.57 41.01
CA HIS E 407 8.21 -2.88 41.66
C HIS E 407 9.66 -3.32 41.86
N PRO E 408 9.99 -3.90 43.02
CA PRO E 408 11.40 -4.24 43.28
C PRO E 408 11.99 -5.27 42.32
N TRP E 409 11.15 -6.05 41.62
CA TRP E 409 11.63 -7.06 40.69
C TRP E 409 11.55 -6.62 39.23
N GLY E 410 11.11 -5.39 38.97
CA GLY E 410 11.03 -4.88 37.61
C GLY E 410 9.61 -4.88 37.06
N ASN E 411 9.53 -4.57 35.76
CA ASN E 411 8.27 -4.19 35.15
C ASN E 411 7.33 -5.37 34.99
N ALA E 412 7.82 -6.53 34.53
CA ALA E 412 6.91 -7.64 34.28
C ALA E 412 6.29 -8.11 35.58
N ALA E 413 7.08 -8.17 36.66
CA ALA E 413 6.53 -8.52 37.97
C ALA E 413 5.56 -7.45 38.45
N GLY E 414 5.88 -6.17 38.20
CA GLY E 414 4.98 -5.10 38.61
C GLY E 414 3.66 -5.16 37.88
N ALA E 415 3.70 -5.47 36.58
CA ALA E 415 2.46 -5.63 35.81
C ALA E 415 1.64 -6.81 36.35
N THR E 416 2.30 -7.94 36.61
CA THR E 416 1.60 -9.10 37.13
C THR E 416 0.95 -8.79 38.47
N ALA E 417 1.67 -8.09 39.36
CA ALA E 417 1.09 -7.74 40.65
C ALA E 417 -0.20 -6.93 40.49
N ASN E 418 -0.18 -5.93 39.61
CA ASN E 418 -1.37 -5.10 39.42
C ASN E 418 -2.50 -5.90 38.77
N ARG E 419 -2.17 -6.73 37.79
CA ARG E 419 -3.22 -7.53 37.13
C ARG E 419 -3.84 -8.52 38.11
N VAL E 420 -3.02 -9.17 38.93
CA VAL E 420 -3.54 -10.11 39.92
C VAL E 420 -4.42 -9.39 40.93
N ALA E 421 -3.95 -8.25 41.43
CA ALA E 421 -4.73 -7.51 42.43
C ALA E 421 -6.10 -7.14 41.87
N LEU E 422 -6.13 -6.64 40.64
CA LEU E 422 -7.40 -6.27 40.02
C LEU E 422 -8.33 -7.47 39.89
N GLU E 423 -7.81 -8.57 39.35
CA GLU E 423 -8.67 -9.72 39.10
C GLU E 423 -9.17 -10.34 40.40
N ALA E 424 -8.33 -10.33 41.44
CA ALA E 424 -8.79 -10.88 42.72
C ALA E 424 -9.91 -10.01 43.30
N VAL E 425 -9.79 -8.69 43.17
CA VAL E 425 -10.81 -7.80 43.70
C VAL E 425 -12.11 -7.94 42.91
N VAL E 426 -12.01 -7.99 41.58
CA VAL E 426 -13.20 -8.15 40.75
C VAL E 426 -13.89 -9.48 41.07
N GLN E 427 -13.11 -10.56 41.14
CA GLN E 427 -13.69 -11.85 41.49
C GLN E 427 -14.43 -11.77 42.82
N ALA E 428 -13.80 -11.18 43.83
CA ALA E 428 -14.41 -11.11 45.16
C ALA E 428 -15.69 -10.29 45.12
N ARG E 429 -15.68 -9.17 44.40
CA ARG E 429 -16.88 -8.35 44.26
C ARG E 429 -18.01 -9.17 43.65
N ASN E 430 -17.73 -9.87 42.55
CA ASN E 430 -18.76 -10.65 41.87
C ASN E 430 -19.30 -11.75 42.77
N GLU E 431 -18.46 -12.30 43.65
CA GLU E 431 -18.92 -13.32 44.60
C GLU E 431 -19.77 -12.76 45.71
N GLY E 432 -19.90 -11.45 45.82
CA GLY E 432 -20.73 -10.83 46.85
C GLY E 432 -19.98 -10.28 48.04
N ARG E 433 -18.65 -10.29 48.01
CA ARG E 433 -17.89 -9.80 49.16
C ARG E 433 -17.86 -8.29 49.16
N ASP E 434 -17.79 -7.72 50.36
CA ASP E 434 -17.67 -6.27 50.55
C ASP E 434 -16.21 -5.90 50.32
N ILE E 435 -15.88 -5.42 49.12
CA ILE E 435 -14.47 -5.25 48.79
C ILE E 435 -13.85 -4.05 49.51
N LEU E 436 -14.67 -3.13 50.00
CA LEU E 436 -14.13 -2.03 50.81
C LEU E 436 -13.75 -2.52 52.20
N ALA E 437 -14.62 -3.30 52.84
CA ALA E 437 -14.33 -3.82 54.15
C ALA E 437 -13.33 -4.98 54.11
N GLU E 438 -13.37 -5.80 53.07
CA GLU E 438 -12.52 -6.97 52.96
CA GLU E 438 -12.50 -6.96 52.97
C GLU E 438 -11.35 -6.77 51.99
N GLY E 439 -11.15 -5.55 51.50
CA GLY E 439 -10.12 -5.31 50.48
C GLY E 439 -8.74 -5.80 50.89
N ARG E 440 -8.28 -5.41 52.07
CA ARG E 440 -6.95 -5.83 52.51
CA ARG E 440 -6.96 -5.84 52.53
C ARG E 440 -6.87 -7.35 52.62
N GLU E 441 -7.96 -8.00 53.09
CA GLU E 441 -7.96 -9.45 53.19
C GLU E 441 -7.92 -10.10 51.82
N ILE E 442 -8.64 -9.53 50.84
CA ILE E 442 -8.65 -10.07 49.49
C ILE E 442 -7.25 -9.99 48.89
N LEU E 443 -6.57 -8.88 49.08
CA LEU E 443 -5.21 -8.76 48.55
C LEU E 443 -4.28 -9.76 49.24
N LYS E 444 -4.43 -9.92 50.55
CA LYS E 444 -3.61 -10.89 51.28
C LYS E 444 -3.83 -12.30 50.75
N GLU E 445 -5.08 -12.66 50.46
CA GLU E 445 -5.37 -13.99 49.90
C GLU E 445 -4.66 -14.20 48.57
N ALA E 446 -4.71 -13.20 47.69
CA ALA E 446 -4.06 -13.35 46.39
C ALA E 446 -2.55 -13.40 46.52
N ALA E 447 -1.99 -12.66 47.47
CA ALA E 447 -0.54 -12.68 47.68
C ALA E 447 -0.05 -14.06 48.09
N ARG E 448 -0.93 -14.93 48.61
CA ARG E 448 -0.51 -16.27 49.00
C ARG E 448 0.03 -17.04 47.81
N TRP E 449 -0.60 -16.89 46.65
CA TRP E 449 -0.18 -17.61 45.46
C TRP E 449 0.48 -16.71 44.41
N SER E 450 0.53 -15.40 44.65
CA SER E 450 1.22 -14.47 43.74
C SER E 450 2.38 -13.80 44.45
N PRO E 451 3.61 -14.31 44.32
CA PRO E 451 4.75 -13.63 44.93
C PRO E 451 4.95 -12.21 44.39
N GLU E 452 4.60 -11.98 43.12
CA GLU E 452 4.71 -10.65 42.55
C GLU E 452 3.83 -9.67 43.32
N LEU E 453 2.56 -10.01 43.52
CA LEU E 453 1.68 -9.14 44.30
C LEU E 453 2.19 -9.01 45.74
N ARG E 454 2.70 -10.12 46.30
CA ARG E 454 3.20 -10.07 47.67
C ARG E 454 4.26 -9.01 47.83
N ALA E 455 5.18 -8.92 46.86
CA ALA E 455 6.28 -7.97 46.96
C ALA E 455 5.80 -6.54 46.73
N ALA E 456 4.83 -6.34 45.83
CA ALA E 456 4.28 -5.01 45.62
C ALA E 456 3.60 -4.50 46.89
N MET E 457 2.84 -5.37 47.57
CA MET E 457 2.19 -4.97 48.80
C MET E 457 3.21 -4.57 49.87
N GLU E 458 4.30 -5.33 49.99
CA GLU E 458 5.35 -4.98 50.92
C GLU E 458 5.97 -3.63 50.59
N THR E 459 6.13 -3.34 49.31
CA THR E 459 6.83 -2.13 48.88
C THR E 459 6.07 -0.87 49.29
N TRP E 460 4.74 -0.87 49.14
CA TRP E 460 3.95 0.35 49.30
C TRP E 460 2.96 0.28 50.45
N LYS E 461 3.10 -0.69 51.35
CA LYS E 461 2.24 -0.75 52.53
C LYS E 461 2.30 0.58 53.29
N ASP E 462 1.12 1.08 53.65
CA ASP E 462 0.96 2.32 54.40
C ASP E 462 1.40 3.56 53.63
N ILE E 463 1.62 3.47 52.33
CA ILE E 463 1.85 4.66 51.51
C ILE E 463 0.48 5.19 51.10
N LYS E 464 0.14 6.38 51.58
CA LYS E 464 -1.15 7.00 51.32
C LYS E 464 -0.94 8.47 50.99
N PHE E 465 -1.93 9.05 50.31
CA PHE E 465 -1.94 10.47 49.97
C PHE E 465 -3.23 11.05 50.54
N GLU E 466 -3.13 11.69 51.70
CA GLU E 466 -4.28 12.22 52.41
C GLU E 466 -3.97 13.65 52.85
N PHE E 467 -4.60 14.61 52.16
CA PHE E 467 -4.38 16.03 52.35
C PHE E 467 -5.74 16.72 52.41
N GLU E 468 -5.75 17.92 52.99
CA GLU E 468 -6.97 18.74 52.90
C GLU E 468 -7.23 19.11 51.45
N THR E 469 -8.48 18.95 51.02
CA THR E 469 -8.84 19.18 49.62
C THR E 469 -9.10 20.66 49.37
N VAL E 470 -8.47 21.22 48.34
CA VAL E 470 -8.64 22.62 48.01
C VAL E 470 -9.99 22.87 47.35
N ASP E 471 -10.36 22.02 46.39
CA ASP E 471 -11.56 22.22 45.58
C ASP E 471 -12.69 21.34 46.13
N THR E 472 -13.42 21.86 47.11
CA THR E 472 -14.53 21.15 47.71
C THR E 472 -15.84 21.86 47.42
N LEU E 473 -16.93 21.10 47.56
CA LEU E 473 -18.27 21.64 47.38
C LEU E 473 -18.70 22.43 48.61
N ASP E 474 -19.54 23.44 48.39
CA ASP E 474 -20.10 24.20 49.49
C ASP E 474 -20.79 23.27 50.48
N VAL E 475 -20.65 23.57 51.76
CA VAL E 475 -21.19 22.71 52.82
C VAL E 475 -22.68 22.98 53.01
N MET F 1 -0.67 -18.85 26.86
CA MET F 1 -1.95 -18.28 26.34
C MET F 1 -2.81 -17.80 27.51
N HIS F 2 -2.83 -16.49 27.73
CA HIS F 2 -3.77 -15.90 28.65
C HIS F 2 -5.07 -15.60 27.92
N THR F 3 -6.17 -15.62 28.69
CA THR F 3 -7.52 -15.61 28.13
C THR F 3 -8.36 -14.50 28.75
N GLU F 4 -7.73 -13.35 29.03
CA GLU F 4 -8.40 -12.17 29.55
C GLU F 4 -8.95 -12.41 30.96
N THR F 5 -10.17 -11.96 31.25
CA THR F 5 -10.58 -11.79 32.65
C THR F 5 -10.47 -13.10 33.44
N PHE F 6 -9.79 -13.02 34.58
CA PHE F 6 -9.50 -14.07 35.57
C PHE F 6 -8.38 -14.99 35.10
N SER F 7 -7.76 -14.74 33.95
CA SER F 7 -6.66 -15.58 33.46
C SER F 7 -5.44 -15.53 34.36
N TYR F 8 -5.28 -14.48 35.17
CA TYR F 8 -4.14 -14.40 36.09
C TYR F 8 -4.46 -14.94 37.47
N LEU F 9 -5.65 -15.47 37.68
CA LEU F 9 -6.00 -16.17 38.90
C LEU F 9 -5.81 -17.67 38.71
N PRO F 10 -5.65 -18.42 39.78
CA PRO F 10 -5.70 -19.88 39.67
C PRO F 10 -6.97 -20.30 38.95
N PRO F 11 -6.95 -21.43 38.24
CA PRO F 11 -8.17 -21.91 37.59
C PRO F 11 -9.32 -21.98 38.58
N LEU F 12 -10.50 -21.53 38.14
CA LEU F 12 -11.65 -21.49 39.03
C LEU F 12 -12.22 -22.88 39.25
N THR F 13 -12.61 -23.16 40.49
CA THR F 13 -13.35 -24.36 40.78
C THR F 13 -14.77 -24.23 40.22
N ASP F 14 -15.48 -25.37 40.17
CA ASP F 14 -16.86 -25.32 39.69
C ASP F 14 -17.71 -24.43 40.58
N GLU F 15 -17.45 -24.43 41.90
CA GLU F 15 -18.21 -23.55 42.79
C GLU F 15 -17.88 -22.09 42.50
N GLU F 16 -16.62 -21.79 42.19
CA GLU F 16 -16.24 -20.43 41.85
C GLU F 16 -16.87 -19.99 40.53
N ILE F 17 -16.89 -20.89 39.54
CA ILE F 17 -17.56 -20.59 38.28
C ILE F 17 -19.04 -20.31 38.54
N LYS F 18 -19.67 -21.14 39.36
CA LYS F 18 -21.10 -20.97 39.62
C LYS F 18 -21.38 -19.61 40.27
N LYS F 19 -20.51 -19.16 41.18
CA LYS F 19 -20.71 -17.86 41.79
C LYS F 19 -20.69 -16.74 40.75
N GLN F 20 -19.85 -16.88 39.72
CA GLN F 20 -19.83 -15.88 38.66
C GLN F 20 -21.13 -15.91 37.85
N VAL F 21 -21.66 -17.10 37.59
CA VAL F 21 -22.94 -17.20 36.91
C VAL F 21 -24.05 -16.57 37.75
N GLU F 22 -24.00 -16.78 39.07
CA GLU F 22 -25.00 -16.16 39.95
C GLU F 22 -24.91 -14.64 39.89
N TYR F 23 -23.70 -14.10 39.82
CA TYR F 23 -23.52 -12.67 39.65
C TYR F 23 -24.15 -12.17 38.36
N ILE F 24 -23.95 -12.90 37.26
CA ILE F 24 -24.59 -12.55 36.00
C ILE F 24 -26.11 -12.51 36.18
N LEU F 25 -26.67 -13.60 36.72
CA LEU F 25 -28.13 -13.70 36.79
C LEU F 25 -28.73 -12.69 37.75
N LYS F 26 -28.12 -12.47 38.91
CA LYS F 26 -28.74 -11.58 39.88
C LYS F 26 -28.75 -10.14 39.39
N ASN F 27 -27.86 -9.77 38.47
CA ASN F 27 -27.86 -8.44 37.88
C ASN F 27 -28.73 -8.36 36.63
N GLY F 28 -29.49 -9.41 36.32
CA GLY F 28 -30.40 -9.36 35.20
C GLY F 28 -29.77 -9.57 33.86
N TRP F 29 -28.54 -10.08 33.81
CA TRP F 29 -27.81 -10.28 32.57
C TRP F 29 -27.98 -11.72 32.09
N ILE F 30 -27.64 -11.93 30.82
CA ILE F 30 -27.91 -13.19 30.13
C ILE F 30 -26.63 -14.03 30.16
N PRO F 31 -26.66 -15.22 30.75
CA PRO F 31 -25.48 -16.08 30.69
C PRO F 31 -25.37 -16.79 29.35
N GLY F 32 -24.13 -17.06 28.96
CA GLY F 32 -23.86 -17.77 27.72
C GLY F 32 -22.59 -18.57 27.84
N ILE F 33 -22.36 -19.43 26.86
CA ILE F 33 -21.20 -20.32 26.82
C ILE F 33 -20.62 -20.26 25.41
N GLU F 34 -19.30 -20.08 25.32
CA GLU F 34 -18.58 -20.08 24.06
C GLU F 34 -17.36 -20.97 24.20
N TYR F 35 -16.86 -21.46 23.06
CA TYR F 35 -15.74 -22.38 23.08
C TYR F 35 -14.97 -22.30 21.78
N THR F 36 -13.69 -22.67 21.85
CA THR F 36 -12.86 -22.64 20.65
C THR F 36 -11.59 -23.45 20.89
N ASP F 37 -11.00 -23.89 19.78
CA ASP F 37 -9.63 -24.39 19.75
C ASP F 37 -8.66 -23.35 19.20
N GLU F 38 -9.12 -22.13 18.96
CA GLU F 38 -8.35 -21.06 18.34
C GLU F 38 -8.49 -19.80 19.21
N PRO F 39 -7.86 -19.80 20.40
CA PRO F 39 -8.13 -18.75 21.40
C PRO F 39 -7.36 -17.45 21.27
N GLY F 40 -6.49 -17.28 20.29
CA GLY F 40 -5.55 -16.18 20.29
C GLY F 40 -6.17 -14.82 20.05
N PRO F 41 -5.33 -13.79 20.02
CA PRO F 41 -5.81 -12.41 19.91
C PRO F 41 -6.40 -12.03 18.56
N HIS F 42 -6.40 -12.93 17.59
CA HIS F 42 -7.01 -12.64 16.30
C HIS F 42 -8.50 -12.98 16.27
N ASN F 43 -9.01 -13.75 17.24
CA ASN F 43 -10.32 -14.35 17.15
C ASN F 43 -11.32 -13.65 18.06
N SER F 44 -12.20 -12.84 17.45
CA SER F 44 -13.25 -12.16 18.19
C SER F 44 -14.49 -13.01 18.40
N TYR F 45 -14.63 -14.13 17.68
CA TYR F 45 -15.88 -14.88 17.61
C TYR F 45 -15.64 -16.35 17.94
N TRP F 46 -15.50 -16.66 19.23
CA TRP F 46 -15.52 -18.06 19.64
C TRP F 46 -16.86 -18.69 19.23
N SER F 47 -16.86 -20.02 19.14
CA SER F 47 -18.10 -20.71 18.79
C SER F 47 -19.13 -20.56 19.91
N PHE F 48 -20.38 -20.34 19.51
CA PHE F 48 -21.50 -20.37 20.44
C PHE F 48 -21.84 -21.82 20.81
N TRP F 49 -21.99 -22.07 22.09
CA TRP F 49 -22.64 -23.30 22.55
C TRP F 49 -24.12 -22.96 22.68
N LYS F 50 -24.91 -23.44 21.72
CA LYS F 50 -26.34 -23.11 21.64
C LYS F 50 -26.45 -21.61 21.40
N LEU F 51 -27.42 -20.93 21.98
CA LEU F 51 -27.54 -19.48 21.97
C LEU F 51 -27.35 -18.96 23.39
N PRO F 52 -27.12 -17.65 23.56
CA PRO F 52 -27.18 -17.08 24.91
C PRO F 52 -28.48 -17.49 25.58
N PHE F 53 -28.39 -17.86 26.85
CA PHE F 53 -29.52 -18.47 27.56
C PHE F 53 -30.46 -17.40 28.09
N PHE F 54 -31.18 -16.77 27.15
CA PHE F 54 -32.12 -15.71 27.50
C PHE F 54 -33.11 -16.16 28.56
N ASN F 55 -33.49 -17.44 28.55
CA ASN F 55 -34.53 -17.96 29.42
C ASN F 55 -33.99 -18.57 30.71
N ALA F 56 -32.68 -18.61 30.90
CA ALA F 56 -32.13 -19.27 32.08
C ALA F 56 -32.60 -18.57 33.35
N GLU F 57 -33.01 -19.36 34.34
CA GLU F 57 -33.44 -18.83 35.61
C GLU F 57 -32.51 -19.18 36.77
N THR F 58 -31.74 -20.26 36.66
CA THR F 58 -30.85 -20.68 37.75
C THR F 58 -29.44 -20.87 37.23
N ALA F 59 -28.48 -20.69 38.13
CA ALA F 59 -27.08 -20.94 37.77
C ALA F 59 -26.83 -22.41 37.49
N GLU F 60 -27.53 -23.32 38.16
CA GLU F 60 -27.27 -24.73 37.90
C GLU F 60 -27.69 -25.13 36.48
N GLU F 61 -28.71 -24.47 35.93
CA GLU F 61 -29.04 -24.70 34.52
C GLU F 61 -27.84 -24.40 33.63
N VAL F 62 -27.14 -23.29 33.90
CA VAL F 62 -25.97 -22.93 33.10
C VAL F 62 -24.82 -23.89 33.36
N MET F 63 -24.63 -24.29 34.62
CA MET F 63 -23.55 -25.21 34.93
C MET F 63 -23.74 -26.55 34.25
N GLU F 64 -24.99 -26.99 34.08
CA GLU F 64 -25.25 -28.24 33.35
C GLU F 64 -24.88 -28.09 31.89
N GLU F 65 -25.21 -26.96 31.27
CA GLU F 65 -24.81 -26.72 29.88
C GLU F 65 -23.28 -26.66 29.76
N LEU F 66 -22.61 -26.08 30.76
CA LEU F 66 -21.16 -26.02 30.73
C LEU F 66 -20.55 -27.41 30.72
N GLU F 67 -21.05 -28.29 31.60
CA GLU F 67 -20.56 -29.66 31.61
C GLU F 67 -20.82 -30.35 30.27
N ALA F 68 -22.01 -30.13 29.70
CA ALA F 68 -22.33 -30.72 28.41
C ALA F 68 -21.39 -30.20 27.32
N CYS F 69 -21.18 -28.89 27.27
CA CYS F 69 -20.22 -28.34 26.31
C CYS F 69 -18.85 -28.97 26.50
N ARG F 70 -18.41 -29.11 27.75
CA ARG F 70 -17.09 -29.69 28.02
C ARG F 70 -17.01 -31.13 27.53
N GLU F 71 -18.03 -31.94 27.84
CA GLU F 71 -17.98 -33.33 27.41
C GLU F 71 -17.96 -33.43 25.89
N ALA F 72 -18.65 -32.53 25.20
CA ALA F 72 -18.66 -32.56 23.75
C ALA F 72 -17.40 -31.99 23.12
N ASN F 73 -16.66 -31.15 23.85
CA ASN F 73 -15.52 -30.41 23.29
C ASN F 73 -14.37 -30.38 24.29
N PRO F 74 -13.88 -31.57 24.70
CA PRO F 74 -12.87 -31.60 25.76
C PRO F 74 -11.53 -31.02 25.37
N ASP F 75 -11.24 -30.85 24.08
CA ASP F 75 -9.99 -30.27 23.63
C ASP F 75 -10.12 -28.79 23.30
N CYS F 76 -11.18 -28.13 23.78
CA CYS F 76 -11.41 -26.72 23.54
C CYS F 76 -11.33 -25.91 24.82
N TYR F 77 -10.98 -24.64 24.67
CA TYR F 77 -11.22 -23.66 25.72
C TYR F 77 -12.70 -23.33 25.77
N ILE F 78 -13.24 -23.16 26.96
CA ILE F 78 -14.66 -22.89 27.16
C ILE F 78 -14.80 -21.72 28.12
N LYS F 79 -15.56 -20.70 27.70
CA LYS F 79 -15.76 -19.52 28.52
C LYS F 79 -17.23 -19.33 28.86
N ILE F 80 -17.45 -18.71 30.01
CA ILE F 80 -18.76 -18.24 30.43
C ILE F 80 -18.85 -16.77 30.07
N THR F 81 -19.99 -16.36 29.52
CA THR F 81 -20.23 -14.96 29.19
C THR F 81 -21.46 -14.46 29.93
N GLY F 82 -21.46 -13.16 30.20
CA GLY F 82 -22.65 -12.46 30.65
C GLY F 82 -22.92 -11.28 29.75
N TYR F 83 -24.19 -11.09 29.40
CA TYR F 83 -24.56 -10.16 28.34
C TYR F 83 -25.69 -9.23 28.77
N ASP F 84 -25.55 -7.94 28.44
CA ASP F 84 -26.55 -6.92 28.74
C ASP F 84 -27.06 -6.32 27.44
N ASN F 85 -28.35 -6.51 27.14
CA ASN F 85 -28.90 -5.94 25.92
C ASN F 85 -29.17 -4.44 26.02
N ILE F 86 -29.14 -3.87 27.22
CA ILE F 86 -29.38 -2.44 27.38
C ILE F 86 -28.16 -1.64 26.96
N ARG F 87 -26.99 -1.94 27.52
CA ARG F 87 -25.77 -1.37 26.99
C ARG F 87 -25.41 -1.98 25.64
N GLN F 88 -25.97 -3.15 25.34
CA GLN F 88 -25.66 -3.97 24.16
C GLN F 88 -24.16 -4.30 24.10
N GLY F 89 -23.77 -5.15 25.03
CA GLY F 89 -22.40 -5.62 25.09
C GLY F 89 -22.26 -6.63 26.21
N GLN F 90 -21.18 -7.40 26.14
CA GLN F 90 -20.89 -8.36 27.18
C GLN F 90 -20.35 -7.66 28.42
N VAL F 91 -20.86 -8.07 29.58
CA VAL F 91 -20.46 -7.48 30.85
C VAL F 91 -19.41 -8.33 31.55
N LEU F 92 -19.18 -9.56 31.10
CA LEU F 92 -18.22 -10.47 31.72
C LEU F 92 -17.96 -11.59 30.73
N SER F 93 -16.69 -11.95 30.59
CA SER F 93 -16.27 -13.09 29.79
C SER F 93 -15.04 -13.67 30.45
N PHE F 94 -15.08 -14.94 30.81
CA PHE F 94 -13.91 -15.57 31.42
C PHE F 94 -13.88 -17.04 31.05
N VAL F 95 -12.67 -17.60 31.03
CA VAL F 95 -12.50 -19.01 30.68
C VAL F 95 -12.80 -19.87 31.90
N ALA F 96 -13.73 -20.82 31.73
CA ALA F 96 -14.12 -21.74 32.79
C ALA F 96 -13.40 -23.07 32.71
N TYR F 97 -12.94 -23.46 31.52
CA TYR F 97 -12.28 -24.75 31.33
C TYR F 97 -11.22 -24.60 30.25
N ARG F 98 -10.05 -25.13 30.52
CA ARG F 98 -8.94 -25.18 29.58
C ARG F 98 -8.64 -26.64 29.23
N PRO F 99 -8.29 -26.94 27.98
CA PRO F 99 -8.05 -28.34 27.61
C PRO F 99 -6.73 -28.83 28.20
N HIS F 100 -6.55 -30.14 28.14
CA HIS F 100 -5.41 -30.77 28.81
C HIS F 100 -4.08 -30.20 28.32
N HIS F 101 -3.98 -29.91 27.03
CA HIS F 101 -2.73 -29.46 26.44
C HIS F 101 -2.39 -28.01 26.73
N HIS F 102 -3.23 -27.29 27.48
CA HIS F 102 -2.99 -25.88 27.76
C HIS F 102 -1.59 -25.62 28.29
N ALA G 10 26.33 64.79 1.36
CA ALA G 10 25.37 63.84 1.90
C ALA G 10 26.07 62.76 2.70
N TYR G 11 27.18 62.25 2.16
CA TYR G 11 27.97 61.22 2.82
C TYR G 11 29.35 61.24 2.17
N GLU G 12 30.25 60.36 2.65
CA GLU G 12 31.65 60.39 2.25
C GLU G 12 31.91 59.33 1.18
N ALA G 13 31.61 59.67 -0.07
CA ALA G 13 31.80 58.72 -1.16
C ALA G 13 33.28 58.48 -1.42
N GLY G 14 33.59 57.31 -1.96
CA GLY G 14 34.95 56.95 -2.34
C GLY G 14 35.45 55.73 -1.59
N VAL G 15 36.65 55.32 -1.95
CA VAL G 15 37.26 54.09 -1.43
C VAL G 15 37.93 54.35 -0.10
N LYS G 16 37.63 53.52 0.89
CA LYS G 16 38.33 53.49 2.17
C LYS G 16 39.07 52.17 2.29
N GLU G 17 40.01 52.10 3.24
CA GLU G 17 40.60 50.82 3.60
C GLU G 17 39.60 49.99 4.39
N TYR G 18 39.56 48.68 4.12
CA TYR G 18 38.67 47.81 4.87
C TYR G 18 38.96 47.83 6.37
N ARG G 19 40.23 47.96 6.76
CA ARG G 19 40.57 47.84 8.18
C ARG G 19 40.01 48.99 9.01
N GLN G 20 39.64 50.11 8.39
CA GLN G 20 39.05 51.21 9.14
C GLN G 20 37.73 50.78 9.79
N THR G 21 37.06 49.79 9.21
CA THR G 21 35.74 49.38 9.68
C THR G 21 35.69 47.94 10.18
N TYR G 22 36.52 47.05 9.65
CA TYR G 22 36.35 45.62 9.85
C TYR G 22 37.47 44.94 10.63
N TYR G 23 38.47 45.69 11.08
CA TYR G 23 39.51 45.18 11.98
C TYR G 23 39.26 45.76 13.36
N ASP G 24 38.99 44.89 14.33
CA ASP G 24 38.67 45.31 15.70
C ASP G 24 39.38 44.39 16.68
N PRO G 25 40.68 44.62 16.91
CA PRO G 25 41.44 43.74 17.81
C PRO G 25 41.01 43.82 19.27
N ASP G 26 40.12 44.73 19.64
CA ASP G 26 39.59 44.82 20.99
C ASP G 26 38.23 44.14 21.14
N TYR G 27 37.73 43.51 20.09
CA TYR G 27 36.40 42.90 20.13
C TYR G 27 36.45 41.60 20.91
N THR G 28 35.47 41.42 21.81
CA THR G 28 35.31 40.16 22.52
C THR G 28 34.15 39.39 21.92
N PRO G 29 34.37 38.22 21.32
CA PRO G 29 33.26 37.50 20.69
C PRO G 29 32.18 37.12 21.68
N LYS G 30 30.94 37.15 21.18
CA LYS G 30 29.78 36.70 21.93
C LYS G 30 29.61 35.20 21.77
N ASP G 31 28.97 34.57 22.75
CA ASP G 31 28.72 33.14 22.67
C ASP G 31 27.80 32.78 21.51
N THR G 32 27.08 33.74 20.93
CA THR G 32 26.25 33.46 19.77
C THR G 32 26.93 33.76 18.44
N ASP G 33 28.12 34.35 18.45
CA ASP G 33 28.84 34.63 17.22
C ASP G 33 29.29 33.34 16.55
N ILE G 34 29.20 33.30 15.23
CA ILE G 34 29.93 32.33 14.44
C ILE G 34 31.37 32.82 14.31
N LEU G 35 32.33 31.97 14.65
CA LEU G 35 33.73 32.33 14.53
C LEU G 35 34.38 31.54 13.41
N ALA G 36 35.34 32.17 12.73
CA ALA G 36 36.11 31.52 11.69
C ALA G 36 37.59 31.80 11.90
N ALA G 37 38.40 30.78 11.69
CA ALA G 37 39.86 30.90 11.67
C ALA G 37 40.34 30.67 10.25
N PHE G 38 40.93 31.71 9.65
CA PHE G 38 41.44 31.68 8.29
C PHE G 38 42.96 31.75 8.30
N ARG G 39 43.60 30.92 7.48
CA ARG G 39 45.02 31.08 7.16
C ARG G 39 45.13 31.98 5.93
N ILE G 40 45.65 33.18 6.10
CA ILE G 40 45.65 34.20 5.05
C ILE G 40 47.08 34.43 4.59
N THR G 41 47.26 34.44 3.26
CA THR G 41 48.53 34.81 2.64
C THR G 41 48.32 36.10 1.86
N PRO G 42 48.67 37.27 2.40
CA PRO G 42 48.44 38.52 1.67
C PRO G 42 49.42 38.66 0.51
N GLN G 43 48.99 39.44 -0.48
CA GLN G 43 49.93 39.93 -1.49
C GLN G 43 51.03 40.74 -0.80
N PRO G 44 52.24 40.75 -1.32
CA PRO G 44 53.25 41.67 -0.80
C PRO G 44 52.75 43.11 -0.88
N GLY G 45 53.00 43.86 0.18
CA GLY G 45 52.54 45.23 0.26
C GLY G 45 51.17 45.42 0.85
N VAL G 46 50.38 44.36 0.98
CA VAL G 46 49.08 44.43 1.63
C VAL G 46 49.29 44.10 3.12
N PRO G 47 49.07 45.03 4.04
CA PRO G 47 49.25 44.71 5.44
C PRO G 47 48.31 43.59 5.86
N PRO G 48 48.75 42.73 6.78
CA PRO G 48 47.88 41.61 7.20
C PRO G 48 46.55 42.09 7.75
N GLU G 49 46.54 43.20 8.49
CA GLU G 49 45.31 43.74 9.02
C GLU G 49 44.33 44.09 7.92
N GLU G 50 44.83 44.63 6.80
CA GLU G 50 43.97 44.99 5.69
C GLU G 50 43.47 43.75 4.96
N ALA G 51 44.35 42.76 4.75
CA ALA G 51 43.93 41.53 4.08
C ALA G 51 42.86 40.81 4.91
N ALA G 52 43.05 40.74 6.23
CA ALA G 52 42.07 40.12 7.09
C ALA G 52 40.77 40.92 7.12
N ALA G 53 40.88 42.25 7.15
CA ALA G 53 39.68 43.09 7.13
C ALA G 53 38.91 42.92 5.82
N ALA G 54 39.63 42.75 4.71
CA ALA G 54 38.95 42.53 3.43
C ALA G 54 38.14 41.25 3.47
N VAL G 55 38.70 40.19 4.04
CA VAL G 55 37.96 38.94 4.17
C VAL G 55 36.74 39.14 5.04
N ALA G 56 36.91 39.81 6.18
CA ALA G 56 35.78 40.07 7.07
C ALA G 56 34.71 40.89 6.38
N ALA G 57 35.11 41.95 5.69
CA ALA G 57 34.15 42.83 5.04
C ALA G 57 33.36 42.11 3.94
N GLU G 58 34.08 41.43 3.05
CA GLU G 58 33.44 40.89 1.86
C GLU G 58 32.78 39.53 2.12
N SER G 59 32.86 39.03 3.34
CA SER G 59 32.07 37.88 3.78
C SER G 59 30.93 38.29 4.71
N SER G 60 30.68 39.59 4.87
CA SER G 60 29.60 40.03 5.74
C SER G 60 28.80 41.18 5.14
N THR G 61 29.27 42.43 5.26
CA THR G 61 28.47 43.59 4.89
C THR G 61 29.11 44.55 3.89
N GLY G 62 30.41 44.42 3.60
CA GLY G 62 31.12 45.47 2.91
C GLY G 62 31.32 45.23 1.43
N THR G 63 31.62 46.31 0.71
CA THR G 63 32.14 46.18 -0.65
C THR G 63 33.33 47.13 -0.78
N TRP G 64 33.71 47.43 -2.02
CA TRP G 64 35.01 48.03 -2.32
C TRP G 64 35.03 49.55 -2.23
N THR G 65 33.87 50.18 -2.09
CA THR G 65 33.77 51.64 -2.01
C THR G 65 32.61 51.95 -1.06
N THR G 66 32.60 53.18 -0.54
CA THR G 66 31.61 53.53 0.47
C THR G 66 30.23 53.71 -0.16
N VAL G 67 29.20 53.13 0.46
CA VAL G 67 27.84 53.23 -0.04
C VAL G 67 26.97 53.93 0.99
N TRP G 68 26.14 54.87 0.53
CA TRP G 68 25.28 55.65 1.42
C TRP G 68 24.28 54.76 2.13
N SER G 69 23.89 53.66 1.50
CA SER G 69 22.86 52.78 2.05
C SER G 69 23.30 52.07 3.32
N ASP G 70 24.60 52.04 3.62
CA ASP G 70 25.04 51.63 4.94
C ASP G 70 24.27 52.37 6.03
N LEU G 71 23.97 53.64 5.81
CA LEU G 71 23.37 54.49 6.83
C LEU G 71 21.89 54.18 7.05
N LEU G 72 21.28 53.38 6.18
CA LEU G 72 19.93 52.89 6.42
C LEU G 72 19.89 51.84 7.52
N THR G 73 21.01 51.22 7.84
CA THR G 73 21.03 50.13 8.79
C THR G 73 22.08 50.41 9.86
N ASP G 74 22.20 49.46 10.79
CA ASP G 74 23.08 49.56 11.94
C ASP G 74 24.29 48.66 11.64
N LEU G 75 25.23 49.20 10.86
CA LEU G 75 26.33 48.37 10.39
C LEU G 75 27.15 47.82 11.55
N ASP G 76 27.26 48.57 12.64
CA ASP G 76 28.01 48.09 13.80
C ASP G 76 27.48 46.76 14.30
N ARG G 77 26.17 46.55 14.13
CA ARG G 77 25.52 45.35 14.63
C ARG G 77 25.67 44.16 13.69
N TYR G 78 25.86 44.42 12.40
CA TYR G 78 25.85 43.35 11.41
C TYR G 78 27.23 43.00 10.86
N LYS G 79 28.20 43.91 10.93
CA LYS G 79 29.48 43.64 10.30
C LYS G 79 30.20 42.50 10.99
N ALA G 80 30.90 41.68 10.21
CA ALA G 80 31.91 40.79 10.78
C ALA G 80 33.11 41.61 11.21
N ARG G 81 33.85 41.08 12.19
CA ARG G 81 35.01 41.76 12.74
C ARG G 81 36.16 40.77 12.85
N CYS G 82 37.29 41.10 12.24
CA CYS G 82 38.53 40.40 12.55
C CYS G 82 39.02 40.89 13.89
N TYR G 83 39.05 40.01 14.88
CA TYR G 83 39.35 40.41 16.26
C TYR G 83 40.71 39.91 16.74
N ARG G 84 41.42 39.11 15.94
CA ARG G 84 42.74 38.64 16.32
C ARG G 84 43.49 38.20 15.06
N ILE G 85 44.76 38.57 14.98
CA ILE G 85 45.66 38.12 13.93
C ILE G 85 46.94 37.61 14.58
N GLU G 86 47.34 36.40 14.21
CA GLU G 86 48.55 35.78 14.74
CA GLU G 86 48.56 35.79 14.73
C GLU G 86 49.52 35.46 13.60
N PRO G 87 50.81 35.67 13.78
CA PRO G 87 51.77 35.21 12.76
C PRO G 87 51.83 33.69 12.77
N VAL G 88 52.26 33.13 11.64
CA VAL G 88 52.52 31.71 11.53
C VAL G 88 54.03 31.51 11.67
N PRO G 89 54.50 30.85 12.73
CA PRO G 89 55.95 30.65 12.88
C PRO G 89 56.49 29.79 11.73
N GLY G 90 57.61 30.21 11.19
CA GLY G 90 58.21 29.47 10.10
C GLY G 90 57.61 29.72 8.74
N ASN G 91 56.62 30.61 8.63
CA ASN G 91 56.21 31.15 7.33
C ASN G 91 55.83 32.62 7.57
N ASP G 92 56.70 33.53 7.15
CA ASP G 92 56.54 34.93 7.47
C ASP G 92 55.54 35.67 6.56
N ASN G 93 54.87 34.97 5.64
CA ASN G 93 53.79 35.62 4.90
C ASN G 93 52.45 34.91 5.06
N GLN G 94 52.31 34.06 6.08
CA GLN G 94 51.01 33.54 6.47
C GLN G 94 50.62 34.08 7.85
N TYR G 95 49.32 34.24 8.04
CA TYR G 95 48.73 34.71 9.28
C TYR G 95 47.48 33.92 9.56
N ILE G 96 47.18 33.73 10.84
CA ILE G 96 45.88 33.18 11.25
C ILE G 96 45.02 34.36 11.67
N ALA G 97 43.94 34.58 10.95
CA ALA G 97 43.00 35.66 11.24
C ALA G 97 41.72 35.07 11.79
N TYR G 98 41.28 35.59 12.92
CA TYR G 98 40.05 35.18 13.58
C TYR G 98 38.98 36.21 13.30
N ILE G 99 37.82 35.76 12.82
CA ILE G 99 36.73 36.66 12.41
C ILE G 99 35.45 36.20 13.08
N ALA G 100 34.72 37.16 13.65
CA ALA G 100 33.46 36.90 14.34
C ALA G 100 32.30 37.43 13.51
N TYR G 101 31.27 36.59 13.33
CA TYR G 101 30.09 36.92 12.54
C TYR G 101 28.86 36.89 13.42
N PRO G 102 28.05 37.96 13.49
CA PRO G 102 26.84 37.92 14.30
C PRO G 102 25.89 36.81 13.85
N LEU G 103 25.18 36.24 14.82
CA LEU G 103 24.23 35.16 14.56
C LEU G 103 23.19 35.56 13.52
N ASP G 104 22.79 36.83 13.53
CA ASP G 104 21.76 37.37 12.65
C ASP G 104 22.11 37.32 11.17
N LEU G 105 23.37 37.12 10.83
CA LEU G 105 23.76 37.11 9.42
C LEU G 105 23.32 35.85 8.68
N PHE G 106 22.90 34.80 9.38
CA PHE G 106 22.78 33.48 8.78
C PHE G 106 21.35 32.99 8.74
N GLU G 107 20.98 32.39 7.62
CA GLU G 107 19.69 31.73 7.51
C GLU G 107 19.69 30.47 8.38
N GLU G 108 18.65 30.35 9.21
CA GLU G 108 18.48 29.19 10.06
C GLU G 108 18.47 27.90 9.27
N GLY G 109 19.20 26.91 9.76
CA GLY G 109 19.22 25.60 9.14
C GLY G 109 19.83 25.52 7.75
N SER G 110 20.61 26.51 7.33
CA SER G 110 21.15 26.57 5.97
C SER G 110 22.66 26.65 5.93
N ILE G 111 23.32 25.50 5.78
CA ILE G 111 24.74 25.51 5.48
C ILE G 111 24.99 26.19 4.15
N VAL G 112 24.05 26.06 3.21
CA VAL G 112 24.18 26.74 1.92
C VAL G 112 24.36 28.24 2.13
N ASN G 113 23.53 28.84 3.00
CA ASN G 113 23.71 30.27 3.28
C ASN G 113 25.02 30.54 4.01
N LEU G 114 25.36 29.71 4.99
CA LEU G 114 26.60 29.92 5.73
C LEU G 114 27.79 29.95 4.77
N MET G 115 27.83 28.99 3.84
CA MET G 115 28.94 28.92 2.88
C MET G 115 28.94 30.14 1.96
N SER G 116 27.76 30.61 1.57
CA SER G 116 27.68 31.74 0.64
CA SER G 116 27.70 31.73 0.64
C SER G 116 28.32 32.99 1.23
N SER G 117 28.30 33.12 2.55
CA SER G 117 29.01 34.21 3.21
C SER G 117 30.48 33.86 3.46
N ILE G 118 30.71 32.77 4.20
CA ILE G 118 32.05 32.54 4.75
C ILE G 118 33.05 32.20 3.64
N VAL G 119 32.63 31.44 2.63
CA VAL G 119 33.54 31.01 1.57
C VAL G 119 33.05 31.45 0.19
N GLY G 120 32.11 32.40 0.14
CA GLY G 120 31.49 32.76 -1.13
C GLY G 120 32.42 33.42 -2.14
N ASN G 121 32.98 34.57 -1.79
CA ASN G 121 33.83 35.33 -2.69
C ASN G 121 35.25 35.55 -2.19
N VAL G 122 35.50 35.40 -0.89
CA VAL G 122 36.74 35.92 -0.31
C VAL G 122 37.98 35.15 -0.72
N PHE G 123 37.85 33.96 -1.32
CA PHE G 123 39.02 33.21 -1.73
C PHE G 123 39.60 33.67 -3.07
N GLY G 124 38.91 34.59 -3.76
CA GLY G 124 39.31 35.02 -5.09
C GLY G 124 39.77 36.46 -5.20
N PHE G 125 39.98 37.15 -4.09
CA PHE G 125 40.39 38.56 -4.16
C PHE G 125 41.84 38.68 -4.59
N LYS G 126 42.11 39.69 -5.42
CA LYS G 126 43.46 39.92 -5.89
C LYS G 126 44.42 40.18 -4.75
N ALA G 127 43.96 40.88 -3.70
CA ALA G 127 44.84 41.28 -2.61
C ALA G 127 45.25 40.13 -1.71
N VAL G 128 44.62 38.97 -1.83
CA VAL G 128 44.92 37.80 -0.99
C VAL G 128 45.38 36.68 -1.91
N ARG G 129 46.63 36.25 -1.77
CA ARG G 129 47.18 35.24 -2.68
C ARG G 129 46.66 33.85 -2.39
N ALA G 130 46.35 33.55 -1.14
CA ALA G 130 45.90 32.22 -0.75
C ALA G 130 45.13 32.37 0.56
N LEU G 131 44.17 31.46 0.74
CA LEU G 131 43.26 31.53 1.88
C LEU G 131 42.79 30.11 2.19
N ARG G 132 42.94 29.70 3.45
CA ARG G 132 42.40 28.41 3.89
C ARG G 132 41.53 28.62 5.12
N LEU G 133 40.29 28.15 5.05
CA LEU G 133 39.42 28.12 6.22
C LEU G 133 39.79 26.89 7.04
N GLU G 134 40.37 27.11 8.23
CA GLU G 134 40.90 26.04 9.07
C GLU G 134 39.87 25.46 10.02
N ASP G 135 39.03 26.30 10.61
CA ASP G 135 38.08 25.86 11.63
C ASP G 135 37.00 26.92 11.77
N MET G 136 35.89 26.52 12.38
CA MET G 136 34.79 27.44 12.68
C MET G 136 34.24 27.07 14.05
N ARG G 137 33.81 28.08 14.81
CA ARG G 137 33.09 27.85 16.06
C ARG G 137 31.61 28.07 15.74
N ILE G 138 30.85 26.98 15.71
CA ILE G 138 29.41 27.05 15.47
C ILE G 138 28.73 27.14 16.84
N PRO G 139 28.05 28.23 17.15
CA PRO G 139 27.43 28.36 18.47
C PRO G 139 26.20 27.48 18.59
N VAL G 140 25.91 27.10 19.84
CA VAL G 140 24.76 26.23 20.10
C VAL G 140 23.47 26.84 19.55
N ALA G 141 23.32 28.16 19.66
CA ALA G 141 22.07 28.76 19.20
C ALA G 141 21.87 28.58 17.70
N TYR G 142 22.95 28.50 16.92
CA TYR G 142 22.78 28.20 15.49
C TYR G 142 22.60 26.69 15.27
N LEU G 143 23.32 25.87 16.02
CA LEU G 143 23.16 24.42 15.89
C LEU G 143 21.72 23.98 16.09
N LYS G 144 21.01 24.63 17.02
CA LYS G 144 19.64 24.21 17.29
C LYS G 144 18.70 24.46 16.12
N THR G 145 19.12 25.19 15.09
CA THR G 145 18.29 25.36 13.90
C THR G 145 18.48 24.24 12.88
N PHE G 146 19.33 23.26 13.17
CA PHE G 146 19.62 22.16 12.27
C PHE G 146 19.10 20.83 12.82
N GLN G 147 18.77 19.92 11.91
CA GLN G 147 18.29 18.59 12.31
C GLN G 147 19.39 17.77 12.98
N GLY G 148 20.60 17.81 12.44
CA GLY G 148 21.62 16.85 12.80
C GLY G 148 21.38 15.49 12.15
N PRO G 149 22.16 14.49 12.53
CA PRO G 149 22.06 13.17 11.92
C PRO G 149 20.63 12.65 11.91
N PRO G 150 20.20 12.01 10.83
CA PRO G 150 18.87 11.39 10.85
C PRO G 150 18.69 10.45 12.03
N HIS G 151 19.74 9.70 12.41
CA HIS G 151 19.66 8.78 13.53
C HIS G 151 20.84 8.94 14.48
N GLY G 152 22.07 8.81 13.98
CA GLY G 152 23.25 8.91 14.80
C GLY G 152 23.63 7.57 15.43
N ILE G 153 24.84 7.57 16.03
CA ILE G 153 25.51 6.32 16.37
C ILE G 153 24.65 5.43 17.26
N GLN G 154 24.14 5.99 18.36
CA GLN G 154 23.43 5.17 19.33
CA GLN G 154 23.42 5.17 19.33
C GLN G 154 22.15 4.59 18.73
N VAL G 155 21.37 5.41 18.03
CA VAL G 155 20.14 4.90 17.42
C VAL G 155 20.47 3.87 16.35
N GLU G 156 21.52 4.12 15.56
CA GLU G 156 21.86 3.18 14.51
C GLU G 156 22.25 1.82 15.10
N ARG G 157 23.09 1.81 16.15
CA ARG G 157 23.44 0.53 16.76
C ARG G 157 22.19 -0.19 17.26
N ASP G 158 21.24 0.56 17.82
CA ASP G 158 19.99 -0.05 18.26
C ASP G 158 19.15 -0.56 17.08
N ARG G 159 19.13 0.17 15.97
CA ARG G 159 18.38 -0.30 14.81
C ARG G 159 19.03 -1.51 14.16
N LEU G 160 20.34 -1.68 14.31
CA LEU G 160 21.04 -2.80 13.73
C LEU G 160 21.25 -3.96 14.71
N ASN G 161 21.06 -3.73 16.01
CA ASN G 161 21.29 -4.74 17.04
C ASN G 161 22.75 -5.23 17.01
N LYS G 162 23.67 -4.27 16.91
CA LYS G 162 25.09 -4.55 16.83
C LYS G 162 25.83 -3.73 17.88
N TYR G 163 26.54 -4.41 18.79
CA TYR G 163 27.22 -3.75 19.89
C TYR G 163 28.56 -4.42 20.16
N GLY G 164 29.58 -3.61 20.39
CA GLY G 164 30.83 -4.11 20.92
C GLY G 164 31.97 -4.26 19.93
N ARG G 165 31.81 -3.80 18.69
CA ARG G 165 32.89 -3.86 17.71
C ARG G 165 32.63 -2.83 16.63
N PRO G 166 33.67 -2.41 15.92
CA PRO G 166 33.46 -1.67 14.68
C PRO G 166 32.60 -2.47 13.70
N LEU G 167 31.87 -1.75 12.85
CA LEU G 167 31.11 -2.37 11.78
C LEU G 167 32.02 -2.53 10.56
N LEU G 168 31.67 -3.49 9.69
CA LEU G 168 32.48 -3.84 8.55
C LEU G 168 31.71 -3.64 7.26
N GLY G 169 32.30 -2.91 6.33
CA GLY G 169 31.72 -2.68 5.02
C GLY G 169 32.67 -3.01 3.89
N CYS G 170 32.29 -2.64 2.66
CA CYS G 170 32.99 -3.09 1.47
C CYS G 170 32.42 -2.44 0.22
N THR G 171 33.25 -1.73 -0.55
CA THR G 171 32.83 -1.21 -1.85
C THR G 171 32.95 -2.30 -2.92
N ILE G 172 31.88 -2.51 -3.68
CA ILE G 172 31.91 -3.45 -4.79
C ILE G 172 32.86 -2.96 -5.87
N LYS G 173 33.59 -3.88 -6.49
CA LYS G 173 34.56 -3.62 -7.54
C LYS G 173 34.40 -4.65 -8.64
N PRO G 174 34.82 -4.33 -9.88
CA PRO G 174 35.35 -3.05 -10.40
C PRO G 174 34.41 -1.88 -10.16
N LYS G 175 34.95 -0.66 -10.11
CA LYS G 175 34.11 0.48 -9.77
C LYS G 175 32.91 0.56 -10.68
N LEU G 176 33.15 0.50 -11.98
CA LEU G 176 32.14 0.60 -13.03
C LEU G 176 32.23 -0.64 -13.90
N GLY G 177 31.14 -0.93 -14.61
CA GLY G 177 31.14 -1.96 -15.63
C GLY G 177 30.38 -3.22 -15.28
N LEU G 178 29.98 -3.42 -14.03
CA LEU G 178 29.23 -4.61 -13.65
C LEU G 178 27.74 -4.45 -13.94
N SER G 179 27.10 -5.56 -14.28
CA SER G 179 25.67 -5.61 -14.47
C SER G 179 24.95 -5.73 -13.15
N ALA G 180 23.63 -5.49 -13.18
CA ALA G 180 22.82 -5.54 -11.97
C ALA G 180 22.86 -6.93 -11.34
N LYS G 181 22.66 -7.97 -12.13
CA LYS G 181 22.66 -9.33 -11.60
C LYS G 181 24.02 -9.68 -11.00
N ASN G 182 25.11 -9.28 -11.65
CA ASN G 182 26.43 -9.53 -11.10
C ASN G 182 26.67 -8.72 -9.82
N TYR G 183 26.17 -7.49 -9.77
CA TYR G 183 26.26 -6.71 -8.54
C TYR G 183 25.59 -7.44 -7.39
N GLY G 184 24.40 -7.98 -7.63
CA GLY G 184 23.72 -8.73 -6.60
C GLY G 184 24.51 -9.96 -6.15
N ARG G 185 25.12 -10.68 -7.10
CA ARG G 185 25.91 -11.84 -6.75
C ARG G 185 27.07 -11.46 -5.84
N VAL G 186 27.85 -10.44 -6.22
CA VAL G 186 29.02 -10.12 -5.40
C VAL G 186 28.59 -9.59 -4.05
N VAL G 187 27.47 -8.87 -3.99
CA VAL G 187 26.94 -8.40 -2.72
C VAL G 187 26.55 -9.57 -1.83
N TYR G 188 25.80 -10.52 -2.39
CA TYR G 188 25.40 -11.70 -1.62
C TYR G 188 26.61 -12.41 -1.04
N GLU G 189 27.64 -12.63 -1.85
CA GLU G 189 28.81 -13.36 -1.36
C GLU G 189 29.52 -12.59 -0.26
N CYS G 190 29.64 -11.26 -0.42
CA CYS G 190 30.27 -10.43 0.59
C CYS G 190 29.51 -10.48 1.93
N LEU G 191 28.21 -10.22 1.89
CA LEU G 191 27.45 -10.13 3.12
C LEU G 191 27.33 -11.49 3.81
N ARG G 192 27.14 -12.55 3.03
CA ARG G 192 26.95 -13.87 3.64
C ARG G 192 28.22 -14.38 4.31
N GLY G 193 29.38 -13.81 3.97
CA GLY G 193 30.64 -14.19 4.56
C GLY G 193 31.02 -13.45 5.82
N GLY G 194 30.20 -12.50 6.28
CA GLY G 194 30.42 -11.89 7.58
C GLY G 194 30.50 -10.38 7.62
N LEU G 195 30.47 -9.71 6.48
CA LEU G 195 30.43 -8.25 6.48
C LEU G 195 29.04 -7.76 6.86
N ASP G 196 29.00 -6.64 7.59
CA ASP G 196 27.72 -6.02 7.92
C ASP G 196 27.13 -5.30 6.72
N PHE G 197 28.00 -4.68 5.92
CA PHE G 197 27.57 -3.78 4.86
C PHE G 197 28.34 -4.03 3.57
N THR G 198 27.69 -3.73 2.46
CA THR G 198 28.36 -3.51 1.19
C THR G 198 27.89 -2.15 0.66
N ASP G 200 27.40 0.55 -3.14
CA ASP G 200 27.68 1.06 -4.46
C ASP G 200 28.96 1.89 -4.38
N ASP G 201 29.79 1.84 -5.42
CA ASP G 201 30.86 2.82 -5.52
C ASP G 201 30.27 4.21 -5.69
N GLU G 202 31.04 5.25 -5.30
CA GLU G 202 30.49 6.59 -5.32
C GLU G 202 30.04 7.01 -6.72
N ASN G 203 30.67 6.47 -7.75
CA ASN G 203 30.35 6.82 -9.13
C ASN G 203 29.38 5.83 -9.78
N ILE G 204 28.89 4.86 -9.02
CA ILE G 204 27.81 3.99 -9.48
C ILE G 204 26.50 4.71 -9.19
N ASN G 205 25.84 5.21 -10.24
CA ASN G 205 24.56 5.89 -10.07
C ASN G 205 23.56 5.16 -10.98
N SER G 206 23.43 5.60 -12.23
CA SER G 206 22.68 4.83 -13.22
C SER G 206 23.35 5.04 -14.57
N GLN G 207 23.67 3.94 -15.26
CA GLN G 207 24.54 4.01 -16.43
C GLN G 207 24.14 2.93 -17.43
N PRO G 208 24.60 3.03 -18.68
CA PRO G 208 24.21 2.00 -19.67
C PRO G 208 24.54 0.57 -19.26
N PHE G 209 25.67 0.34 -18.58
CA PHE G 209 26.03 -1.02 -18.18
C PHE G 209 25.19 -1.55 -17.03
N MET G 210 24.50 -0.68 -16.31
CA MET G 210 23.67 -1.07 -15.18
C MET G 210 22.78 0.09 -14.78
N ARG G 211 21.47 -0.07 -15.01
CA ARG G 211 20.50 0.93 -14.62
C ARG G 211 20.11 0.73 -13.17
N TRP G 212 19.77 1.83 -12.50
CA TRP G 212 19.71 1.82 -11.05
C TRP G 212 18.59 0.95 -10.52
N ARG G 213 17.40 0.96 -11.15
CA ARG G 213 16.31 0.14 -10.61
CA ARG G 213 16.31 0.14 -10.61
C ARG G 213 16.65 -1.34 -10.70
N ASP G 214 17.27 -1.77 -11.80
CA ASP G 214 17.74 -3.15 -11.90
C ASP G 214 18.72 -3.46 -10.77
N ARG G 215 19.68 -2.56 -10.53
CA ARG G 215 20.66 -2.81 -9.48
C ARG G 215 19.98 -2.95 -8.13
N PHE G 216 19.09 -2.01 -7.81
CA PHE G 216 18.43 -2.03 -6.50
C PHE G 216 17.66 -3.34 -6.30
N LEU G 217 16.98 -3.80 -7.35
CA LEU G 217 16.22 -5.05 -7.27
C LEU G 217 17.11 -6.23 -6.95
N PHE G 218 18.17 -6.45 -7.73
CA PHE G 218 19.02 -7.61 -7.53
C PHE G 218 19.83 -7.49 -6.24
N VAL G 219 20.29 -6.28 -5.91
CA VAL G 219 21.05 -6.10 -4.68
C VAL G 219 20.19 -6.42 -3.46
N MET G 220 18.95 -5.95 -3.44
CA MET G 220 18.14 -6.18 -2.25
C MET G 220 17.71 -7.65 -2.14
N GLU G 221 17.53 -8.37 -3.25
CA GLU G 221 17.36 -9.81 -3.12
C GLU G 221 18.56 -10.42 -2.39
N ALA G 222 19.76 -9.95 -2.73
CA ALA G 222 20.98 -10.47 -2.13
C ALA G 222 21.08 -10.10 -0.65
N VAL G 223 20.70 -8.87 -0.30
CA VAL G 223 20.78 -8.42 1.08
C VAL G 223 19.86 -9.25 1.97
N HIS G 224 18.59 -9.38 1.57
CA HIS G 224 17.65 -10.15 2.38
C HIS G 224 18.07 -11.61 2.46
N LYS G 225 18.62 -12.15 1.37
CA LYS G 225 19.06 -13.53 1.36
C LYS G 225 20.21 -13.76 2.34
N ALA G 226 21.22 -12.88 2.32
CA ALA G 226 22.34 -13.02 3.23
C ALA G 226 21.90 -12.79 4.68
N GLU G 227 20.96 -11.88 4.92
CA GLU G 227 20.47 -11.65 6.27
C GLU G 227 19.78 -12.89 6.82
N ALA G 228 18.92 -13.52 6.02
CA ALA G 228 18.25 -14.73 6.47
C ALA G 228 19.23 -15.88 6.67
N GLU G 229 20.25 -15.96 5.81
CA GLU G 229 21.20 -17.08 5.86
C GLU G 229 22.13 -16.96 7.06
N THR G 230 22.57 -15.75 7.39
CA THR G 230 23.53 -15.57 8.49
C THR G 230 22.84 -15.36 9.83
N GLY G 231 21.64 -14.81 9.83
CA GLY G 231 20.97 -14.42 11.05
C GLY G 231 21.34 -13.05 11.57
N GLU G 232 22.21 -12.32 10.88
CA GLU G 232 22.65 -11.00 11.26
C GLU G 232 22.05 -9.95 10.34
N ARG G 233 21.70 -8.79 10.89
CA ARG G 233 21.16 -7.72 10.07
C ARG G 233 22.22 -7.17 9.13
N LYS G 234 21.81 -6.94 7.88
CA LYS G 234 22.71 -6.56 6.80
C LYS G 234 22.20 -5.28 6.14
N GLY G 235 23.10 -4.61 5.43
CA GLY G 235 22.71 -3.47 4.62
C GLY G 235 23.64 -3.29 3.44
N HIS G 236 23.09 -2.77 2.35
CA HIS G 236 23.87 -2.30 1.21
C HIS G 236 23.53 -0.83 1.02
N TYR G 237 24.55 0.05 1.04
CA TYR G 237 24.28 1.45 0.81
C TYR G 237 23.95 1.66 -0.66
N LEU G 238 22.66 1.67 -1.00
CA LEU G 238 22.22 1.99 -2.35
C LEU G 238 22.44 3.47 -2.62
N ASN G 239 23.14 3.76 -3.70
CA ASN G 239 23.52 5.14 -4.01
C ASN G 239 22.37 5.87 -4.69
N VAL G 240 21.90 6.95 -4.06
CA VAL G 240 20.85 7.78 -4.63
C VAL G 240 21.40 9.07 -5.22
N THR G 241 22.72 9.24 -5.25
CA THR G 241 23.33 10.35 -5.98
C THR G 241 22.76 10.39 -7.39
N ALA G 242 22.20 11.54 -7.79
CA ALA G 242 21.40 11.59 -9.00
C ALA G 242 21.44 13.00 -9.60
N PRO G 243 21.09 13.14 -10.88
CA PRO G 243 21.21 14.47 -11.52
C PRO G 243 20.26 15.51 -10.95
N THR G 244 19.06 15.12 -10.55
CA THR G 244 18.03 16.03 -10.08
C THR G 244 17.53 15.60 -8.72
N MET G 245 16.91 16.52 -8.00
CA MET G 245 16.30 16.15 -6.72
C MET G 245 15.19 15.13 -6.94
N GLU G 246 14.45 15.26 -8.04
CA GLU G 246 13.35 14.35 -8.33
C GLU G 246 13.86 12.92 -8.52
N GLU G 247 14.97 12.75 -9.26
CA GLU G 247 15.55 11.43 -9.40
C GLU G 247 16.09 10.91 -8.08
N MET G 248 16.71 11.79 -7.28
CA MET G 248 17.25 11.35 -6.00
C MET G 248 16.14 10.79 -5.11
N TYR G 249 14.99 11.49 -5.05
CA TYR G 249 13.87 11.00 -4.24
C TYR G 249 13.32 9.69 -4.79
N LYS G 250 13.21 9.57 -6.11
CA LYS G 250 12.73 8.31 -6.68
C LYS G 250 13.61 7.14 -6.25
N ARG G 251 14.93 7.36 -6.24
CA ARG G 251 15.84 6.29 -5.87
C ARG G 251 15.76 5.99 -4.38
N ALA G 252 15.70 7.02 -3.54
CA ALA G 252 15.51 6.82 -2.11
C ALA G 252 14.22 6.07 -1.82
N GLU G 253 13.13 6.46 -2.49
CA GLU G 253 11.83 5.81 -2.24
CA GLU G 253 11.83 5.81 -2.24
C GLU G 253 11.86 4.34 -2.65
N PHE G 254 12.53 4.01 -3.76
CA PHE G 254 12.57 2.61 -4.17
C PHE G 254 13.42 1.79 -3.19
N ALA G 255 14.52 2.36 -2.71
CA ALA G 255 15.32 1.68 -1.70
C ALA G 255 14.45 1.35 -0.47
N LYS G 256 13.61 2.28 -0.06
CA LYS G 256 12.70 2.02 1.06
C LYS G 256 11.68 0.96 0.70
N GLU G 257 11.10 1.06 -0.49
CA GLU G 257 10.08 0.09 -0.91
C GLU G 257 10.63 -1.33 -0.88
N LEU G 258 11.90 -1.51 -1.23
CA LEU G 258 12.53 -2.83 -1.26
C LEU G 258 13.02 -3.28 0.13
N GLY G 259 12.90 -2.44 1.15
CA GLY G 259 13.26 -2.81 2.49
C GLY G 259 14.69 -2.56 2.88
N SER G 260 15.42 -1.71 2.15
CA SER G 260 16.78 -1.40 2.57
C SER G 260 16.75 -0.57 3.85
N ARG G 261 17.64 -0.90 4.78
CA ARG G 261 17.80 -0.06 5.96
C ARG G 261 18.63 1.19 5.70
N ILE G 262 19.31 1.28 4.56
CA ILE G 262 20.36 2.27 4.39
C ILE G 262 20.49 2.66 2.93
N ILE G 263 20.86 3.93 2.71
CA ILE G 263 21.23 4.47 1.41
C ILE G 263 22.50 5.29 1.60
N MET G 264 23.13 5.64 0.48
CA MET G 264 24.25 6.58 0.50
C MET G 264 24.01 7.71 -0.49
N VAL G 265 24.69 8.82 -0.24
CA VAL G 265 24.74 9.93 -1.18
C VAL G 265 26.13 10.52 -1.16
N ASP G 266 26.56 11.01 -2.32
CA ASP G 266 27.79 11.79 -2.47
C ASP G 266 27.41 13.23 -2.13
N PHE G 267 27.58 13.63 -0.86
CA PHE G 267 26.92 14.86 -0.43
C PHE G 267 27.53 16.10 -1.04
N LEU G 268 28.83 16.07 -1.38
CA LEU G 268 29.45 17.25 -1.97
C LEU G 268 29.20 17.36 -3.46
N THR G 269 29.24 16.24 -4.20
CA THR G 269 28.95 16.33 -5.62
C THR G 269 27.48 16.60 -5.87
N ALA G 270 26.58 15.96 -5.10
CA ALA G 270 25.18 16.33 -5.19
C ALA G 270 24.96 17.75 -4.67
N GLY G 271 25.58 18.10 -3.55
CA GLY G 271 25.58 19.45 -3.03
C GLY G 271 24.67 19.61 -1.81
N PHE G 272 24.88 20.71 -1.08
CA PHE G 272 24.29 20.83 0.24
C PHE G 272 22.78 21.08 0.21
N THR G 273 22.23 21.67 -0.84
CA THR G 273 20.77 21.81 -0.90
C THR G 273 20.09 20.45 -1.02
N ALA G 274 20.52 19.63 -1.98
CA ALA G 274 19.95 18.28 -2.10
C ALA G 274 20.27 17.44 -0.87
N PHE G 275 21.48 17.57 -0.34
CA PHE G 275 21.87 16.84 0.86
C PHE G 275 20.94 17.17 2.02
N THR G 276 20.65 18.46 2.24
CA THR G 276 19.77 18.83 3.34
C THR G 276 18.38 18.22 3.14
N SER G 277 17.84 18.30 1.91
CA SER G 277 16.56 17.65 1.64
C SER G 277 16.62 16.15 1.93
N LEU G 278 17.71 15.49 1.51
CA LEU G 278 17.77 14.04 1.70
C LEU G 278 17.92 13.66 3.17
N SER G 279 18.68 14.43 3.94
CA SER G 279 18.80 14.17 5.36
C SER G 279 17.44 14.26 6.06
N LYS G 280 16.65 15.29 5.73
CA LYS G 280 15.30 15.37 6.28
C LYS G 280 14.45 14.17 5.84
N TRP G 281 14.55 13.79 4.56
CA TRP G 281 13.81 12.63 4.08
C TRP G 281 14.20 11.36 4.84
N CYS G 282 15.50 11.18 5.13
CA CYS G 282 15.93 9.99 5.86
C CYS G 282 15.38 9.99 7.28
N ARG G 283 15.33 11.16 7.93
CA ARG G 283 14.70 11.25 9.25
C ARG G 283 13.23 10.88 9.16
N GLU G 284 12.52 11.42 8.16
CA GLU G 284 11.09 11.18 8.05
C GLU G 284 10.75 9.76 7.63
N ASN G 285 11.70 9.03 7.05
CA ASN G 285 11.43 7.69 6.54
C ASN G 285 12.25 6.60 7.23
N GLY G 286 12.95 6.93 8.30
CA GLY G 286 13.66 5.91 9.07
C GLY G 286 14.76 5.23 8.29
N MET G 287 15.45 5.97 7.43
CA MET G 287 16.49 5.42 6.56
C MET G 287 17.86 5.89 7.05
N LEU G 288 18.76 4.95 7.27
CA LEU G 288 20.14 5.30 7.60
C LEU G 288 20.81 5.95 6.39
N LEU G 289 21.62 6.98 6.64
CA LEU G 289 22.20 7.78 5.57
C LEU G 289 23.72 7.73 5.65
N HIS G 290 24.33 7.07 4.67
CA HIS G 290 25.78 7.00 4.56
C HIS G 290 26.28 8.12 3.66
N LEU G 291 27.19 8.94 4.17
CA LEU G 291 27.72 10.08 3.43
C LEU G 291 29.08 9.74 2.83
N HIS G 292 29.17 9.80 1.51
CA HIS G 292 30.43 9.70 0.79
C HIS G 292 30.91 11.10 0.44
N ARG G 293 32.20 11.37 0.69
CA ARG G 293 32.74 12.72 0.57
C ARG G 293 33.46 12.94 -0.76
N ALA G 294 33.06 12.24 -1.82
CA ALA G 294 33.59 12.48 -3.16
C ALA G 294 33.71 13.96 -3.45
N MET G 295 34.88 14.35 -4.00
CA MET G 295 35.29 15.69 -4.38
C MET G 295 35.97 16.45 -3.23
N HIS G 296 35.96 15.94 -2.00
CA HIS G 296 36.45 16.73 -0.87
C HIS G 296 37.91 17.14 -1.07
N ALA G 297 38.74 16.25 -1.63
CA ALA G 297 40.17 16.56 -1.74
C ALA G 297 40.45 17.64 -2.77
N VAL G 298 39.50 17.93 -3.66
CA VAL G 298 39.64 19.11 -4.52
C VAL G 298 39.77 20.34 -3.65
N ILE G 299 39.04 20.37 -2.53
CA ILE G 299 38.89 21.51 -1.64
C ILE G 299 39.90 21.48 -0.49
N ASP G 300 40.20 20.30 0.04
CA ASP G 300 40.73 20.19 1.40
C ASP G 300 42.11 19.55 1.46
N ARG G 301 42.78 19.33 0.33
CA ARG G 301 44.07 18.64 0.35
C ARG G 301 45.22 19.59 0.69
N GLN G 302 45.23 20.79 0.12
CA GLN G 302 46.46 21.58 0.23
C GLN G 302 46.43 22.46 1.49
N PRO G 303 47.57 22.59 2.19
CA PRO G 303 47.57 23.31 3.47
C PRO G 303 47.58 24.82 3.33
N ASN G 304 47.78 25.37 2.13
CA ASN G 304 47.83 26.81 1.94
C ASN G 304 46.52 27.42 1.47
N HIS G 305 45.61 26.62 0.93
CA HIS G 305 44.42 27.17 0.30
C HIS G 305 43.31 26.14 0.30
N GLY G 306 42.11 26.58 0.64
CA GLY G 306 40.94 25.73 0.59
C GLY G 306 40.16 25.72 1.89
N ILE G 307 39.53 24.58 2.20
CA ILE G 307 38.79 24.38 3.44
C ILE G 307 39.26 23.05 4.02
N HIS G 308 39.76 23.06 5.26
CA HIS G 308 40.15 21.82 5.89
C HIS G 308 38.92 20.95 6.14
N PHE G 309 39.11 19.63 6.05
CA PHE G 309 37.99 18.71 6.21
C PHE G 309 37.29 18.87 7.56
N ARG G 310 38.03 19.32 8.60
CA ARG G 310 37.38 19.44 9.91
C ARG G 310 36.22 20.42 9.87
N VAL G 311 36.28 21.41 8.97
CA VAL G 311 35.17 22.33 8.79
C VAL G 311 34.02 21.64 8.07
N LEU G 312 34.34 20.92 6.98
CA LEU G 312 33.31 20.18 6.26
C LEU G 312 32.62 19.20 7.19
N ALA G 313 33.40 18.58 8.09
CA ALA G 313 32.85 17.62 9.05
C ALA G 313 31.79 18.25 9.94
N LYS G 314 32.03 19.47 10.41
CA LYS G 314 31.02 20.15 11.21
C LYS G 314 29.77 20.43 10.39
N TRP G 315 29.95 20.93 9.16
CA TRP G 315 28.79 21.25 8.33
C TRP G 315 27.95 20.02 8.04
N LEU G 316 28.59 18.87 7.78
CA LEU G 316 27.83 17.68 7.42
C LEU G 316 27.19 17.03 8.66
N ARG G 317 27.80 17.16 9.84
CA ARG G 317 27.10 16.70 11.04
C ARG G 317 25.85 17.54 11.29
N MET G 318 25.97 18.86 11.08
CA MET G 318 24.82 19.75 11.28
C MET G 318 23.66 19.38 10.35
N VAL G 319 23.94 19.25 9.05
CA VAL G 319 22.89 18.88 8.11
C VAL G 319 22.39 17.48 8.45
N GLY G 320 23.34 16.56 8.68
CA GLY G 320 23.03 15.26 9.22
C GLY G 320 23.33 14.12 8.29
N GLY G 321 24.21 13.24 8.75
CA GLY G 321 24.35 11.92 8.19
C GLY G 321 24.59 10.94 9.31
N ASP G 322 24.40 9.65 9.01
CA ASP G 322 24.62 8.61 10.00
C ASP G 322 26.03 8.02 9.90
N HIS G 323 26.63 8.02 8.71
CA HIS G 323 28.03 7.66 8.52
C HIS G 323 28.71 8.79 7.73
N ILE G 324 30.01 8.94 7.90
CA ILE G 324 30.82 9.82 7.04
C ILE G 324 32.23 9.24 6.91
N HIS G 325 32.73 9.21 5.67
CA HIS G 325 34.12 8.82 5.47
C HIS G 325 35.06 9.85 6.08
N THR G 326 36.07 9.36 6.80
CA THR G 326 37.01 10.19 7.56
C THR G 326 38.46 9.89 7.22
N GLY G 327 38.72 8.95 6.33
CA GLY G 327 40.07 8.51 6.07
C GLY G 327 40.48 7.32 6.91
N THR G 328 41.61 6.73 6.52
CA THR G 328 42.19 5.57 7.19
C THR G 328 43.48 5.87 7.93
N VAL G 329 44.15 6.97 7.58
CA VAL G 329 45.52 7.27 8.03
C VAL G 329 46.53 6.34 7.34
N VAL G 330 46.28 5.02 7.39
CA VAL G 330 47.27 4.06 6.93
C VAL G 330 47.02 3.52 5.52
N GLY G 331 45.91 3.90 4.89
CA GLY G 331 45.54 3.37 3.58
C GLY G 331 46.07 4.16 2.41
N LYS G 332 45.41 4.00 1.26
CA LYS G 332 45.91 4.54 0.00
C LYS G 332 45.65 6.04 -0.14
N LEU G 333 44.70 6.60 0.61
CA LEU G 333 44.41 8.03 0.53
C LEU G 333 44.99 8.75 1.74
N GLU G 334 45.39 9.99 1.52
CA GLU G 334 46.10 10.74 2.56
C GLU G 334 45.14 11.11 3.70
N GLY G 335 45.66 11.03 4.92
CA GLY G 335 44.91 11.41 6.10
C GLY G 335 45.86 11.62 7.26
N ASP G 336 46.14 12.88 7.58
CA ASP G 336 47.09 13.17 8.65
C ASP G 336 46.55 12.69 10.00
N ARG G 337 47.35 11.89 10.71
CA ARG G 337 46.87 11.24 11.93
C ARG G 337 46.35 12.26 12.95
N ALA G 338 47.14 13.30 13.24
CA ALA G 338 46.77 14.25 14.28
C ALA G 338 45.45 14.94 13.94
N SER G 339 45.33 15.47 12.72
CA SER G 339 44.10 16.16 12.35
C SER G 339 42.93 15.19 12.29
N THR G 340 43.18 13.96 11.82
CA THR G 340 42.11 12.98 11.71
C THR G 340 41.54 12.63 13.08
N LEU G 341 42.42 12.36 14.05
CA LEU G 341 41.95 12.09 15.41
C LEU G 341 41.12 13.28 15.91
N GLY G 342 41.52 14.50 15.57
CA GLY G 342 40.77 15.67 15.97
C GLY G 342 39.36 15.71 15.40
N PHE G 343 39.22 15.55 14.08
CA PHE G 343 37.87 15.72 13.54
C PHE G 343 37.03 14.45 13.72
N VAL G 344 37.62 13.31 14.04
CA VAL G 344 36.80 12.19 14.50
C VAL G 344 36.11 12.55 15.81
N ASP G 345 36.83 13.19 16.72
CA ASP G 345 36.20 13.71 17.93
C ASP G 345 35.11 14.73 17.59
N LEU G 346 35.38 15.64 16.66
CA LEU G 346 34.39 16.64 16.28
C LEU G 346 33.11 16.00 15.74
N LEU G 347 33.23 14.80 15.20
CA LEU G 347 32.08 14.12 14.59
C LEU G 347 31.31 13.25 15.56
N ARG G 348 31.95 12.75 16.62
CA ARG G 348 31.32 11.80 17.53
C ARG G 348 30.98 12.38 18.90
N GLU G 349 31.76 13.32 19.41
CA GLU G 349 31.64 13.74 20.80
C GLU G 349 30.65 14.90 20.96
N ASN G 350 30.24 15.14 22.20
CA ASN G 350 29.35 16.25 22.49
C ASN G 350 30.10 17.54 22.78
N TYR G 351 31.33 17.45 23.28
CA TYR G 351 32.13 18.63 23.56
C TYR G 351 33.57 18.33 23.22
N ILE G 352 34.19 19.20 22.43
CA ILE G 352 35.59 19.04 22.01
C ILE G 352 36.36 20.31 22.36
N PRO G 353 37.29 20.26 23.31
CA PRO G 353 38.08 21.46 23.61
C PRO G 353 39.11 21.75 22.55
N ALA G 354 39.44 23.03 22.41
CA ALA G 354 40.51 23.42 21.50
C ALA G 354 41.78 22.65 21.81
N ASP G 355 42.53 22.33 20.77
CA ASP G 355 43.73 21.50 20.88
C ASP G 355 44.58 21.74 19.63
N PRO G 356 45.51 22.70 19.66
CA PRO G 356 46.31 22.98 18.46
C PRO G 356 47.04 21.77 17.92
N SER G 357 47.45 20.84 18.78
CA SER G 357 48.18 19.66 18.32
C SER G 357 47.33 18.75 17.46
N ARG G 358 46.02 18.96 17.44
CA ARG G 358 45.12 18.20 16.57
C ARG G 358 44.37 19.09 15.61
N GLY G 359 44.80 20.34 15.44
CA GLY G 359 44.18 21.25 14.50
C GLY G 359 42.83 21.78 14.92
N ILE G 360 42.49 21.68 16.19
CA ILE G 360 41.21 22.14 16.72
C ILE G 360 41.42 23.55 17.27
N TYR G 361 40.95 24.55 16.52
CA TYR G 361 41.19 25.95 16.89
C TYR G 361 40.21 26.45 17.95
N PHE G 362 39.01 25.90 18.00
CA PHE G 362 37.94 26.40 18.84
C PHE G 362 37.36 25.27 19.69
N ASP G 363 36.98 25.59 20.92
CA ASP G 363 36.05 24.73 21.65
C ASP G 363 34.76 24.57 20.84
N GLN G 364 34.22 23.37 20.80
CA GLN G 364 32.99 23.11 20.06
C GLN G 364 32.02 22.28 20.91
N ASP G 365 30.85 22.85 21.19
CA ASP G 365 29.76 22.22 21.90
C ASP G 365 28.71 21.79 20.87
N TRP G 366 28.18 20.58 21.01
CA TRP G 366 27.19 20.08 20.03
C TRP G 366 25.78 20.04 20.60
N ALA G 367 25.60 20.42 21.87
CA ALA G 367 24.27 20.53 22.49
C ALA G 367 23.39 19.32 22.17
N SER G 368 23.96 18.13 22.37
CA SER G 368 23.28 16.84 22.31
C SER G 368 22.94 16.39 20.90
N MET G 369 23.39 17.10 19.88
CA MET G 369 23.24 16.59 18.51
C MET G 369 23.97 15.25 18.40
N PRO G 370 23.34 14.21 17.86
CA PRO G 370 23.98 12.89 17.85
C PRO G 370 25.29 12.88 17.07
N GLY G 371 26.11 11.88 17.38
CA GLY G 371 27.36 11.69 16.66
C GLY G 371 27.16 10.91 15.36
N VAL G 372 28.17 11.01 14.49
CA VAL G 372 28.19 10.35 13.18
C VAL G 372 29.26 9.27 13.21
N PHE G 373 28.93 8.09 12.66
CA PHE G 373 29.93 7.03 12.52
C PHE G 373 31.04 7.50 11.57
N PRO G 374 32.30 7.55 12.01
CA PRO G 374 33.39 7.67 11.04
C PRO G 374 33.55 6.38 10.25
N VAL G 375 33.94 6.53 8.99
CA VAL G 375 34.13 5.40 8.07
C VAL G 375 35.56 5.44 7.55
N ALA G 376 36.32 4.40 7.87
CA ALA G 376 37.69 4.25 7.39
C ALA G 376 37.65 3.33 6.18
N SER G 377 38.08 3.84 5.03
CA SER G 377 37.92 3.15 3.76
C SER G 377 39.03 3.58 2.81
N GLY G 378 39.58 2.61 2.08
CA GLY G 378 40.48 2.91 0.98
C GLY G 378 41.87 2.34 1.11
N GLY G 379 42.13 1.23 0.43
CA GLY G 379 43.46 0.63 0.46
C GLY G 379 43.86 -0.01 1.77
N ILE G 380 42.90 -0.53 2.54
CA ILE G 380 43.22 -1.20 3.80
C ILE G 380 42.94 -2.69 3.68
N HIS G 381 43.65 -3.47 4.49
CA HIS G 381 43.53 -4.92 4.48
C HIS G 381 43.79 -5.45 5.89
N VAL G 382 43.77 -6.78 6.02
CA VAL G 382 43.73 -7.41 7.34
C VAL G 382 44.88 -6.94 8.23
N TRP G 383 46.06 -6.74 7.65
CA TRP G 383 47.20 -6.37 8.50
C TRP G 383 47.01 -5.01 9.16
N HIS G 384 46.14 -4.16 8.60
CA HIS G 384 45.84 -2.86 9.19
C HIS G 384 44.86 -2.95 10.35
N MET G 385 44.24 -4.12 10.57
CA MET G 385 43.16 -4.17 11.54
C MET G 385 43.59 -3.77 12.94
N PRO G 386 44.75 -4.17 13.45
CA PRO G 386 45.11 -3.75 14.81
C PRO G 386 45.19 -2.24 14.95
N GLU G 387 45.81 -1.54 13.99
CA GLU G 387 45.92 -0.10 14.12
C GLU G 387 44.58 0.59 13.89
N LEU G 388 43.77 0.09 12.95
CA LEU G 388 42.48 0.71 12.71
C LEU G 388 41.62 0.67 13.98
N VAL G 389 41.61 -0.47 14.67
CA VAL G 389 40.86 -0.57 15.90
C VAL G 389 41.44 0.37 16.96
N THR G 390 42.76 0.50 16.97
CA THR G 390 43.40 1.41 17.93
C THR G 390 43.07 2.87 17.63
N ILE G 391 43.16 3.27 16.35
CA ILE G 391 42.91 4.65 15.97
C ILE G 391 41.47 5.05 16.29
N PHE G 392 40.51 4.25 15.83
CA PHE G 392 39.12 4.68 15.79
C PHE G 392 38.25 4.10 16.91
N GLY G 393 38.65 3.00 17.52
CA GLY G 393 37.81 2.42 18.55
C GLY G 393 36.58 1.74 17.94
N ASP G 394 35.62 1.44 18.82
CA ASP G 394 34.48 0.62 18.41
C ASP G 394 33.53 1.37 17.47
N ASP G 395 33.39 2.68 17.62
CA ASP G 395 32.36 3.41 16.89
C ASP G 395 32.94 3.91 15.57
N ALA G 396 33.07 2.97 14.64
CA ALA G 396 33.58 3.24 13.31
C ALA G 396 33.10 2.14 12.39
N VAL G 397 33.06 2.45 11.10
CA VAL G 397 32.82 1.48 10.05
C VAL G 397 34.13 1.33 9.28
N LEU G 398 34.65 0.11 9.21
CA LEU G 398 35.87 -0.19 8.48
C LEU G 398 35.48 -0.90 7.19
N GLN G 399 35.89 -0.35 6.05
CA GLN G 399 35.44 -0.84 4.74
C GLN G 399 36.59 -1.39 3.93
N PHE G 400 36.38 -2.59 3.39
CA PHE G 400 37.41 -3.34 2.67
C PHE G 400 36.79 -3.73 1.33
N GLY G 401 37.08 -2.95 0.28
CA GLY G 401 36.59 -3.26 -1.05
C GLY G 401 37.52 -4.22 -1.74
N GLY G 402 38.60 -3.69 -2.31
CA GLY G 402 39.68 -4.55 -2.76
C GLY G 402 40.11 -5.55 -1.71
N GLY G 403 40.08 -5.17 -0.43
CA GLY G 403 40.47 -6.05 0.65
C GLY G 403 39.50 -7.19 0.93
N THR G 404 38.36 -7.20 0.25
CA THR G 404 37.43 -8.32 0.30
C THR G 404 37.38 -9.03 -1.06
N LEU G 405 37.05 -8.30 -2.13
CA LEU G 405 36.94 -8.91 -3.45
C LEU G 405 38.28 -9.29 -4.04
N GLY G 406 39.39 -8.86 -3.44
CA GLY G 406 40.71 -9.27 -3.85
C GLY G 406 41.26 -10.46 -3.11
N HIS G 407 40.44 -11.11 -2.29
CA HIS G 407 40.85 -12.34 -1.63
C HIS G 407 41.00 -13.44 -2.67
N PRO G 408 42.04 -14.27 -2.57
CA PRO G 408 42.26 -15.28 -3.63
C PRO G 408 41.12 -16.29 -3.76
N TRP G 409 40.30 -16.48 -2.73
CA TRP G 409 39.23 -17.45 -2.76
C TRP G 409 37.86 -16.83 -3.02
N GLY G 410 37.79 -15.53 -3.25
CA GLY G 410 36.53 -14.87 -3.54
C GLY G 410 35.98 -14.11 -2.36
N ASN G 411 34.74 -13.60 -2.55
CA ASN G 411 34.21 -12.58 -1.65
C ASN G 411 33.83 -13.14 -0.30
N ALA G 412 33.20 -14.32 -0.26
CA ALA G 412 32.75 -14.84 1.03
C ALA G 412 33.94 -15.13 1.94
N ALA G 413 35.02 -15.69 1.37
CA ALA G 413 36.23 -15.91 2.13
C ALA G 413 36.88 -14.58 2.52
N GLY G 414 36.90 -13.61 1.61
CA GLY G 414 37.43 -12.30 1.96
C GLY G 414 36.68 -11.66 3.10
N ALA G 415 35.35 -11.76 3.08
CA ALA G 415 34.53 -11.22 4.16
C ALA G 415 34.86 -11.90 5.48
N THR G 416 34.93 -13.23 5.47
CA THR G 416 35.26 -13.98 6.67
C THR G 416 36.62 -13.57 7.21
N ALA G 417 37.61 -13.42 6.33
CA ALA G 417 38.95 -13.03 6.80
C ALA G 417 38.89 -11.70 7.53
N ASN G 418 38.17 -10.73 6.98
CA ASN G 418 38.09 -9.41 7.63
C ASN G 418 37.31 -9.49 8.94
N ARG G 419 36.21 -10.26 8.96
CA ARG G 419 35.43 -10.37 10.18
C ARG G 419 36.21 -11.10 11.27
N VAL G 420 36.95 -12.15 10.91
CA VAL G 420 37.78 -12.85 11.88
C VAL G 420 38.86 -11.93 12.42
N ALA G 421 39.57 -11.26 11.53
CA ALA G 421 40.64 -10.36 11.97
C ALA G 421 40.10 -9.33 12.96
N LEU G 422 38.95 -8.73 12.64
CA LEU G 422 38.39 -7.71 13.51
C LEU G 422 38.05 -8.28 14.89
N GLU G 423 37.33 -9.40 14.92
CA GLU G 423 36.88 -9.94 16.20
C GLU G 423 38.06 -10.44 17.03
N ALA G 424 39.08 -11.01 16.39
CA ALA G 424 40.26 -11.44 17.14
C ALA G 424 40.96 -10.25 17.78
N VAL G 425 41.05 -9.13 17.05
CA VAL G 425 41.68 -7.93 17.58
C VAL G 425 40.84 -7.33 18.71
N VAL G 426 39.52 -7.27 18.51
CA VAL G 426 38.64 -6.73 19.55
C VAL G 426 38.70 -7.58 20.80
N GLN G 427 38.63 -8.91 20.65
CA GLN G 427 38.74 -9.79 21.80
C GLN G 427 40.04 -9.54 22.56
N ALA G 428 41.16 -9.51 21.84
CA ALA G 428 42.46 -9.30 22.47
C ALA G 428 42.50 -7.98 23.22
N ARG G 429 42.01 -6.90 22.59
CA ARG G 429 41.97 -5.61 23.26
C ARG G 429 41.20 -5.71 24.57
N ASN G 430 40.00 -6.31 24.52
CA ASN G 430 39.17 -6.38 25.71
C ASN G 430 39.83 -7.22 26.81
N GLU G 431 40.64 -8.20 26.43
CA GLU G 431 41.35 -9.01 27.41
C GLU G 431 42.54 -8.29 28.02
N GLY G 432 42.88 -7.10 27.53
CA GLY G 432 43.98 -6.32 28.06
C GLY G 432 45.28 -6.38 27.31
N ARG G 433 45.29 -6.95 26.10
CA ARG G 433 46.51 -7.02 25.31
C ARG G 433 46.74 -5.71 24.56
N ASP G 434 48.03 -5.39 24.37
CA ASP G 434 48.45 -4.22 23.60
C ASP G 434 48.33 -4.58 22.12
N ILE G 435 47.20 -4.22 21.50
CA ILE G 435 46.92 -4.71 20.16
C ILE G 435 47.85 -4.09 19.12
N LEU G 436 48.44 -2.94 19.43
CA LEU G 436 49.42 -2.37 18.49
C LEU G 436 50.73 -3.12 18.56
N ALA G 437 51.19 -3.44 19.77
CA ALA G 437 52.44 -4.17 19.93
C ALA G 437 52.30 -5.62 19.47
N GLU G 438 51.17 -6.24 19.77
CA GLU G 438 50.96 -7.67 19.52
C GLU G 438 50.08 -7.93 18.29
N GLY G 439 49.77 -6.91 17.50
CA GLY G 439 48.81 -7.08 16.42
C GLY G 439 49.17 -8.18 15.46
N ARG G 440 50.44 -8.25 15.05
CA ARG G 440 50.84 -9.27 14.09
C ARG G 440 50.68 -10.67 14.69
N GLU G 441 51.03 -10.83 15.97
CA GLU G 441 50.89 -12.13 16.61
C GLU G 441 49.43 -12.49 16.85
N ILE G 442 48.58 -11.49 17.13
CA ILE G 442 47.15 -11.75 17.26
C ILE G 442 46.59 -12.28 15.94
N LEU G 443 46.98 -11.66 14.83
CA LEU G 443 46.52 -12.14 13.52
C LEU G 443 47.08 -13.52 13.22
N LYS G 444 48.35 -13.77 13.56
CA LYS G 444 48.91 -15.10 13.35
C LYS G 444 48.16 -16.14 14.15
N GLU G 445 47.75 -15.80 15.38
CA GLU G 445 46.98 -16.74 16.19
C GLU G 445 45.67 -17.08 15.51
N ALA G 446 44.96 -16.07 15.00
CA ALA G 446 43.68 -16.32 14.37
C ALA G 446 43.85 -17.11 13.08
N ALA G 447 44.93 -16.85 12.35
CA ALA G 447 45.17 -17.54 11.09
C ALA G 447 45.40 -19.04 11.30
N ARG G 448 45.77 -19.46 12.50
CA ARG G 448 45.98 -20.88 12.74
C ARG G 448 44.69 -21.66 12.62
N TRP G 449 43.56 -21.07 12.98
CA TRP G 449 42.27 -21.74 12.87
C TRP G 449 41.37 -21.16 11.78
N SER G 450 41.73 -20.02 11.19
CA SER G 450 40.95 -19.45 10.09
C SER G 450 41.76 -19.49 8.81
N PRO G 451 41.55 -20.49 7.93
CA PRO G 451 42.30 -20.50 6.67
C PRO G 451 42.00 -19.31 5.78
N GLU G 452 40.78 -18.75 5.88
CA GLU G 452 40.44 -17.55 5.12
C GLU G 452 41.34 -16.38 5.50
N LEU G 453 41.50 -16.14 6.80
CA LEU G 453 42.40 -15.08 7.24
C LEU G 453 43.84 -15.38 6.86
N ARG G 454 44.26 -16.63 7.02
CA ARG G 454 45.63 -17.01 6.67
C ARG G 454 45.95 -16.64 5.23
N ALA G 455 45.01 -16.90 4.32
CA ALA G 455 45.23 -16.59 2.90
C ALA G 455 45.21 -15.08 2.66
N ALA G 456 44.33 -14.36 3.35
CA ALA G 456 44.33 -12.89 3.21
C ALA G 456 45.67 -12.31 3.66
N MET G 457 46.19 -12.78 4.78
CA MET G 457 47.48 -12.29 5.27
C MET G 457 48.60 -12.60 4.28
N GLU G 458 48.59 -13.80 3.70
CA GLU G 458 49.60 -14.12 2.67
C GLU G 458 49.49 -13.18 1.48
N THR G 459 48.28 -12.78 1.12
CA THR G 459 48.08 -12.01 -0.10
C THR G 459 48.66 -10.61 0.03
N TRP G 460 48.49 -9.97 1.18
CA TRP G 460 48.83 -8.56 1.34
C TRP G 460 49.94 -8.33 2.34
N LYS G 461 50.70 -9.37 2.68
CA LYS G 461 51.87 -9.19 3.51
C LYS G 461 52.79 -8.17 2.84
N ASP G 462 53.31 -7.24 3.62
CA ASP G 462 54.26 -6.24 3.18
C ASP G 462 53.68 -5.21 2.22
N ILE G 463 52.36 -5.21 1.99
CA ILE G 463 51.73 -4.12 1.26
C ILE G 463 51.43 -2.98 2.23
N LYS G 464 52.07 -1.84 2.02
CA LYS G 464 51.92 -0.67 2.88
C LYS G 464 51.79 0.57 2.02
N PHE G 465 51.26 1.64 2.62
CA PHE G 465 51.11 2.94 1.96
C PHE G 465 51.71 3.99 2.89
N GLU G 466 52.97 4.37 2.62
CA GLU G 466 53.72 5.27 3.50
C GLU G 466 54.41 6.31 2.60
N PHE G 467 53.85 7.51 2.60
CA PHE G 467 54.33 8.62 1.81
C PHE G 467 54.43 9.86 2.68
N GLU G 468 55.24 10.83 2.25
CA GLU G 468 55.27 12.10 2.95
C GLU G 468 53.91 12.78 2.83
N THR G 469 53.42 13.28 3.95
CA THR G 469 52.08 13.86 4.00
C THR G 469 52.10 15.31 3.51
N VAL G 470 51.19 15.64 2.60
CA VAL G 470 51.12 17.00 2.06
C VAL G 470 50.48 17.95 3.06
N ASP G 471 49.39 17.52 3.68
CA ASP G 471 48.59 18.37 4.58
C ASP G 471 48.96 18.05 6.02
N THR G 472 49.98 18.73 6.53
CA THR G 472 50.43 18.53 7.90
C THR G 472 50.24 19.82 8.70
N LEU G 473 50.23 19.66 10.02
CA LEU G 473 50.09 20.81 10.91
C LEU G 473 51.42 21.54 11.03
N ASP G 474 51.35 22.84 11.34
CA ASP G 474 52.54 23.63 11.54
C ASP G 474 53.39 23.05 12.66
N VAL G 475 54.71 23.13 12.50
CA VAL G 475 55.64 22.58 13.48
C VAL G 475 55.63 23.42 14.74
N MET H 1 23.28 -19.74 12.07
CA MET H 1 22.87 -18.67 13.00
C MET H 1 24.11 -18.04 13.65
N HIS H 2 24.58 -16.95 13.06
CA HIS H 2 25.58 -16.11 13.70
C HIS H 2 24.91 -15.14 14.66
N THR H 3 25.65 -14.74 15.69
CA THR H 3 25.09 -14.03 16.83
C THR H 3 25.88 -12.76 17.12
N GLU H 4 26.31 -12.05 16.06
CA GLU H 4 26.97 -10.77 16.15
C GLU H 4 28.32 -10.92 16.87
N THR H 5 28.66 -10.02 17.79
CA THR H 5 30.06 -9.88 18.20
C THR H 5 30.64 -11.18 18.77
N PHE H 6 31.79 -11.58 18.22
CA PHE H 6 32.58 -12.76 18.56
C PHE H 6 32.00 -14.04 17.95
N SER H 7 30.94 -13.96 17.15
CA SER H 7 30.33 -15.15 16.57
C SER H 7 31.24 -15.83 15.55
N TYR H 8 32.22 -15.12 15.01
CA TYR H 8 33.14 -15.71 14.04
C TYR H 8 34.41 -16.24 14.68
N LEU H 9 34.53 -16.15 16.00
CA LEU H 9 35.59 -16.81 16.76
C LEU H 9 35.10 -18.15 17.28
N PRO H 10 36.01 -19.06 17.61
CA PRO H 10 35.60 -20.28 18.32
C PRO H 10 34.80 -19.93 19.56
N PRO H 11 33.89 -20.79 19.99
CA PRO H 11 33.12 -20.50 21.20
C PRO H 11 34.05 -20.17 22.36
N LEU H 12 33.66 -19.18 23.14
CA LEU H 12 34.51 -18.71 24.24
C LEU H 12 34.47 -19.67 25.41
N THR H 13 35.64 -19.93 25.98
CA THR H 13 35.71 -20.64 27.24
C THR H 13 35.16 -19.77 28.37
N ASP H 14 34.88 -20.41 29.51
CA ASP H 14 34.45 -19.66 30.68
C ASP H 14 35.48 -18.61 31.05
N GLU H 15 36.77 -18.94 30.93
CA GLU H 15 37.81 -17.96 31.27
C GLU H 15 37.78 -16.79 30.30
N GLU H 16 37.58 -17.05 29.01
CA GLU H 16 37.51 -15.97 28.03
C GLU H 16 36.26 -15.13 28.25
N ILE H 17 35.14 -15.76 28.58
CA ILE H 17 33.92 -15.02 28.92
C ILE H 17 34.18 -14.10 30.10
N LYS H 18 34.81 -14.64 31.16
CA LYS H 18 35.05 -13.85 32.36
C LYS H 18 35.92 -12.63 32.06
N LYS H 19 36.90 -12.77 31.17
CA LYS H 19 37.73 -11.64 30.79
C LYS H 19 36.89 -10.54 30.13
N GLN H 20 35.91 -10.93 29.31
CA GLN H 20 35.02 -9.92 28.73
C GLN H 20 34.20 -9.23 29.82
N VAL H 21 33.73 -10.00 30.81
CA VAL H 21 32.99 -9.40 31.92
C VAL H 21 33.88 -8.44 32.70
N GLU H 22 35.14 -8.82 32.94
CA GLU H 22 36.07 -7.94 33.64
C GLU H 22 36.28 -6.65 32.85
N TYR H 23 36.31 -6.76 31.52
CA TYR H 23 36.45 -5.57 30.68
C TYR H 23 35.26 -4.63 30.86
N ILE H 24 34.05 -5.20 30.89
CA ILE H 24 32.85 -4.40 31.14
C ILE H 24 32.96 -3.68 32.48
N LEU H 25 33.30 -4.42 33.54
CA LEU H 25 33.33 -3.83 34.88
C LEU H 25 34.46 -2.80 35.01
N LYS H 26 35.65 -3.11 34.49
CA LYS H 26 36.78 -2.19 34.67
C LYS H 26 36.56 -0.86 33.96
N ASN H 27 35.64 -0.80 33.01
CA ASN H 27 35.29 0.44 32.34
C ASN H 27 34.07 1.11 32.95
N GLY H 28 33.57 0.60 34.08
CA GLY H 28 32.45 1.22 34.75
C GLY H 28 31.10 0.95 34.10
N TRP H 29 31.00 -0.06 33.25
CA TRP H 29 29.75 -0.39 32.57
C TRP H 29 29.04 -1.49 33.35
N ILE H 30 27.76 -1.66 33.03
CA ILE H 30 26.86 -2.52 33.81
C ILE H 30 26.75 -3.86 33.07
N PRO H 31 27.15 -4.97 33.69
CA PRO H 31 26.96 -6.26 33.04
C PRO H 31 25.51 -6.72 33.12
N GLY H 32 25.11 -7.51 32.13
CA GLY H 32 23.77 -8.06 32.07
C GLY H 32 23.77 -9.39 31.36
N ILE H 33 22.68 -10.12 31.51
CA ILE H 33 22.50 -11.41 30.86
C ILE H 33 21.12 -11.45 30.19
N GLU H 34 21.09 -11.90 28.94
CA GLU H 34 19.86 -12.06 28.18
C GLU H 34 19.88 -13.45 27.54
N TYR H 35 18.69 -13.96 27.23
CA TYR H 35 18.58 -15.30 26.66
C TYR H 35 17.33 -15.39 25.79
N THR H 36 17.36 -16.32 24.84
CA THR H 36 16.22 -16.50 23.95
C THR H 36 16.33 -17.83 23.24
N ASP H 37 15.17 -18.35 22.82
CA ASP H 37 15.09 -19.43 21.83
C ASP H 37 14.77 -18.89 20.44
N GLU H 38 14.76 -17.57 20.26
CA GLU H 38 14.41 -16.91 19.01
C GLU H 38 15.54 -15.92 18.67
N PRO H 39 16.70 -16.42 18.24
CA PRO H 39 17.87 -15.54 18.10
C PRO H 39 17.96 -14.74 16.82
N GLY H 40 17.01 -14.87 15.90
CA GLY H 40 17.19 -14.36 14.56
C GLY H 40 17.17 -12.83 14.46
N PRO H 41 17.32 -12.34 13.23
CA PRO H 41 17.46 -10.89 13.01
C PRO H 41 16.18 -10.10 13.22
N HIS H 42 15.06 -10.76 13.49
CA HIS H 42 13.81 -10.06 13.75
C HIS H 42 13.69 -9.59 15.20
N ASN H 43 14.50 -10.13 16.11
CA ASN H 43 14.24 -10.04 17.55
C ASN H 43 15.22 -9.08 18.21
N SER H 44 14.73 -7.86 18.50
CA SER H 44 15.55 -6.86 19.18
C SER H 44 15.61 -7.08 20.69
N TYR H 45 14.71 -7.90 21.26
CA TYR H 45 14.47 -7.94 22.70
C TYR H 45 14.56 -9.37 23.21
N TRP H 46 15.77 -9.84 23.42
CA TRP H 46 15.94 -11.11 24.11
C TRP H 46 15.39 -11.00 25.54
N SER H 47 15.12 -12.15 26.14
CA SER H 47 14.62 -12.14 27.52
C SER H 47 15.70 -11.68 28.48
N PHE H 48 15.33 -10.79 29.40
CA PHE H 48 16.19 -10.44 30.52
C PHE H 48 16.29 -11.60 31.51
N TRP H 49 17.51 -11.93 31.90
CA TRP H 49 17.75 -12.75 33.10
C TRP H 49 17.89 -11.76 34.25
N LYS H 50 16.84 -11.64 35.07
CA LYS H 50 16.78 -10.67 36.14
C LYS H 50 16.82 -9.27 35.51
N LEU H 51 17.51 -8.31 36.11
CA LEU H 51 17.69 -6.98 35.52
C LEU H 51 19.18 -6.79 35.28
N PRO H 52 19.59 -5.79 34.52
CA PRO H 52 21.02 -5.48 34.42
C PRO H 52 21.60 -5.32 35.82
N PHE H 53 22.80 -5.84 36.01
CA PHE H 53 23.37 -5.98 37.36
C PHE H 53 24.06 -4.69 37.77
N PHE H 54 23.21 -3.68 38.04
CA PHE H 54 23.70 -2.37 38.43
C PHE H 54 24.63 -2.44 39.64
N ASN H 55 24.44 -3.40 40.52
CA ASN H 55 25.20 -3.49 41.76
C ASN H 55 26.40 -4.43 41.68
N ALA H 56 26.58 -5.13 40.57
CA ALA H 56 27.65 -6.11 40.49
C ALA H 56 29.00 -5.45 40.70
N GLU H 57 29.83 -6.06 41.55
CA GLU H 57 31.17 -5.56 41.81
C GLU H 57 32.28 -6.45 41.27
N THR H 58 31.99 -7.73 41.01
CA THR H 58 33.01 -8.68 40.58
C THR H 58 32.52 -9.45 39.38
N ALA H 59 33.47 -9.87 38.54
CA ALA H 59 33.12 -10.72 37.40
C ALA H 59 32.58 -12.06 37.86
N GLU H 60 33.02 -12.55 39.04
CA GLU H 60 32.55 -13.86 39.47
CA GLU H 60 32.56 -13.85 39.52
C GLU H 60 31.06 -13.83 39.80
N GLU H 61 30.56 -12.73 40.39
CA GLU H 61 29.13 -12.61 40.60
C GLU H 61 28.37 -12.85 39.30
N VAL H 62 28.89 -12.31 38.19
CA VAL H 62 28.19 -12.40 36.91
C VAL H 62 28.28 -13.81 36.36
N MET H 63 29.44 -14.45 36.50
CA MET H 63 29.60 -15.81 36.00
C MET H 63 28.67 -16.77 36.74
N GLU H 64 28.42 -16.51 38.03
CA GLU H 64 27.48 -17.34 38.77
C GLU H 64 26.06 -17.17 38.24
N GLU H 65 25.67 -15.93 37.92
CA GLU H 65 24.37 -15.71 37.30
C GLU H 65 24.30 -16.34 35.92
N LEU H 66 25.40 -16.29 35.17
CA LEU H 66 25.43 -16.94 33.86
C LEU H 66 25.16 -18.44 34.00
N GLU H 67 25.82 -19.09 34.97
CA GLU H 67 25.59 -20.52 35.17
C GLU H 67 24.15 -20.80 35.60
N ALA H 68 23.58 -19.93 36.44
CA ALA H 68 22.20 -20.14 36.86
C ALA H 68 21.24 -19.99 35.69
N CYS H 69 21.51 -19.04 34.79
CA CYS H 69 20.66 -18.87 33.62
C CYS H 69 20.75 -20.08 32.69
N ARG H 70 21.96 -20.59 32.48
CA ARG H 70 22.12 -21.78 31.64
C ARG H 70 21.38 -22.97 32.23
N GLU H 71 21.52 -23.18 33.54
CA GLU H 71 20.87 -24.34 34.16
C GLU H 71 19.36 -24.25 34.01
N ALA H 72 18.81 -23.04 34.10
CA ALA H 72 17.36 -22.86 33.98
C ALA H 72 16.88 -22.85 32.53
N ASN H 73 17.76 -22.53 31.58
CA ASN H 73 17.36 -22.38 30.18
C ASN H 73 18.41 -23.03 29.27
N PRO H 74 18.63 -24.34 29.42
CA PRO H 74 19.71 -24.99 28.66
C PRO H 74 19.44 -25.10 27.16
N ASP H 75 18.21 -24.90 26.71
CA ASP H 75 17.89 -24.95 25.30
C ASP H 75 17.87 -23.56 24.66
N CYS H 76 18.40 -22.55 25.35
CA CYS H 76 18.40 -21.17 24.87
C CYS H 76 19.82 -20.71 24.57
N TYR H 77 19.91 -19.72 23.68
CA TYR H 77 21.12 -18.91 23.56
C TYR H 77 21.18 -17.93 24.73
N ILE H 78 22.38 -17.70 25.25
CA ILE H 78 22.58 -16.79 26.37
C ILE H 78 23.69 -15.81 26.02
N LYS H 79 23.40 -14.52 26.11
CA LYS H 79 24.40 -13.49 25.83
C LYS H 79 24.75 -12.70 27.08
N ILE H 80 25.99 -12.22 27.10
CA ILE H 80 26.47 -11.25 28.08
C ILE H 80 26.37 -9.87 27.47
N THR H 81 25.89 -8.90 28.24
CA THR H 81 25.79 -7.53 27.79
C THR H 81 26.55 -6.60 28.73
N GLY H 82 27.04 -5.51 28.17
CA GLY H 82 27.64 -4.44 28.93
C GLY H 82 26.93 -3.15 28.56
N TYR H 83 26.54 -2.36 29.55
CA TYR H 83 25.66 -1.23 29.30
C TYR H 83 26.21 0.05 29.92
N ASP H 84 26.10 1.14 29.16
CA ASP H 84 26.56 2.46 29.59
C ASP H 84 25.38 3.41 29.62
N ASN H 85 25.02 3.90 30.80
CA ASN H 85 23.89 4.81 30.90
C ASN H 85 24.23 6.22 30.46
N ILE H 86 25.53 6.54 30.30
CA ILE H 86 25.91 7.88 29.88
C ILE H 86 25.66 8.08 28.40
N ARG H 87 26.19 7.18 27.56
CA ARG H 87 25.79 7.19 26.15
C ARG H 87 24.37 6.66 25.97
N GLN H 88 23.85 5.96 26.98
CA GLN H 88 22.56 5.25 26.94
C GLN H 88 22.50 4.28 25.76
N GLY H 89 23.27 3.22 25.91
CA GLY H 89 23.29 2.15 24.94
C GLY H 89 24.24 1.06 25.37
N GLN H 90 24.02 -0.13 24.81
CA GLN H 90 24.90 -1.25 25.09
C GLN H 90 26.25 -1.04 24.42
N VAL H 91 27.31 -1.32 25.18
CA VAL H 91 28.68 -1.16 24.70
C VAL H 91 29.27 -2.48 24.22
N LEU H 92 28.65 -3.60 24.57
CA LEU H 92 29.15 -4.91 24.20
C LEU H 92 27.99 -5.89 24.37
N SER H 93 27.87 -6.82 23.43
CA SER H 93 26.90 -7.89 23.52
C SER H 93 27.44 -9.08 22.74
N PHE H 94 27.54 -10.23 23.39
CA PHE H 94 28.07 -11.42 22.73
C PHE H 94 27.44 -12.65 23.35
N VAL H 95 27.34 -13.71 22.56
CA VAL H 95 26.76 -14.96 23.04
C VAL H 95 27.81 -15.74 23.79
N ALA H 96 27.47 -16.12 25.03
CA ALA H 96 28.34 -16.92 25.88
C ALA H 96 28.01 -18.40 25.84
N TYR H 97 26.76 -18.76 25.56
CA TYR H 97 26.32 -20.14 25.58
C TYR H 97 25.35 -20.36 24.43
N ARG H 98 25.57 -21.40 23.65
CA ARG H 98 24.64 -21.85 22.63
C ARG H 98 24.06 -23.20 23.01
N PRO H 99 22.78 -23.44 22.73
CA PRO H 99 22.19 -24.73 23.09
C PRO H 99 22.68 -25.84 22.16
N HIS H 100 22.42 -27.08 22.56
CA HIS H 100 22.99 -28.21 21.84
C HIS H 100 22.53 -28.26 20.39
N HIS H 101 21.30 -27.82 20.11
CA HIS H 101 20.77 -27.87 18.75
C HIS H 101 21.33 -26.78 17.84
N HIS H 102 22.33 -26.02 18.29
CA HIS H 102 22.91 -24.95 17.47
C HIS H 102 23.50 -25.52 16.19
#